data_7JGH
#
_entry.id   7JGH
#
_cell.length_a   1.00
_cell.length_b   1.00
_cell.length_c   1.00
_cell.angle_alpha   90.00
_cell.angle_beta   90.00
_cell.angle_gamma   90.00
#
_symmetry.space_group_name_H-M   'P 1'
#
loop_
_entity.id
_entity.type
_entity.pdbx_description
1 polymer 'Erythrocyte membrane protein 1'
2 branched 'beta-D-glucopyranuronic acid-(1-3)-2-acetamido-2-deoxy-4-O-sulfo-beta-D-galactopyranose-(1-4)-beta-D-glucopyranuronic acid-(1-3)-2-acetamido-2-deoxy-4-O-sulfo-beta-D-galactopyranose-(1-4)-beta-D-glucopyranuronic acid-(1-3)-2-acetamido-2-deoxy-4-O-sulfo-beta-D-galactopyranose-(1-4)-beta-D-glucopyranuronic acid-(1-3)-2-acetamido-2-deoxy-4-O-sulfo-beta-D-galactopyranose-(1-4)-beta-D-glucopyranuronic acid-(1-3)-2-acetamido-2-deoxy-4-O-sulfo-beta-D-galactopyranose-(1-4)-beta-D-glucopyranuronic acid'
3 non-polymer 2-acetamido-2-deoxy-4-O-sulfo-beta-D-galactopyranose
#
_entity_poly.entity_id   1
_entity_poly.type   'polypeptide(L)'
_entity_poly.pdbx_seq_one_letter_code
;TGMDKSSIANKIEAYLGAKSDDSKIDQSLKADPSEVQYYGSGGDGYYLRKNICKITVNHSDSGTNDPCDRIPPPYGDNDQ
WKCAIILSKVSEKPENVFVPPRRQRMCINNLEKLNVDKIRDKHAFLADVLLTARNEGERIVQNHPDTNSSNVCNALERSF
ADIADIIRGTDLWKGTNSNLEQNLKQMFAKIRENDKVLQDKYPKDQNYRKLREDWWNANRQKVWEVITCGARSNDLLIKR
GWRTSGKSNGDNKLELCRKCGHYEEKVPTKLDYVPQFLRWLTEWIEDFYREKQNLIDDMERHREECTSEDHKSKEGTSYC
STCKDKCKKYCECVKKWKSEWENQKNKYTELYQQNKNETSQKNTSRYDDYVKDFFKKLEANYSSLENYIKGDPYFAEYAT
KLSFILNSSDANNPSEKIQKNNDEVCNCNESGIASVEQEQISDPSSNKTCITHSSIKANKKKVCKHVKLGVRENDKDLRV
CVIEHTSLSGVENCCCQDFLRILQENCSDNKSGSSSNGSCNNKNQEACEKNLEKVLASLTNCYKCDKCKSEQSKKNNKNW
IWKKSSGKEGGLQKEYANTIGLPPRTQSLCLVVCLDEKGKKTQELKNIRTNSELLKEWIIAAFHEGKNLKPSHEKKNDDN
GKKLCKALEYSFADYGDLIKGTSIWDNEYTKDLELNLQKIFGKLFRKYIKKNNTAEQDTSYSSLDELRESWWNTNKKYIW
LAMKHGAGMNSTTCCGDGSVTGSGSSCDDIPTIDLIPQYLRFLQEWVEHFCKQRQEKVKPVIENCKSCKESGGTCNGECK
TECKNKCEVYKKFIEDCKGGDGTAGSSWVKRWDQIYKRYSKYIEDAKRNRKAGTKNCGPSSTTNAAENKCVQSDIDSFFK
HLIDIGLTTPSSYLSIVLDDNICGADKAPWTTYTTYTTTEKCNKETDKSKLQQCNTAVVVNVPSPLGNTPHGYKYACQCK
IPTNEETCDDRKEYMNQWSCGSARTMKRGYKNDNYELCKYNGVDVKPTTVRSNSSKLDDKDVTFFNLFEQWNKEIQYQIE
QYMTNTKISCNNEKNVLSRVSDEAAQPKFSDNERDRNSITHEDKNCKEKCKCYSLWIEKINDQWDKQKDNYNKFQRKQIY
DANKGSQNKKVVSLSNFLFFSCWEEYIQKYFNGDWSKIKNIGSDTFEFLIKKCGNDSGDGETIFSEKLNNAEKKCKENES
TNNKMKSSETSCDCSEPIYIRGCQPKIYDGKIFPGKGGEKQWICKDTIIHGDTNGACIPPRTQNLCVGELWDKRYGGRSN
IKNDTKESLKQKIKNAIQKETELLYEYHDKGTAIISRNPMKGQKEKEEKNNDSNGLPKGFCHAVQRSFIDYKNMILGTSV
NIYEYIGKLQEDIKKIIEKGTTKQNGKTVGSGAENVNAWWKGIEGEMWDAVRCAITKINKKQKKNGTFSIDECGIFPPTG
NDEDQSVSWFKEWSEQFCIERLQYEKNIRDACTNNGQGDKIQGDCKRKCEEYKKYISEKKQEWDKQKTKYENKYVGKSAS
DLLKENYPECISANFDFIFNDNIEYKTYYPYGDYSSICSCEQVKYYEYNNAEKKNNKSLCHEKGNDRTWSKKYIKKLENG
RTLEGVYVPPRRQQLCLYELFPIIIKNKNDITNAKKELLETLQIVAEREAYYLWKQYHAHNDTTYLAHKKACCAIRGSFY
DLEDIIKGNDLVHDEYTKYIDSKLNEIFDSSNKNDIETKRARTDWWENEAIAVPNITGANKSDPKTIRQLVWDAMQSGVR
KAIDEEKEKKKPNENFPPCMGVQHIGIAKPQFIRWLEEWTNEFCEKYTKYFEDMKSNCNLRKGADDCDDNSNIECKKACA
NYTNWLNPKRIEWNGMSNYYNKIYRKSNKESEDGKDYSMIMEPTVIDYLNKRCNGEINGNYICCSCKNIGENSTSGTVNK
KLQKKETQCEDNKGPLDLMNKVLNKMDPKYSEHKMKCTEVYLEHVEEQLKEIDNAIKDYKLYPLDRCFDDKSKMKVCDLI
GDAIGCKHKTKLDELDEWNDVDMRDPYNKYKGVLIPPRRRQLCFSRIVRGPANLRNLKEFKEEILKGAQSEGKFLGNYYN
EDKDKEKALEAMKNSFYDYEYIIKGSDMLTNIQFKDIKRKLDRLLEKETNNTEKVDDWWETNKKSIWNAMLCGYKKSGNK
IIDPSWCTIPTTETPPQFLRWIKEWGTNVCIQKEEHKEYVKSKCSNVTNLGAQESESKNCTSEIKKYQEWSRKRSIQWEA
ISEGYKKYKGMDEFKNTFKNIKEPDANEPNANEYLKKHCSKCPCGFNDMQEITKYTNIGNEAFKQIKEQVDIPAELEDVI
YRLKHHEYDKGNDYICNKYKNINVNMKKNNDDTWTDLVKNSSDINKGVLLPPRRKNLFLKIDESDICKYKRDPKLFKDFI
YSSAISEVERLKKVYGEAKTKVVHAMKYSFADIGSIIKGDDMMENNSSDKIGKILGDGVGQNEKRKKWWDMNKYHIWESM
LCGYKHAYGNISENDRKMLDIPNNDDEHQFLRWFQEWTENFCTKRNELYENMVTACNSAKCNTSNGSVDKKECTEACKNY
SNFILIKKKEYQSLNSQYDMNYKETKAEKKESPEYFKDKCNGECSCLSEYFKDETRWKNPYETLDDTEVKNNCMCKPPPP
ASNNGTKHHHHHH
;
_entity_poly.pdbx_strand_id   A
#
# COMPACT_ATOMS: atom_id res chain seq x y z
N SER A 34 19.34 -28.61 2.99
CA SER A 34 18.02 -29.06 2.58
C SER A 34 17.13 -27.86 2.28
N GLU A 35 16.49 -27.87 1.11
CA GLU A 35 15.61 -26.80 0.65
C GLU A 35 16.34 -25.46 0.57
N VAL A 36 17.64 -25.49 0.27
CA VAL A 36 18.42 -24.27 0.09
C VAL A 36 18.49 -23.80 -1.35
N GLN A 37 18.12 -24.66 -2.31
CA GLN A 37 18.14 -24.27 -3.72
C GLN A 37 17.12 -23.16 -3.97
N TYR A 38 17.51 -22.18 -4.79
CA TYR A 38 16.70 -21.02 -5.12
C TYR A 38 16.66 -20.85 -6.63
N TYR A 39 15.47 -20.52 -7.16
CA TYR A 39 15.23 -20.39 -8.59
C TYR A 39 15.56 -21.70 -9.31
N GLY A 40 14.83 -22.74 -8.93
CA GLY A 40 15.03 -24.05 -9.54
C GLY A 40 14.45 -24.14 -10.94
N SER A 41 14.75 -25.26 -11.59
CA SER A 41 14.26 -25.48 -12.95
C SER A 41 12.75 -25.67 -13.00
N GLY A 42 12.13 -26.04 -11.88
CA GLY A 42 10.67 -26.12 -11.86
C GLY A 42 10.00 -24.79 -12.11
N GLY A 43 10.60 -23.70 -11.63
CA GLY A 43 10.13 -22.34 -11.90
C GLY A 43 10.18 -21.42 -10.70
N ASP A 44 10.06 -21.98 -9.50
CA ASP A 44 10.02 -21.21 -8.26
C ASP A 44 10.96 -21.83 -7.23
N GLY A 45 11.47 -20.96 -6.35
CA GLY A 45 12.37 -21.40 -5.30
C GLY A 45 12.55 -20.30 -4.29
N TYR A 46 13.09 -20.69 -3.13
CA TYR A 46 13.36 -19.87 -1.95
C TYR A 46 12.09 -19.58 -1.14
N TYR A 47 10.90 -19.97 -1.62
CA TYR A 47 9.69 -19.81 -0.82
C TYR A 47 9.67 -20.75 0.38
N LEU A 48 10.40 -21.86 0.32
CA LEU A 48 10.44 -22.82 1.41
C LEU A 48 11.25 -22.25 2.58
N ARG A 49 11.38 -23.06 3.64
CA ARG A 49 11.91 -22.75 4.95
C ARG A 49 10.89 -22.00 5.83
N LYS A 50 9.74 -21.60 5.28
CA LYS A 50 8.61 -21.14 6.08
C LYS A 50 7.34 -21.45 5.30
N ASN A 51 6.35 -22.02 5.98
CA ASN A 51 5.17 -22.59 5.33
C ASN A 51 5.60 -23.62 4.29
N ILE A 52 6.26 -24.67 4.79
CA ILE A 52 7.03 -25.56 3.93
C ILE A 52 6.13 -26.38 3.03
N CYS A 53 4.98 -26.83 3.55
CA CYS A 53 4.09 -27.68 2.78
C CYS A 53 3.24 -26.90 1.77
N LYS A 54 3.39 -25.59 1.68
CA LYS A 54 2.77 -24.78 0.61
C LYS A 54 3.65 -24.82 -0.63
N ILE A 55 3.71 -26.01 -1.23
CA ILE A 55 4.57 -26.30 -2.38
C ILE A 55 3.67 -26.70 -3.56
N THR A 56 3.91 -26.06 -4.70
CA THR A 56 3.27 -26.40 -5.97
C THR A 56 4.23 -27.26 -6.79
N VAL A 57 3.74 -27.71 -7.96
CA VAL A 57 4.54 -28.57 -8.82
C VAL A 57 5.75 -27.84 -9.40
N ASN A 58 5.70 -26.51 -9.49
CA ASN A 58 6.78 -25.73 -10.09
C ASN A 58 7.84 -25.33 -9.06
N HIS A 59 8.38 -26.32 -8.34
CA HIS A 59 9.44 -26.08 -7.37
C HIS A 59 10.61 -27.04 -7.46
N SER A 60 10.47 -28.17 -8.16
CA SER A 60 11.55 -29.13 -8.31
C SER A 60 11.90 -29.28 -9.79
N ASP A 61 13.11 -29.77 -10.03
CA ASP A 61 13.61 -29.95 -11.40
C ASP A 61 13.19 -31.31 -11.95
N SER A 62 11.87 -31.53 -11.97
CA SER A 62 11.30 -32.78 -12.44
C SER A 62 11.11 -32.76 -13.95
N GLY A 63 11.22 -33.94 -14.56
CA GLY A 63 11.00 -34.04 -15.99
C GLY A 63 9.58 -33.72 -16.39
N THR A 64 8.61 -34.21 -15.61
CA THR A 64 7.20 -33.96 -15.86
C THR A 64 6.53 -33.51 -14.57
N ASN A 65 5.77 -32.43 -14.64
CA ASN A 65 5.08 -31.88 -13.47
C ASN A 65 3.75 -32.62 -13.27
N ASP A 66 3.85 -33.84 -12.78
CA ASP A 66 2.68 -34.65 -12.49
C ASP A 66 2.16 -34.33 -11.10
N PRO A 67 0.89 -33.95 -10.94
CA PRO A 67 0.35 -33.66 -9.61
C PRO A 67 0.04 -34.89 -8.77
N CYS A 68 0.25 -36.09 -9.31
CA CYS A 68 -0.03 -37.34 -8.60
C CYS A 68 -1.51 -37.46 -8.26
N ASP A 69 -2.33 -37.39 -9.31
CA ASP A 69 -3.78 -37.51 -9.17
C ASP A 69 -4.19 -38.97 -8.98
N VAL A 99 -1.77 -58.48 -2.23
CA VAL A 99 -3.02 -57.72 -2.17
C VAL A 99 -2.70 -56.24 -1.91
N PRO A 100 -2.08 -55.56 -2.87
CA PRO A 100 -1.70 -54.16 -2.67
C PRO A 100 -2.92 -53.26 -2.69
N PRO A 101 -3.26 -52.56 -1.60
CA PRO A 101 -4.43 -51.66 -1.65
C PRO A 101 -4.19 -50.34 -2.35
N ARG A 102 -2.95 -50.03 -2.75
CA ARG A 102 -2.58 -48.75 -3.36
C ARG A 102 -2.09 -48.93 -4.79
N ARG A 103 -2.62 -49.94 -5.48
CA ARG A 103 -2.13 -50.27 -6.82
C ARG A 103 -2.55 -49.23 -7.86
N GLN A 104 -3.72 -48.60 -7.68
CA GLN A 104 -4.29 -47.72 -8.68
C GLN A 104 -3.42 -46.51 -8.97
N ARG A 105 -3.25 -45.62 -7.99
CA ARG A 105 -2.37 -44.47 -8.14
C ARG A 105 -1.95 -44.00 -6.74
N MET A 106 -0.74 -44.35 -6.34
CA MET A 106 -0.17 -43.79 -5.10
C MET A 106 0.39 -42.41 -5.35
N CYS A 107 1.45 -42.32 -6.16
CA CYS A 107 1.99 -41.06 -6.65
C CYS A 107 3.02 -41.36 -7.73
N ILE A 108 2.94 -40.65 -8.86
CA ILE A 108 3.85 -40.84 -9.99
C ILE A 108 4.40 -39.45 -10.33
N ASN A 109 5.53 -39.10 -9.73
CA ASN A 109 6.28 -37.86 -10.02
C ASN A 109 7.75 -38.11 -10.26
N ASN A 110 8.36 -39.05 -9.55
CA ASN A 110 9.78 -39.33 -9.70
C ASN A 110 10.07 -39.99 -11.04
N VAL A 116 16.54 -36.84 -14.55
CA VAL A 116 17.61 -37.12 -13.61
C VAL A 116 18.87 -36.33 -13.98
N ASP A 117 19.10 -36.18 -15.28
CA ASP A 117 20.27 -35.44 -15.76
C ASP A 117 20.12 -33.93 -15.62
N LYS A 118 18.88 -33.42 -15.48
CA LYS A 118 18.65 -31.99 -15.32
C LYS A 118 18.83 -31.51 -13.89
N ILE A 119 18.69 -32.41 -12.90
CA ILE A 119 18.83 -32.00 -11.50
C ILE A 119 20.28 -31.63 -11.23
N ARG A 120 20.47 -30.51 -10.54
CA ARG A 120 21.80 -29.98 -10.24
C ARG A 120 22.38 -30.58 -8.96
N ASP A 121 21.63 -30.53 -7.87
CA ASP A 121 22.10 -30.98 -6.55
C ASP A 121 21.02 -31.82 -5.89
N LYS A 122 21.36 -32.36 -4.72
CA LYS A 122 20.43 -33.19 -3.96
C LYS A 122 19.23 -32.40 -3.42
N HIS A 123 19.35 -31.07 -3.31
CA HIS A 123 18.26 -30.29 -2.74
C HIS A 123 17.02 -30.32 -3.62
N ALA A 124 17.21 -30.29 -4.94
CA ALA A 124 16.07 -30.38 -5.86
C ALA A 124 15.39 -31.73 -5.76
N PHE A 125 16.16 -32.81 -5.64
CA PHE A 125 15.56 -34.13 -5.48
C PHE A 125 14.78 -34.25 -4.18
N LEU A 126 15.33 -33.67 -3.10
CA LEU A 126 14.60 -33.63 -1.84
C LEU A 126 13.31 -32.81 -1.98
N ALA A 127 13.38 -31.68 -2.70
CA ALA A 127 12.19 -30.88 -2.94
C ALA A 127 11.17 -31.65 -3.75
N ASP A 128 11.63 -32.45 -4.72
CA ASP A 128 10.70 -33.28 -5.50
C ASP A 128 10.01 -34.30 -4.61
N VAL A 129 10.76 -34.95 -3.72
CA VAL A 129 10.17 -35.92 -2.81
C VAL A 129 9.24 -35.23 -1.82
N LEU A 130 9.58 -34.01 -1.40
CA LEU A 130 8.68 -33.22 -0.57
C LEU A 130 7.38 -32.92 -1.31
N LEU A 131 7.49 -32.61 -2.61
CA LEU A 131 6.29 -32.35 -3.41
C LEU A 131 5.42 -33.60 -3.53
N THR A 132 6.05 -34.77 -3.73
CA THR A 132 5.30 -36.01 -3.86
C THR A 132 4.56 -36.34 -2.57
N ALA A 133 5.22 -36.17 -1.43
CA ALA A 133 4.58 -36.44 -0.14
C ALA A 133 3.42 -35.48 0.09
N ARG A 134 3.60 -34.20 -0.25
CA ARG A 134 2.54 -33.21 -0.06
C ARG A 134 1.34 -33.52 -0.96
N ASN A 135 1.60 -33.91 -2.21
CA ASN A 135 0.50 -34.25 -3.11
C ASN A 135 -0.25 -35.50 -2.63
N GLU A 136 0.50 -36.51 -2.18
CA GLU A 136 -0.14 -37.71 -1.65
C GLU A 136 -0.91 -37.41 -0.36
N GLY A 137 -0.35 -36.53 0.48
CA GLY A 137 -1.05 -36.15 1.70
C GLY A 137 -2.35 -35.41 1.43
N GLU A 138 -2.34 -34.49 0.46
CA GLU A 138 -3.56 -33.79 0.09
C GLU A 138 -4.56 -34.73 -0.56
N ARG A 139 -4.07 -35.68 -1.38
CA ARG A 139 -4.97 -36.58 -2.08
C ARG A 139 -5.72 -37.50 -1.12
N ILE A 140 -5.01 -38.11 -0.17
CA ILE A 140 -5.66 -39.02 0.76
C ILE A 140 -6.57 -38.25 1.72
N VAL A 141 -6.20 -37.01 2.08
CA VAL A 141 -7.04 -36.22 2.98
C VAL A 141 -8.34 -35.86 2.29
N GLN A 142 -8.26 -35.39 1.05
CA GLN A 142 -9.47 -35.00 0.32
C GLN A 142 -10.29 -36.19 -0.14
N ASN A 143 -9.69 -37.38 -0.24
CA ASN A 143 -10.44 -38.56 -0.65
C ASN A 143 -11.28 -39.13 0.49
N HIS A 144 -10.61 -39.59 1.56
CA HIS A 144 -11.25 -40.29 2.68
C HIS A 144 -12.09 -41.45 2.18
N PRO A 145 -11.48 -42.56 1.74
CA PRO A 145 -12.28 -43.74 1.36
C PRO A 145 -13.14 -44.28 2.48
N ASP A 146 -12.68 -44.21 3.72
CA ASP A 146 -13.40 -44.70 4.89
C ASP A 146 -14.20 -43.57 5.53
N THR A 147 -15.40 -43.89 6.01
CA THR A 147 -16.31 -42.92 6.58
C THR A 147 -16.15 -42.73 8.09
N ASN A 148 -15.29 -43.52 8.75
CA ASN A 148 -15.12 -43.39 10.20
C ASN A 148 -14.52 -42.03 10.57
N SER A 149 -13.51 -41.59 9.81
CA SER A 149 -12.83 -40.31 9.98
C SER A 149 -12.02 -40.22 11.26
N SER A 150 -11.88 -41.31 12.01
CA SER A 150 -11.05 -41.37 13.22
C SER A 150 -9.66 -41.90 12.90
N ASN A 151 -9.57 -42.97 12.11
CA ASN A 151 -8.30 -43.57 11.71
C ASN A 151 -7.84 -43.02 10.36
N VAL A 152 -7.68 -41.70 10.32
CA VAL A 152 -7.24 -41.00 9.11
C VAL A 152 -5.72 -41.00 9.01
N CYS A 153 -5.03 -40.66 10.11
CA CYS A 153 -3.59 -40.57 10.08
C CYS A 153 -2.91 -41.94 10.03
N ASN A 154 -3.61 -43.02 10.39
CA ASN A 154 -3.03 -44.35 10.28
C ASN A 154 -2.75 -44.70 8.82
N ALA A 155 -3.68 -44.40 7.92
CA ALA A 155 -3.41 -44.56 6.51
C ALA A 155 -2.34 -43.59 6.03
N LEU A 156 -2.29 -42.39 6.61
CA LEU A 156 -1.32 -41.39 6.21
C LEU A 156 0.11 -41.84 6.51
N GLU A 157 0.32 -42.40 7.71
CA GLU A 157 1.67 -42.88 8.07
C GLU A 157 2.01 -44.17 7.33
N ARG A 158 1.01 -44.98 6.98
CA ARG A 158 1.28 -46.14 6.15
C ARG A 158 1.74 -45.72 4.76
N SER A 159 1.12 -44.69 4.20
CA SER A 159 1.60 -44.13 2.93
C SER A 159 2.95 -43.47 3.09
N PHE A 160 3.21 -42.87 4.25
CA PHE A 160 4.52 -42.29 4.54
C PHE A 160 5.60 -43.37 4.50
N ALA A 161 5.33 -44.52 5.14
CA ALA A 161 6.30 -45.61 5.12
C ALA A 161 6.45 -46.20 3.73
N ASP A 162 5.35 -46.28 2.98
CA ASP A 162 5.40 -46.87 1.64
C ASP A 162 6.25 -46.01 0.70
N ILE A 163 6.04 -44.70 0.72
CA ILE A 163 6.82 -43.82 -0.15
C ILE A 163 8.29 -43.81 0.26
N ALA A 164 8.57 -43.94 1.56
CA ALA A 164 9.95 -44.06 2.00
C ALA A 164 10.59 -45.34 1.49
N ASP A 165 9.84 -46.43 1.49
CA ASP A 165 10.36 -47.72 1.02
C ASP A 165 10.61 -47.73 -0.49
N ILE A 166 9.97 -46.84 -1.24
CA ILE A 166 10.16 -46.80 -2.69
C ILE A 166 11.61 -46.41 -3.04
N ILE A 167 12.25 -45.60 -2.20
CA ILE A 167 13.56 -45.02 -2.56
C ILE A 167 14.60 -46.08 -2.23
N ARG A 168 14.77 -47.02 -3.16
CA ARG A 168 15.68 -48.15 -3.06
C ARG A 168 15.47 -48.92 -1.75
N GLY A 169 14.30 -49.56 -1.66
CA GLY A 169 13.94 -50.43 -0.57
C GLY A 169 13.33 -51.72 -1.08
N THR A 170 12.44 -52.30 -0.28
CA THR A 170 11.76 -53.54 -0.61
C THR A 170 10.58 -53.23 -1.53
N ASP A 171 10.90 -52.93 -2.78
CA ASP A 171 9.87 -52.65 -3.79
C ASP A 171 9.17 -53.93 -4.21
N LEU A 172 8.07 -54.26 -3.54
CA LEU A 172 7.33 -55.50 -3.78
C LEU A 172 6.14 -55.31 -4.71
N TRP A 173 6.02 -54.17 -5.38
CA TRP A 173 4.92 -53.95 -6.31
C TRP A 173 5.22 -54.66 -7.62
N LYS A 174 4.35 -55.60 -7.99
CA LYS A 174 4.55 -56.35 -9.22
C LYS A 174 4.27 -55.47 -10.43
N GLY A 175 5.13 -55.57 -11.45
CA GLY A 175 5.02 -54.80 -12.67
C GLY A 175 6.33 -54.16 -13.07
N THR A 176 6.28 -52.91 -13.50
CA THR A 176 7.47 -52.17 -13.93
C THR A 176 8.12 -51.47 -12.73
N ASN A 177 8.54 -52.29 -11.76
CA ASN A 177 9.22 -51.78 -10.57
C ASN A 177 10.67 -51.38 -10.84
N SER A 178 11.26 -51.86 -11.93
CA SER A 178 12.65 -51.53 -12.24
C SER A 178 12.83 -50.12 -12.78
N ASN A 179 11.76 -49.48 -13.25
CA ASN A 179 11.87 -48.13 -13.78
C ASN A 179 12.26 -47.14 -12.68
N LEU A 180 11.55 -47.18 -11.55
CA LEU A 180 11.91 -46.32 -10.43
C LEU A 180 13.27 -46.70 -9.85
N GLU A 181 13.58 -48.00 -9.82
CA GLU A 181 14.85 -48.45 -9.29
C GLU A 181 16.01 -47.95 -10.14
N GLN A 182 15.89 -48.05 -11.47
CA GLN A 182 16.96 -47.60 -12.34
C GLN A 182 17.10 -46.08 -12.32
N ASN A 183 15.97 -45.37 -12.24
CA ASN A 183 16.02 -43.91 -12.17
C ASN A 183 16.71 -43.45 -10.90
N LEU A 184 16.42 -44.10 -9.76
CA LEU A 184 17.07 -43.74 -8.51
C LEU A 184 18.56 -44.10 -8.54
N LYS A 185 18.92 -45.20 -9.21
CA LYS A 185 20.33 -45.58 -9.30
C LYS A 185 21.13 -44.53 -10.06
N GLN A 186 20.60 -44.06 -11.20
CA GLN A 186 21.25 -42.97 -11.92
C GLN A 186 21.21 -41.67 -11.13
N MET A 187 20.19 -41.47 -10.29
CA MET A 187 20.13 -40.28 -9.46
C MET A 187 21.26 -40.28 -8.44
N PHE A 188 21.45 -41.38 -7.72
CA PHE A 188 22.54 -41.46 -6.76
C PHE A 188 23.90 -41.48 -7.46
N ALA A 189 23.95 -42.02 -8.69
CA ALA A 189 25.19 -41.95 -9.46
C ALA A 189 25.56 -40.51 -9.79
N LYS A 190 24.57 -39.69 -10.15
CA LYS A 190 24.82 -38.29 -10.42
C LYS A 190 25.18 -37.53 -9.14
N ILE A 191 24.63 -37.95 -8.00
CA ILE A 191 24.95 -37.32 -6.72
C ILE A 191 26.33 -37.72 -6.22
N ARG A 192 26.97 -38.69 -6.88
CA ARG A 192 28.28 -39.20 -6.50
C ARG A 192 28.21 -39.88 -5.12
N GLU A 193 27.44 -40.97 -5.09
CA GLU A 193 27.34 -41.80 -3.90
C GLU A 193 28.71 -42.31 -3.46
N ASN A 194 29.59 -42.60 -4.43
CA ASN A 194 31.00 -42.90 -4.14
C ASN A 194 31.74 -41.57 -3.94
N ASP A 195 31.44 -40.93 -2.82
CA ASP A 195 31.94 -39.59 -2.55
C ASP A 195 33.43 -39.64 -2.22
N LYS A 196 34.00 -38.46 -1.96
CA LYS A 196 35.42 -38.39 -1.62
C LYS A 196 35.71 -39.08 -0.29
N VAL A 197 34.83 -38.91 0.69
CA VAL A 197 34.95 -39.57 1.98
C VAL A 197 34.20 -40.90 1.89
N LEU A 198 34.91 -41.99 2.14
CA LEU A 198 34.32 -43.33 2.09
C LEU A 198 33.37 -43.53 3.27
N TYR A 208 29.97 -46.52 1.04
CA TYR A 208 29.17 -46.19 -0.13
C TYR A 208 27.70 -46.03 0.25
N ARG A 209 27.23 -46.85 1.20
CA ARG A 209 25.85 -46.80 1.65
C ARG A 209 25.59 -45.68 2.67
N LYS A 210 26.57 -44.82 2.96
CA LYS A 210 26.34 -43.72 3.89
C LYS A 210 25.33 -42.72 3.33
N LEU A 211 25.27 -42.57 2.00
CA LEU A 211 24.31 -41.66 1.40
C LEU A 211 22.87 -42.10 1.66
N ARG A 212 22.62 -43.40 1.54
CA ARG A 212 21.25 -43.90 1.74
C ARG A 212 20.79 -43.69 3.18
N GLU A 213 21.68 -43.98 4.15
CA GLU A 213 21.33 -43.78 5.55
C GLU A 213 21.17 -42.30 5.86
N ASP A 214 22.04 -41.46 5.32
CA ASP A 214 21.97 -40.02 5.60
C ASP A 214 20.70 -39.41 5.01
N TRP A 215 20.38 -39.74 3.76
CA TRP A 215 19.18 -39.18 3.14
C TRP A 215 17.92 -39.75 3.77
N TRP A 216 17.95 -41.00 4.20
CA TRP A 216 16.80 -41.58 4.91
C TRP A 216 16.57 -40.88 6.23
N ASN A 217 17.64 -40.56 6.96
CA ASN A 217 17.48 -39.77 8.18
C ASN A 217 16.94 -38.38 7.88
N ALA A 218 17.46 -37.74 6.83
CA ALA A 218 16.93 -36.45 6.41
C ALA A 218 15.47 -36.58 5.95
N ASN A 219 15.15 -37.66 5.25
CA ASN A 219 13.77 -37.91 4.82
C ASN A 219 12.85 -38.08 6.02
N ARG A 220 13.25 -38.92 6.97
CA ARG A 220 12.39 -39.19 8.13
C ARG A 220 12.16 -37.95 8.98
N GLN A 221 13.15 -37.06 9.04
CA GLN A 221 13.01 -35.83 9.83
C GLN A 221 12.14 -34.78 9.15
N LYS A 222 12.19 -34.70 7.82
CA LYS A 222 11.68 -33.53 7.09
C LYS A 222 10.28 -33.74 6.51
N VAL A 223 10.08 -34.77 5.70
CA VAL A 223 8.80 -34.92 4.99
C VAL A 223 7.63 -35.27 5.90
N TRP A 224 7.88 -35.65 7.15
CA TRP A 224 6.78 -35.93 8.07
C TRP A 224 5.97 -34.67 8.36
N GLU A 225 6.65 -33.53 8.52
CA GLU A 225 5.96 -32.27 8.80
C GLU A 225 5.24 -31.69 7.59
N VAL A 226 5.54 -32.17 6.39
CA VAL A 226 4.92 -31.66 5.16
C VAL A 226 3.69 -32.49 4.78
N ILE A 227 3.81 -33.81 4.80
CA ILE A 227 2.67 -34.68 4.50
C ILE A 227 1.58 -34.55 5.55
N THR A 228 1.91 -34.19 6.79
CA THR A 228 0.96 -34.14 7.88
C THR A 228 0.29 -32.78 8.03
N CYS A 229 0.60 -31.79 7.19
CA CYS A 229 0.01 -30.46 7.33
C CYS A 229 -1.42 -30.37 6.79
N GLY A 230 -1.93 -31.42 6.15
CA GLY A 230 -3.28 -31.39 5.65
C GLY A 230 -4.33 -31.88 6.63
N ALA A 231 -4.12 -33.08 7.16
CA ALA A 231 -5.04 -33.69 8.09
C ALA A 231 -4.77 -33.19 9.51
N ARG A 232 -5.86 -32.91 10.25
CA ARG A 232 -5.78 -32.39 11.61
C ARG A 232 -6.82 -33.04 12.52
N SER A 233 -7.17 -34.30 12.27
CA SER A 233 -8.24 -34.94 13.03
C SER A 233 -7.74 -35.41 14.39
N ASN A 234 -6.82 -36.37 14.40
CA ASN A 234 -6.26 -36.92 15.63
C ASN A 234 -5.22 -37.96 15.24
N ASP A 235 -4.31 -38.26 16.17
CA ASP A 235 -3.29 -39.29 15.95
C ASP A 235 -2.93 -39.87 17.31
N LEU A 236 -3.29 -41.14 17.52
CA LEU A 236 -2.97 -41.83 18.77
C LEU A 236 -1.54 -42.34 18.76
N GLU A 255 4.72 -38.20 22.02
CA GLU A 255 3.30 -38.33 21.77
C GLU A 255 2.62 -36.96 21.67
N LEU A 256 1.89 -36.75 20.59
CA LEU A 256 1.17 -35.49 20.37
C LEU A 256 -0.12 -35.81 19.62
N CYS A 257 -1.05 -34.85 19.67
CA CYS A 257 -2.36 -35.02 19.04
C CYS A 257 -2.72 -33.73 18.33
N ARG A 258 -3.98 -33.63 17.89
CA ARG A 258 -4.50 -32.50 17.13
C ARG A 258 -3.83 -32.35 15.77
N LYS A 259 -3.27 -33.44 15.25
CA LYS A 259 -2.57 -33.47 13.96
C LYS A 259 -2.13 -34.91 13.75
N CYS A 260 -1.69 -35.20 12.52
CA CYS A 260 -1.14 -36.52 12.20
C CYS A 260 0.26 -36.60 12.79
N GLY A 261 0.32 -36.85 14.09
CA GLY A 261 1.57 -36.83 14.81
C GLY A 261 1.91 -35.47 15.36
N HIS A 262 2.26 -34.54 14.47
CA HIS A 262 2.63 -33.18 14.85
C HIS A 262 2.91 -32.39 13.57
N TYR A 263 3.16 -31.10 13.75
CA TYR A 263 3.57 -30.21 12.66
C TYR A 263 4.75 -29.31 13.01
N GLU A 264 5.00 -29.03 14.29
CA GLU A 264 6.14 -28.22 14.73
C GLU A 264 6.94 -28.86 15.85
N GLU A 265 6.70 -30.14 16.16
CA GLU A 265 7.47 -30.81 17.20
C GLU A 265 8.92 -31.07 16.79
N LYS A 266 9.19 -31.12 15.48
CA LYS A 266 10.53 -31.25 14.92
C LYS A 266 11.17 -32.62 15.18
N VAL A 267 10.38 -33.62 15.58
CA VAL A 267 10.85 -35.01 15.65
C VAL A 267 9.69 -35.93 15.31
N PRO A 268 9.98 -37.11 14.74
CA PRO A 268 8.88 -38.01 14.37
C PRO A 268 8.24 -38.63 15.60
N THR A 269 6.95 -38.93 15.47
CA THR A 269 6.19 -39.49 16.58
C THR A 269 6.40 -41.00 16.69
N LYS A 270 6.03 -41.74 15.64
CA LYS A 270 6.13 -43.20 15.60
C LYS A 270 7.18 -43.62 14.58
N LEU A 271 7.91 -44.68 14.90
CA LEU A 271 8.99 -45.22 14.07
C LEU A 271 8.49 -46.51 13.43
N ASP A 272 8.11 -46.44 12.15
CA ASP A 272 7.55 -47.58 11.43
C ASP A 272 8.66 -48.35 10.71
N TYR A 273 9.48 -49.02 11.52
CA TYR A 273 10.50 -49.94 11.02
C TYR A 273 9.96 -51.37 11.05
N VAL A 274 9.07 -51.63 10.10
CA VAL A 274 8.40 -52.93 9.94
C VAL A 274 8.58 -53.35 8.48
N PRO A 275 8.53 -54.65 8.19
CA PRO A 275 8.75 -55.09 6.81
C PRO A 275 7.50 -54.88 5.96
N GLN A 276 7.69 -54.29 4.77
CA GLN A 276 6.56 -54.01 3.89
C GLN A 276 5.90 -55.29 3.37
N PHE A 277 6.61 -56.42 3.37
CA PHE A 277 6.00 -57.67 2.96
C PHE A 277 4.86 -58.06 3.89
N LEU A 278 5.04 -57.87 5.19
CA LEU A 278 4.02 -58.15 6.21
C LEU A 278 3.24 -56.91 6.65
N ARG A 279 3.70 -55.70 6.28
CA ARG A 279 2.96 -54.49 6.63
C ARG A 279 1.60 -54.47 5.96
N TRP A 280 1.54 -54.90 4.69
CA TRP A 280 0.26 -54.98 3.99
C TRP A 280 -0.67 -55.98 4.67
N LEU A 281 -0.12 -57.10 5.15
CA LEU A 281 -0.94 -58.08 5.86
C LEU A 281 -1.50 -57.50 7.15
N THR A 282 -0.68 -56.76 7.91
CA THR A 282 -1.16 -56.12 9.12
C THR A 282 -2.22 -55.06 8.81
N GLU A 283 -2.02 -54.31 7.72
CA GLU A 283 -3.01 -53.31 7.32
C GLU A 283 -4.34 -53.97 6.95
N TRP A 284 -4.29 -55.07 6.20
CA TRP A 284 -5.53 -55.71 5.76
C TRP A 284 -6.28 -56.36 6.92
N ILE A 285 -5.57 -57.11 7.77
CA ILE A 285 -6.23 -57.81 8.87
C ILE A 285 -6.80 -56.82 9.88
N GLU A 286 -6.11 -55.69 10.09
CA GLU A 286 -6.68 -54.64 10.92
C GLU A 286 -7.92 -54.04 10.27
N ASP A 287 -7.88 -53.85 8.95
CA ASP A 287 -9.04 -53.32 8.24
C ASP A 287 -10.22 -54.29 8.30
N PHE A 288 -9.94 -55.60 8.16
CA PHE A 288 -11.02 -56.58 8.21
C PHE A 288 -11.65 -56.68 9.59
N TYR A 289 -10.86 -56.45 10.65
CA TYR A 289 -11.41 -56.44 12.00
C TYR A 289 -12.46 -55.33 12.14
N ARG A 290 -12.09 -54.10 11.77
CA ARG A 290 -13.02 -52.98 11.88
C ARG A 290 -14.22 -53.17 10.94
N GLU A 291 -13.99 -53.75 9.76
CA GLU A 291 -15.09 -54.03 8.85
C GLU A 291 -16.05 -55.06 9.46
N LYS A 292 -15.50 -56.07 10.15
CA LYS A 292 -16.35 -57.11 10.73
C LYS A 292 -17.24 -56.55 11.83
N GLN A 293 -16.68 -55.71 12.71
CA GLN A 293 -17.49 -55.12 13.78
C GLN A 293 -18.50 -54.13 13.23
N ASN A 294 -18.16 -53.43 12.13
CA ASN A 294 -19.14 -52.54 11.52
C ASN A 294 -20.23 -53.32 10.81
N LEU A 295 -19.86 -54.32 10.00
CA LEU A 295 -20.84 -55.02 9.17
C LEU A 295 -21.79 -55.86 10.01
N ILE A 296 -21.31 -56.46 11.11
CA ILE A 296 -22.19 -57.23 11.97
C ILE A 296 -23.21 -56.31 12.64
N ASP A 297 -22.80 -55.09 12.98
CA ASP A 297 -23.74 -54.13 13.54
C ASP A 297 -24.74 -53.65 12.49
N ASP A 298 -24.28 -53.42 11.26
CA ASP A 298 -25.19 -53.01 10.19
C ASP A 298 -26.19 -54.10 9.88
N MET A 299 -25.74 -55.36 9.87
CA MET A 299 -26.65 -56.48 9.63
C MET A 299 -27.69 -56.58 10.75
N GLU A 300 -27.27 -56.40 11.99
CA GLU A 300 -28.21 -56.41 13.11
C GLU A 300 -29.19 -55.24 13.01
N ARG A 301 -28.69 -54.06 12.61
CA ARG A 301 -29.59 -52.92 12.43
C ARG A 301 -30.59 -53.18 11.30
N HIS A 302 -30.12 -53.78 10.19
CA HIS A 302 -31.02 -54.08 9.08
C HIS A 302 -32.05 -55.13 9.47
N ARG A 303 -31.64 -56.13 10.26
CA ARG A 303 -32.55 -57.20 10.66
C ARG A 303 -33.68 -56.68 11.53
N GLU A 304 -33.35 -55.87 12.55
CA GLU A 304 -34.37 -55.34 13.43
C GLU A 304 -35.20 -54.26 12.76
N GLU A 305 -34.63 -53.54 11.78
CA GLU A 305 -35.38 -52.53 11.04
C GLU A 305 -36.31 -53.15 10.00
N CYS A 306 -36.07 -54.42 9.62
CA CYS A 306 -36.91 -55.06 8.61
C CYS A 306 -38.35 -55.21 9.10
N THR A 307 -38.54 -55.57 10.36
CA THR A 307 -39.87 -55.70 10.94
C THR A 307 -39.80 -55.41 12.44
N SER A 318 -38.91 -62.36 3.10
CA SER A 318 -38.04 -63.49 2.80
C SER A 318 -36.57 -63.10 2.95
N TYR A 319 -36.27 -62.32 4.00
CA TYR A 319 -34.91 -61.89 4.27
C TYR A 319 -34.07 -62.94 4.98
N CYS A 320 -34.67 -64.06 5.41
CA CYS A 320 -33.89 -65.10 6.07
C CYS A 320 -32.87 -65.73 5.13
N SER A 321 -33.26 -65.96 3.86
CA SER A 321 -32.34 -66.56 2.89
C SER A 321 -31.15 -65.64 2.64
N THR A 322 -31.37 -64.33 2.62
CA THR A 322 -30.27 -63.39 2.47
C THR A 322 -29.33 -63.47 3.67
N CYS A 323 -29.89 -63.62 4.87
CA CYS A 323 -29.06 -63.70 6.07
C CYS A 323 -28.17 -64.94 6.06
N LYS A 324 -28.73 -66.09 5.65
CA LYS A 324 -27.93 -67.31 5.57
C LYS A 324 -26.85 -67.18 4.49
N ASP A 325 -27.19 -66.57 3.35
CA ASP A 325 -26.23 -66.41 2.27
C ASP A 325 -25.06 -65.54 2.69
N LYS A 326 -25.34 -64.46 3.43
CA LYS A 326 -24.27 -63.64 3.98
C LYS A 326 -23.44 -64.42 5.00
N CYS A 327 -24.09 -65.27 5.79
CA CYS A 327 -23.37 -66.05 6.80
C CYS A 327 -22.40 -67.03 6.16
N LYS A 328 -22.83 -67.72 5.08
CA LYS A 328 -21.92 -68.61 4.39
C LYS A 328 -20.79 -67.84 3.71
N LYS A 329 -21.11 -66.65 3.17
CA LYS A 329 -20.07 -65.82 2.57
C LYS A 329 -19.05 -65.36 3.61
N TYR A 330 -19.52 -64.99 4.80
CA TYR A 330 -18.59 -64.63 5.87
C TYR A 330 -17.74 -65.82 6.27
N CYS A 331 -18.35 -67.01 6.37
CA CYS A 331 -17.58 -68.21 6.68
C CYS A 331 -16.59 -68.54 5.57
N GLU A 332 -16.99 -68.36 4.31
CA GLU A 332 -16.10 -68.67 3.20
C GLU A 332 -14.90 -67.73 3.17
N CYS A 333 -15.12 -66.43 3.37
CA CYS A 333 -14.00 -65.49 3.35
C CYS A 333 -13.10 -65.67 4.57
N VAL A 334 -13.67 -66.06 5.71
CA VAL A 334 -12.85 -66.34 6.89
C VAL A 334 -11.97 -67.54 6.64
N LYS A 335 -12.50 -68.56 5.96
CA LYS A 335 -11.68 -69.72 5.59
C LYS A 335 -10.56 -69.32 4.65
N LYS A 336 -10.85 -68.42 3.70
CA LYS A 336 -9.81 -67.93 2.81
C LYS A 336 -8.73 -67.17 3.57
N TRP A 337 -9.13 -66.34 4.54
CA TRP A 337 -8.16 -65.56 5.31
C TRP A 337 -7.27 -66.48 6.14
N LYS A 338 -7.85 -67.50 6.75
CA LYS A 338 -7.05 -68.46 7.52
C LYS A 338 -6.10 -69.23 6.60
N SER A 339 -6.56 -69.61 5.42
CA SER A 339 -5.69 -70.30 4.46
C SER A 339 -4.55 -69.40 4.00
N GLU A 340 -4.86 -68.12 3.73
CA GLU A 340 -3.81 -67.18 3.36
C GLU A 340 -2.83 -66.96 4.51
N TRP A 341 -3.34 -66.89 5.75
CA TRP A 341 -2.47 -66.75 6.90
C TRP A 341 -1.56 -67.96 7.07
N GLU A 342 -2.11 -69.16 6.86
CA GLU A 342 -1.29 -70.36 6.95
C GLU A 342 -0.21 -70.39 5.87
N ASN A 343 -0.57 -69.96 4.65
CA ASN A 343 0.41 -69.91 3.57
C ASN A 343 1.52 -68.90 3.88
N GLN A 344 1.15 -67.74 4.44
CA GLN A 344 2.15 -66.74 4.79
C GLN A 344 3.05 -67.25 5.91
N LYS A 345 2.48 -67.99 6.87
CA LYS A 345 3.30 -68.60 7.91
C LYS A 345 4.26 -69.63 7.32
N ASN A 346 3.80 -70.39 6.33
CA ASN A 346 4.68 -71.34 5.65
C ASN A 346 5.81 -70.60 4.93
N LYS A 347 5.50 -69.48 4.29
CA LYS A 347 6.54 -68.67 3.66
C LYS A 347 7.50 -68.11 4.70
N TYR A 348 6.98 -67.73 5.87
CA TYR A 348 7.84 -67.26 6.96
C TYR A 348 8.77 -68.36 7.43
N THR A 349 8.26 -69.58 7.56
CA THR A 349 9.10 -70.71 7.96
C THR A 349 10.12 -71.03 6.87
N GLU A 350 9.73 -70.92 5.60
CA GLU A 350 10.67 -71.16 4.51
C GLU A 350 11.80 -70.15 4.53
N LEU A 351 11.49 -68.87 4.75
CA LEU A 351 12.53 -67.85 4.83
C LEU A 351 13.41 -68.07 6.05
N TYR A 352 12.80 -68.46 7.18
CA TYR A 352 13.57 -68.71 8.40
C TYR A 352 14.54 -69.86 8.21
N GLN A 353 14.11 -70.93 7.54
CA GLN A 353 15.01 -72.02 7.23
C GLN A 353 16.09 -71.60 6.23
N GLN A 354 15.74 -70.72 5.29
CA GLN A 354 16.71 -70.27 4.29
C GLN A 354 17.84 -69.48 4.94
N ASN A 355 17.52 -68.64 5.93
CA ASN A 355 18.55 -67.85 6.59
C ASN A 355 19.53 -68.74 7.36
N LYS A 356 19.01 -69.75 8.05
CA LYS A 356 19.84 -70.64 8.83
C LYS A 356 20.51 -71.69 7.95
N THR A 364 20.56 -55.24 0.99
CA THR A 364 20.40 -54.31 2.10
C THR A 364 21.09 -54.85 3.35
N SER A 365 21.91 -54.00 3.97
CA SER A 365 22.69 -54.39 5.14
C SER A 365 21.97 -54.06 6.45
N ARG A 366 21.70 -52.78 6.69
CA ARG A 366 21.08 -52.39 7.95
C ARG A 366 19.61 -52.80 7.99
N TYR A 367 18.88 -52.62 6.88
CA TYR A 367 17.47 -52.96 6.85
C TYR A 367 17.26 -54.46 7.03
N ASP A 368 18.08 -55.28 6.37
CA ASP A 368 17.95 -56.72 6.50
C ASP A 368 18.26 -57.18 7.92
N ASP A 369 19.30 -56.61 8.54
CA ASP A 369 19.65 -56.99 9.91
C ASP A 369 18.55 -56.63 10.89
N TYR A 370 17.95 -55.44 10.73
CA TYR A 370 16.85 -55.05 11.60
C TYR A 370 15.64 -55.96 11.43
N VAL A 371 15.33 -56.34 10.19
CA VAL A 371 14.17 -57.19 9.93
C VAL A 371 14.36 -58.56 10.55
N LYS A 372 15.55 -59.15 10.41
CA LYS A 372 15.81 -60.46 11.00
C LYS A 372 15.85 -60.39 12.52
N ASP A 373 16.32 -59.27 13.08
CA ASP A 373 16.29 -59.11 14.54
C ASP A 373 14.85 -59.07 15.05
N PHE A 374 13.97 -58.35 14.34
CA PHE A 374 12.56 -58.32 14.74
C PHE A 374 11.93 -59.70 14.56
N PHE A 375 12.31 -60.42 13.51
CA PHE A 375 11.81 -61.78 13.31
C PHE A 375 12.25 -62.69 14.44
N LYS A 376 13.51 -62.55 14.88
CA LYS A 376 13.98 -63.34 16.01
C LYS A 376 13.23 -62.98 17.30
N LYS A 377 12.95 -61.70 17.52
CA LYS A 377 12.21 -61.29 18.70
C LYS A 377 10.78 -61.82 18.68
N LEU A 378 10.13 -61.79 17.51
CA LEU A 378 8.79 -62.34 17.42
C LEU A 378 8.78 -63.84 17.64
N GLU A 379 9.77 -64.55 17.11
CA GLU A 379 9.86 -65.99 17.32
C GLU A 379 10.12 -66.31 18.80
N ALA A 380 10.99 -65.54 19.44
CA ALA A 380 11.31 -65.77 20.85
C ALA A 380 10.13 -65.36 21.73
N LYS A 555 -13.55 -26.86 42.31
CA LYS A 555 -12.30 -26.70 41.58
C LYS A 555 -11.47 -25.54 42.13
N ASN A 556 -10.52 -25.06 41.33
CA ASN A 556 -9.63 -24.00 41.73
C ASN A 556 -9.78 -22.81 40.78
N ASN A 557 -9.63 -21.61 41.34
CA ASN A 557 -9.74 -20.38 40.55
C ASN A 557 -8.57 -20.29 39.58
N LYS A 558 -8.87 -20.24 38.29
CA LYS A 558 -7.83 -20.13 37.28
C LYS A 558 -7.23 -18.73 37.28
N ASN A 559 -6.06 -18.61 36.64
CA ASN A 559 -5.29 -17.36 36.67
C ASN A 559 -4.92 -16.90 35.26
N TRP A 560 -5.76 -17.19 34.28
CA TRP A 560 -5.55 -16.76 32.89
C TRP A 560 -4.23 -17.31 32.34
N ILE A 561 -4.22 -18.64 32.18
CA ILE A 561 -3.04 -19.32 31.66
C ILE A 561 -2.79 -18.88 30.23
N TRP A 562 -1.60 -18.32 29.98
CA TRP A 562 -1.21 -17.83 28.67
C TRP A 562 -0.14 -18.68 28.00
N LYS A 563 0.35 -19.72 28.68
CA LYS A 563 1.43 -20.52 28.14
C LYS A 563 0.90 -21.59 27.18
N LYS A 564 1.81 -22.20 26.44
CA LYS A 564 1.45 -23.24 25.49
C LYS A 564 1.07 -24.53 26.23
N SER A 565 0.25 -25.34 25.58
CA SER A 565 -0.25 -26.57 26.19
C SER A 565 0.79 -27.67 26.08
N SER A 566 1.20 -28.20 27.24
CA SER A 566 2.11 -29.34 27.29
C SER A 566 1.30 -30.63 27.16
N GLY A 567 1.95 -31.76 27.47
CA GLY A 567 1.28 -33.04 27.33
C GLY A 567 0.09 -33.20 28.26
N LYS A 568 0.22 -32.74 29.51
CA LYS A 568 -0.82 -32.96 30.50
C LYS A 568 -1.07 -31.74 31.37
N GLU A 569 -0.86 -30.53 30.84
CA GLU A 569 -1.12 -29.30 31.57
C GLU A 569 -1.97 -28.38 30.73
N GLY A 570 -2.76 -27.54 31.40
CA GLY A 570 -3.59 -26.58 30.71
C GLY A 570 -2.75 -25.48 30.07
N GLY A 571 -3.16 -25.07 28.88
CA GLY A 571 -2.46 -24.01 28.17
C GLY A 571 -2.92 -23.97 26.72
N LEU A 572 -2.53 -22.90 26.05
CA LEU A 572 -2.89 -22.71 24.66
C LEU A 572 -2.18 -23.75 23.79
N GLN A 573 -2.78 -24.02 22.63
CA GLN A 573 -2.24 -25.03 21.72
C GLN A 573 -0.89 -24.57 21.15
N LYS A 574 -0.22 -25.50 20.48
CA LYS A 574 1.08 -25.19 19.88
C LYS A 574 0.94 -24.13 18.79
N GLU A 575 -0.11 -24.22 17.97
CA GLU A 575 -0.38 -23.17 17.00
C GLU A 575 -0.89 -21.90 17.68
N TYR A 576 -1.39 -21.99 18.91
CA TYR A 576 -1.86 -20.85 19.67
C TYR A 576 -0.93 -20.48 20.82
N ALA A 577 0.33 -20.87 20.75
CA ALA A 577 1.29 -20.51 21.79
C ALA A 577 1.54 -19.01 21.78
N ASN A 578 1.55 -18.42 22.97
CA ASN A 578 1.75 -16.98 23.14
C ASN A 578 0.65 -16.18 22.43
N THR A 579 -0.59 -16.67 22.51
CA THR A 579 -1.78 -16.05 21.96
C THR A 579 -2.74 -15.72 23.11
N ILE A 580 -3.97 -15.34 22.77
CA ILE A 580 -4.95 -14.93 23.77
C ILE A 580 -5.23 -16.07 24.74
N GLY A 581 -5.26 -15.74 26.03
CA GLY A 581 -5.38 -16.74 27.07
C GLY A 581 -6.81 -17.17 27.34
N LEU A 582 -6.94 -18.11 28.28
CA LEU A 582 -8.21 -18.71 28.66
C LEU A 582 -8.77 -17.99 29.89
N PRO A 583 -10.04 -17.59 29.94
CA PRO A 583 -10.60 -17.08 31.21
C PRO A 583 -10.83 -18.21 32.19
N PRO A 584 -11.14 -17.92 33.45
CA PRO A 584 -11.48 -19.00 34.39
C PRO A 584 -12.75 -19.76 34.04
N ARG A 585 -13.63 -19.18 33.21
CA ARG A 585 -14.91 -19.81 32.93
C ARG A 585 -14.73 -21.06 32.08
N THR A 586 -13.91 -20.98 31.03
CA THR A 586 -13.78 -22.10 30.10
C THR A 586 -13.11 -23.31 30.75
N GLN A 587 -12.19 -23.07 31.69
CA GLN A 587 -11.47 -24.16 32.35
C GLN A 587 -12.25 -24.80 33.50
N SER A 588 -13.37 -24.20 33.92
CA SER A 588 -14.20 -24.69 35.03
C SER A 588 -15.59 -25.07 34.55
N LEU A 589 -15.68 -25.62 33.34
CA LEU A 589 -16.96 -26.02 32.78
C LEU A 589 -17.35 -27.42 33.27
N CYS A 590 -18.64 -27.74 33.11
CA CYS A 590 -19.13 -29.05 33.53
C CYS A 590 -18.54 -30.18 32.70
N LEU A 591 -18.19 -29.90 31.43
CA LEU A 591 -17.57 -30.94 30.60
C LEU A 591 -16.21 -31.33 31.14
N VAL A 592 -15.43 -30.37 31.62
CA VAL A 592 -14.12 -30.67 32.21
C VAL A 592 -14.28 -31.52 33.46
N VAL A 593 -15.24 -31.15 34.32
CA VAL A 593 -15.47 -31.89 35.56
C VAL A 593 -16.07 -33.25 35.24
N LEU A 614 -27.99 -43.88 20.33
CA LEU A 614 -29.14 -43.22 19.75
C LEU A 614 -28.99 -41.71 19.80
N LEU A 615 -29.57 -41.02 18.81
CA LEU A 615 -29.51 -39.56 18.78
C LEU A 615 -30.29 -38.96 19.95
N LYS A 616 -31.42 -39.57 20.31
CA LYS A 616 -32.21 -39.06 21.43
C LYS A 616 -31.44 -39.17 22.74
N GLU A 617 -30.69 -40.27 22.92
CA GLU A 617 -29.90 -40.42 24.14
C GLU A 617 -28.80 -39.37 24.23
N TRP A 618 -28.14 -39.08 23.12
CA TRP A 618 -27.04 -38.10 23.14
C TRP A 618 -27.56 -36.70 23.41
N ILE A 619 -28.70 -36.32 22.81
CA ILE A 619 -29.23 -34.98 23.00
C ILE A 619 -29.71 -34.80 24.43
N ILE A 620 -30.25 -35.86 25.05
CA ILE A 620 -30.63 -35.79 26.45
C ILE A 620 -29.40 -35.63 27.33
N ALA A 621 -28.29 -36.30 26.97
CA ALA A 621 -27.04 -36.13 27.70
C ALA A 621 -26.54 -34.70 27.59
N ALA A 622 -26.67 -34.09 26.41
CA ALA A 622 -26.29 -32.69 26.25
C ALA A 622 -27.18 -31.79 27.10
N PHE A 623 -28.48 -32.11 27.19
CA PHE A 623 -29.39 -31.35 28.04
C PHE A 623 -28.99 -31.46 29.51
N HIS A 624 -28.63 -32.67 29.95
CA HIS A 624 -28.21 -32.84 31.34
C HIS A 624 -26.91 -32.11 31.62
N GLU A 625 -25.99 -32.12 30.66
CA GLU A 625 -24.75 -31.34 30.82
C GLU A 625 -25.05 -29.85 30.89
N GLY A 626 -25.96 -29.36 30.05
CA GLY A 626 -26.35 -27.97 30.12
C GLY A 626 -27.07 -27.62 31.41
N LYS A 627 -27.93 -28.53 31.88
CA LYS A 627 -28.64 -28.27 33.13
C LYS A 627 -27.70 -28.23 34.33
N ASN A 628 -26.66 -29.05 34.31
CA ASN A 628 -25.67 -29.02 35.39
C ASN A 628 -24.79 -27.78 35.29
N LEU A 629 -24.51 -27.30 34.08
CA LEU A 629 -23.70 -26.11 33.91
C LEU A 629 -24.38 -24.85 34.42
N LYS A 630 -25.72 -24.84 34.42
CA LYS A 630 -26.47 -23.67 34.87
C LYS A 630 -26.17 -23.29 36.31
N PRO A 631 -26.21 -24.20 37.29
CA PRO A 631 -25.85 -23.79 38.67
C PRO A 631 -24.42 -23.31 38.82
N SER A 632 -23.51 -23.76 37.96
CA SER A 632 -22.13 -23.29 38.03
C SER A 632 -22.04 -21.79 37.77
N HIS A 633 -22.73 -21.32 36.73
CA HIS A 633 -22.76 -19.89 36.44
C HIS A 633 -23.67 -19.14 37.40
N GLU A 634 -24.69 -19.82 37.94
CA GLU A 634 -25.57 -19.19 38.91
C GLU A 634 -24.84 -18.86 40.21
N LYS A 635 -23.92 -19.74 40.64
CA LYS A 635 -23.16 -19.51 41.85
C LYS A 635 -21.88 -18.71 41.61
N LYS A 636 -21.28 -18.85 40.43
CA LYS A 636 -20.06 -18.12 40.13
C LYS A 636 -20.31 -16.63 39.89
N ASN A 637 -21.46 -16.28 39.31
CA ASN A 637 -21.79 -14.90 39.00
C ASN A 637 -22.93 -14.34 39.84
N ASP A 638 -23.64 -15.18 40.59
CA ASP A 638 -24.75 -14.73 41.43
C ASP A 638 -25.86 -14.08 40.61
N GLY A 641 -27.52 -9.84 36.32
CA GLY A 641 -28.08 -9.05 35.23
C GLY A 641 -27.32 -9.22 33.93
N LYS A 642 -26.45 -8.24 33.63
CA LYS A 642 -25.67 -8.27 32.41
C LYS A 642 -24.41 -9.12 32.52
N LYS A 643 -23.88 -9.32 33.73
CA LYS A 643 -22.66 -10.11 33.88
C LYS A 643 -22.91 -11.59 33.58
N LEU A 644 -24.06 -12.10 34.01
CA LEU A 644 -24.36 -13.52 33.79
C LEU A 644 -24.75 -13.80 32.34
N CYS A 645 -25.41 -12.85 31.67
CA CYS A 645 -25.87 -13.08 30.31
C CYS A 645 -24.70 -13.25 29.34
N LYS A 646 -23.67 -12.41 29.46
CA LYS A 646 -22.49 -12.57 28.61
C LYS A 646 -21.78 -13.88 28.89
N ALA A 647 -21.70 -14.28 30.17
CA ALA A 647 -21.05 -15.54 30.52
C ALA A 647 -21.79 -16.73 29.90
N LEU A 648 -23.12 -16.69 29.89
CA LEU A 648 -23.88 -17.74 29.23
C LEU A 648 -23.63 -17.75 27.73
N GLU A 649 -23.53 -16.57 27.12
CA GLU A 649 -23.31 -16.49 25.68
C GLU A 649 -21.95 -17.05 25.28
N TYR A 650 -20.90 -16.71 26.03
CA TYR A 650 -19.57 -17.23 25.71
C TYR A 650 -19.51 -18.74 25.96
N SER A 651 -20.12 -19.21 27.04
CA SER A 651 -20.16 -20.64 27.30
C SER A 651 -20.96 -21.37 26.23
N PHE A 652 -22.02 -20.73 25.73
CA PHE A 652 -22.79 -21.30 24.62
C PHE A 652 -21.92 -21.43 23.37
N ALA A 653 -21.15 -20.39 23.06
CA ALA A 653 -20.27 -20.44 21.89
C ALA A 653 -19.11 -21.40 22.10
N ASP A 654 -18.57 -21.45 23.32
CA ASP A 654 -17.49 -22.38 23.61
C ASP A 654 -17.95 -23.83 23.48
N TYR A 655 -19.17 -24.12 23.93
CA TYR A 655 -19.75 -25.45 23.73
C TYR A 655 -19.93 -25.74 22.24
N GLY A 656 -20.31 -24.73 21.47
CA GLY A 656 -20.49 -24.94 20.03
C GLY A 656 -19.20 -25.30 19.32
N ASP A 657 -18.12 -24.55 19.61
CA ASP A 657 -16.86 -24.83 18.97
C ASP A 657 -16.25 -26.14 19.45
N LEU A 658 -16.48 -26.50 20.71
CA LEU A 658 -16.02 -27.80 21.20
C LEU A 658 -16.74 -28.94 20.47
N ILE A 659 -18.05 -28.80 20.26
CA ILE A 659 -18.80 -29.84 19.55
C ILE A 659 -18.38 -29.90 18.09
N LYS A 660 -18.24 -28.73 17.44
CA LYS A 660 -17.86 -28.70 16.04
C LYS A 660 -16.43 -29.19 15.80
N GLY A 661 -15.58 -29.19 16.83
CA GLY A 661 -14.21 -29.64 16.68
C GLY A 661 -13.28 -28.51 16.26
N THR A 662 -13.45 -27.35 16.88
CA THR A 662 -12.62 -26.17 16.64
C THR A 662 -12.10 -25.59 17.95
N SER A 663 -11.91 -26.43 18.96
CA SER A 663 -11.36 -25.98 20.22
C SER A 663 -9.91 -25.54 20.04
N ILE A 664 -9.53 -24.45 20.70
CA ILE A 664 -8.21 -23.84 20.59
C ILE A 664 -7.51 -23.76 21.95
N TRP A 665 -7.91 -24.61 22.90
CA TRP A 665 -7.35 -24.65 24.25
C TRP A 665 -6.83 -26.02 24.65
N ASP A 666 -7.59 -27.09 24.38
CA ASP A 666 -7.12 -28.48 24.43
C ASP A 666 -6.49 -28.84 25.78
N ASN A 667 -7.36 -28.92 26.79
CA ASN A 667 -6.92 -29.33 28.12
C ASN A 667 -6.65 -30.83 28.12
N GLU A 668 -6.35 -31.38 29.30
CA GLU A 668 -6.00 -32.80 29.40
C GLU A 668 -7.17 -33.70 29.01
N TYR A 669 -8.40 -33.31 29.36
CA TYR A 669 -9.59 -34.09 29.05
C TYR A 669 -10.20 -33.74 27.69
N THR A 670 -9.69 -32.72 26.99
CA THR A 670 -10.27 -32.35 25.70
C THR A 670 -9.99 -33.42 24.65
N LYS A 671 -8.79 -34.00 24.65
CA LYS A 671 -8.45 -35.00 23.65
C LYS A 671 -9.31 -36.25 23.79
N ASP A 672 -9.49 -36.72 25.03
CA ASP A 672 -10.36 -37.88 25.25
C ASP A 672 -11.80 -37.56 24.91
N LEU A 673 -12.26 -36.36 25.25
CA LEU A 673 -13.64 -35.97 24.94
C LEU A 673 -13.86 -35.87 23.44
N GLU A 674 -12.89 -35.31 22.71
CA GLU A 674 -13.02 -35.22 21.26
C GLU A 674 -13.03 -36.60 20.63
N LEU A 675 -12.19 -37.52 21.12
CA LEU A 675 -12.18 -38.88 20.60
C LEU A 675 -13.51 -39.57 20.89
N ASN A 676 -14.08 -39.35 22.09
CA ASN A 676 -15.37 -39.93 22.42
C ASN A 676 -16.47 -39.38 21.52
N LEU A 677 -16.43 -38.07 21.23
CA LEU A 677 -17.41 -37.47 20.34
C LEU A 677 -17.29 -38.04 18.93
N GLN A 678 -16.06 -38.26 18.45
CA GLN A 678 -15.86 -38.86 17.15
C GLN A 678 -16.43 -40.29 17.10
N LYS A 679 -16.19 -41.07 18.15
CA LYS A 679 -16.70 -42.44 18.19
C LYS A 679 -18.23 -42.45 18.25
N ILE A 680 -18.81 -41.53 19.03
CA ILE A 680 -20.27 -41.51 19.20
C ILE A 680 -20.96 -41.15 17.89
N PHE A 681 -20.49 -40.10 17.21
CA PHE A 681 -21.08 -39.75 15.92
C PHE A 681 -20.71 -40.75 14.84
N GLY A 682 -19.57 -41.43 14.97
CA GLY A 682 -19.25 -42.50 14.04
C GLY A 682 -20.18 -43.70 14.21
N LYS A 683 -20.55 -44.00 15.45
CA LYS A 683 -21.51 -45.08 15.70
C LYS A 683 -22.92 -44.67 15.31
N LEU A 684 -23.29 -43.41 15.53
CA LEU A 684 -24.66 -42.97 15.25
C LEU A 684 -24.84 -42.67 13.78
N PHE A 685 -23.93 -41.92 13.18
CA PHE A 685 -24.04 -41.53 11.79
C PHE A 685 -22.86 -42.04 10.97
N SER A 702 -20.61 -36.99 3.13
CA SER A 702 -20.01 -35.71 2.81
C SER A 702 -18.74 -35.48 3.62
N SER A 703 -18.89 -35.20 4.91
CA SER A 703 -17.77 -34.97 5.81
C SER A 703 -18.28 -34.95 7.24
N LEU A 704 -17.44 -35.41 8.17
CA LEU A 704 -17.84 -35.42 9.56
C LEU A 704 -17.96 -34.01 10.12
N ASP A 705 -17.08 -33.10 9.68
CA ASP A 705 -17.11 -31.73 10.18
C ASP A 705 -18.40 -31.03 9.77
N GLU A 706 -18.87 -31.26 8.54
CA GLU A 706 -20.14 -30.69 8.13
C GLU A 706 -21.29 -31.28 8.94
N LEU A 707 -21.20 -32.58 9.27
CA LEU A 707 -22.24 -33.21 10.08
C LEU A 707 -22.30 -32.62 11.48
N ARG A 708 -21.13 -32.35 12.08
CA ARG A 708 -21.11 -31.73 13.41
C ARG A 708 -21.69 -30.32 13.36
N GLU A 709 -21.35 -29.56 12.32
CA GLU A 709 -21.89 -28.21 12.17
C GLU A 709 -23.41 -28.25 11.99
N SER A 710 -23.90 -29.19 11.17
CA SER A 710 -25.34 -29.33 10.98
C SER A 710 -26.03 -29.75 12.28
N TRP A 711 -25.39 -30.64 13.04
CA TRP A 711 -25.96 -31.03 14.34
C TRP A 711 -26.01 -29.86 15.30
N TRP A 712 -24.94 -29.05 15.33
CA TRP A 712 -24.92 -27.91 16.24
C TRP A 712 -25.99 -26.88 15.87
N ASN A 713 -26.15 -26.60 14.58
CA ASN A 713 -27.12 -25.59 14.15
C ASN A 713 -28.55 -26.02 14.45
N THR A 714 -28.86 -27.30 14.28
CA THR A 714 -30.22 -27.81 14.47
C THR A 714 -30.54 -28.20 15.90
N ASN A 715 -29.55 -28.24 16.80
CA ASN A 715 -29.75 -28.55 18.21
C ASN A 715 -29.34 -27.44 19.17
N LYS A 716 -28.72 -26.35 18.68
CA LYS A 716 -28.44 -25.21 19.55
C LYS A 716 -29.72 -24.54 20.03
N LYS A 717 -30.83 -24.71 19.29
CA LYS A 717 -32.10 -24.11 19.72
C LYS A 717 -32.55 -24.69 21.05
N TYR A 718 -32.48 -26.01 21.20
CA TYR A 718 -32.90 -26.66 22.44
C TYR A 718 -31.82 -26.60 23.51
N ILE A 719 -30.55 -26.60 23.11
CA ILE A 719 -29.46 -26.60 24.08
C ILE A 719 -29.43 -25.27 24.84
N TRP A 720 -29.68 -24.15 24.13
CA TRP A 720 -29.72 -22.86 24.80
C TRP A 720 -30.85 -22.79 25.81
N LEU A 721 -32.03 -23.31 25.44
CA LEU A 721 -33.14 -23.35 26.39
C LEU A 721 -32.86 -24.34 27.52
N ALA A 722 -32.12 -25.42 27.24
CA ALA A 722 -31.80 -26.40 28.27
C ALA A 722 -30.90 -25.80 29.34
N MET A 723 -29.92 -24.98 28.93
CA MET A 723 -29.01 -24.37 29.90
C MET A 723 -29.72 -23.39 30.82
N LYS A 724 -30.76 -22.71 30.32
CA LYS A 724 -31.54 -21.77 31.13
C LYS A 724 -32.63 -22.53 31.89
N HIS A 725 -32.17 -23.29 32.90
CA HIS A 725 -33.05 -24.05 33.78
C HIS A 725 -33.89 -25.07 32.99
N GLY A 726 -33.20 -26.02 32.37
CA GLY A 726 -33.84 -27.05 31.58
C GLY A 726 -34.25 -28.26 32.40
N ALA A 727 -35.53 -28.31 32.76
CA ALA A 727 -36.13 -29.43 33.47
C ALA A 727 -37.24 -30.10 32.67
N GLY A 728 -38.17 -29.32 32.14
CA GLY A 728 -39.19 -29.86 31.26
C GLY A 728 -39.02 -29.38 29.83
N MET A 729 -38.61 -30.27 28.94
CA MET A 729 -38.31 -29.91 27.55
C MET A 729 -39.64 -29.71 26.82
N ASN A 730 -39.99 -28.45 26.57
CA ASN A 730 -41.20 -28.11 25.87
C ASN A 730 -40.99 -28.25 24.36
N SER A 731 -42.07 -28.03 23.59
CA SER A 731 -41.98 -28.14 22.14
C SER A 731 -41.10 -27.04 21.55
N THR A 732 -41.06 -25.87 22.19
CA THR A 732 -40.26 -24.74 21.71
C THR A 732 -40.72 -24.27 20.33
N THR A 741 -37.22 -13.91 29.85
CA THR A 741 -38.66 -13.81 29.97
C THR A 741 -39.15 -14.46 31.25
N GLY A 742 -40.14 -15.34 31.13
CA GLY A 742 -40.66 -16.06 32.28
C GLY A 742 -39.87 -17.27 32.70
N SER A 743 -38.81 -17.60 31.97
CA SER A 743 -37.98 -18.75 32.29
C SER A 743 -37.01 -18.37 33.41
N GLY A 744 -35.99 -19.21 33.63
CA GLY A 744 -35.01 -18.95 34.66
C GLY A 744 -33.99 -17.88 34.32
N SER A 745 -33.97 -17.42 33.08
CA SER A 745 -33.05 -16.37 32.66
C SER A 745 -33.69 -15.56 31.53
N SER A 746 -33.19 -14.35 31.36
CA SER A 746 -33.66 -13.42 30.34
C SER A 746 -32.49 -12.81 29.59
N CYS A 747 -31.52 -13.66 29.23
CA CYS A 747 -30.29 -13.18 28.61
C CYS A 747 -30.55 -12.68 27.19
N ASP A 748 -31.02 -13.56 26.31
CA ASP A 748 -31.20 -13.22 24.91
C ASP A 748 -32.36 -14.06 24.36
N ASP A 749 -32.53 -14.04 23.04
CA ASP A 749 -33.62 -14.75 22.40
C ASP A 749 -33.30 -16.24 22.33
N ILE A 750 -34.15 -17.00 21.64
CA ILE A 750 -33.95 -18.44 21.52
C ILE A 750 -32.65 -18.79 20.81
N PRO A 751 -32.37 -18.30 19.58
CA PRO A 751 -31.14 -18.74 18.89
C PRO A 751 -29.87 -18.22 19.54
N THR A 752 -29.82 -16.91 19.83
CA THR A 752 -28.64 -16.27 20.41
C THR A 752 -27.41 -16.47 19.52
N ILE A 753 -27.50 -15.87 18.33
CA ILE A 753 -26.49 -16.05 17.30
C ILE A 753 -25.17 -15.46 17.79
N ASP A 754 -24.16 -16.32 17.90
CA ASP A 754 -22.81 -15.93 18.31
C ASP A 754 -21.78 -16.68 17.46
N LEU A 755 -22.04 -16.78 16.16
CA LEU A 755 -21.16 -17.49 15.24
C LEU A 755 -19.94 -16.62 14.95
N ILE A 756 -18.99 -16.66 15.87
CA ILE A 756 -17.75 -15.86 15.82
C ILE A 756 -16.62 -16.85 16.11
N PRO A 757 -15.40 -16.65 15.60
CA PRO A 757 -14.29 -17.52 16.03
C PRO A 757 -13.98 -17.36 17.51
N GLN A 758 -13.49 -18.45 18.11
CA GLN A 758 -13.20 -18.45 19.53
C GLN A 758 -12.06 -17.50 19.90
N TYR A 759 -11.15 -17.25 18.96
CA TYR A 759 -10.05 -16.31 19.23
C TYR A 759 -10.57 -14.90 19.51
N LEU A 760 -11.53 -14.44 18.71
CA LEU A 760 -12.07 -13.10 18.92
C LEU A 760 -12.88 -13.02 20.21
N ARG A 761 -13.62 -14.08 20.53
CA ARG A 761 -14.41 -14.09 21.75
C ARG A 761 -13.52 -14.05 22.99
N PHE A 762 -12.41 -14.79 22.97
CA PHE A 762 -11.45 -14.70 24.06
C PHE A 762 -10.82 -13.31 24.12
N LEU A 763 -10.56 -12.71 22.95
CA LEU A 763 -10.01 -11.36 22.92
C LEU A 763 -10.99 -10.34 23.52
N GLN A 764 -12.27 -10.47 23.18
CA GLN A 764 -13.27 -9.56 23.73
C GLN A 764 -13.42 -9.75 25.23
N GLU A 765 -13.37 -11.00 25.70
CA GLU A 765 -13.49 -11.26 27.13
C GLU A 765 -12.30 -10.68 27.89
N TRP A 766 -11.09 -10.84 27.34
CA TRP A 766 -9.91 -10.28 27.98
C TRP A 766 -9.95 -8.76 28.00
N VAL A 767 -10.40 -8.15 26.90
CA VAL A 767 -10.52 -6.70 26.84
C VAL A 767 -11.59 -6.21 27.80
N GLU A 768 -12.68 -6.96 27.93
CA GLU A 768 -13.73 -6.59 28.88
C GLU A 768 -13.24 -6.66 30.32
N HIS A 769 -12.48 -7.72 30.65
CA HIS A 769 -11.91 -7.82 31.98
C HIS A 769 -10.90 -6.70 32.23
N PHE A 770 -10.09 -6.38 31.22
CA PHE A 770 -9.18 -5.25 31.33
C PHE A 770 -9.93 -3.94 31.49
N CYS A 771 -11.03 -3.78 30.75
CA CYS A 771 -11.83 -2.56 30.84
C CYS A 771 -12.48 -2.43 32.21
N LYS A 772 -12.88 -3.55 32.81
CA LYS A 772 -13.41 -3.52 34.16
C LYS A 772 -12.36 -3.07 35.17
N GLN A 773 -11.13 -3.61 35.04
CA GLN A 773 -10.04 -3.19 35.91
C GLN A 773 -9.68 -1.73 35.67
N ARG A 774 -9.67 -1.30 34.42
CA ARG A 774 -9.33 0.08 34.10
C ARG A 774 -10.35 1.06 34.67
N GLN A 775 -11.63 0.72 34.58
CA GLN A 775 -12.68 1.60 35.08
C GLN A 775 -12.60 1.74 36.60
N GLU A 776 -12.38 0.63 37.31
CA GLU A 776 -12.30 0.69 38.77
C GLU A 776 -11.07 1.47 39.24
N LYS A 777 -9.99 1.43 38.46
CA LYS A 777 -8.80 2.22 38.79
C LYS A 777 -8.96 3.69 38.41
N VAL A 778 -9.65 3.97 37.30
CA VAL A 778 -9.78 5.33 36.79
C VAL A 778 -10.86 6.11 37.53
N LYS A 779 -11.86 5.43 38.11
CA LYS A 779 -12.89 6.12 38.88
C LYS A 779 -12.33 6.91 40.06
N PRO A 780 -11.45 6.36 40.91
CA PRO A 780 -10.83 7.20 41.95
C PRO A 780 -10.02 8.37 41.38
N VAL A 781 -9.35 8.17 40.25
CA VAL A 781 -8.53 9.23 39.67
C VAL A 781 -9.41 10.40 39.25
N ILE A 782 -10.51 10.13 38.55
CA ILE A 782 -11.38 11.20 38.08
C ILE A 782 -12.05 11.90 39.24
N GLU A 783 -12.38 11.16 40.31
CA GLU A 783 -13.14 11.75 41.40
C GLU A 783 -12.32 12.76 42.21
N ASN A 784 -10.98 12.65 42.20
CA ASN A 784 -10.10 13.55 42.94
C ASN A 784 -8.96 14.09 42.08
N CYS A 785 -9.17 14.16 40.76
CA CYS A 785 -8.28 14.88 39.85
C CYS A 785 -9.09 15.64 38.82
N LYS A 786 -10.20 16.24 39.25
CA LYS A 786 -11.12 16.96 38.36
C LYS A 786 -10.70 18.41 38.21
N SER A 787 -9.45 18.63 37.80
CA SER A 787 -8.88 19.97 37.63
C SER A 787 -8.90 20.76 38.95
N CYS A 788 -8.64 20.05 40.05
CA CYS A 788 -8.65 20.67 41.37
C CYS A 788 -7.63 20.01 42.30
N CYS A 799 -2.28 20.00 42.60
CA CYS A 799 -2.50 18.94 43.56
C CYS A 799 -1.17 18.46 44.13
N LYS A 800 -1.02 18.59 45.45
CA LYS A 800 0.23 18.22 46.09
C LYS A 800 0.36 16.70 46.22
N THR A 801 -0.55 16.07 46.97
CA THR A 801 -0.52 14.64 47.16
C THR A 801 -1.87 13.95 47.04
N GLU A 802 -2.99 14.69 47.02
CA GLU A 802 -4.30 14.07 47.01
C GLU A 802 -4.62 13.38 45.70
N CYS A 803 -4.01 13.80 44.59
CA CYS A 803 -4.30 13.24 43.28
C CYS A 803 -3.15 12.42 42.70
N LYS A 804 -1.91 12.85 42.91
CA LYS A 804 -0.78 12.17 42.28
C LYS A 804 -0.58 10.75 42.82
N ASN A 805 -1.03 10.48 44.05
CA ASN A 805 -0.85 9.15 44.63
C ASN A 805 -1.59 8.08 43.84
N LYS A 806 -2.83 8.36 43.45
CA LYS A 806 -3.59 7.40 42.65
C LYS A 806 -3.13 7.39 41.19
N CYS A 807 -2.59 8.52 40.71
CA CYS A 807 -2.02 8.55 39.37
C CYS A 807 -0.81 7.62 39.28
N GLU A 808 0.03 7.61 40.32
CA GLU A 808 1.15 6.67 40.37
C GLU A 808 0.66 5.23 40.46
N VAL A 809 -0.42 5.00 41.22
CA VAL A 809 -0.96 3.65 41.36
C VAL A 809 -1.47 3.15 40.01
N TYR A 810 -2.18 4.01 39.26
CA TYR A 810 -2.61 3.63 37.92
C TYR A 810 -1.43 3.42 36.99
N LYS A 811 -0.41 4.27 37.09
CA LYS A 811 0.80 4.08 36.31
C LYS A 811 1.52 2.80 36.70
N LYS A 812 1.60 2.52 38.00
CA LYS A 812 2.24 1.28 38.45
C LYS A 812 1.43 0.06 38.03
N PHE A 813 0.10 0.17 38.03
CA PHE A 813 -0.76 -0.96 37.70
C PHE A 813 -0.55 -1.44 36.27
N ILE A 814 -0.37 -0.50 35.33
CA ILE A 814 -0.22 -0.87 33.93
C ILE A 814 1.23 -1.19 33.58
N GLU A 815 2.20 -0.56 34.26
CA GLU A 815 3.60 -0.61 33.85
C GLU A 815 4.36 -1.80 34.44
N ASP A 816 3.67 -2.89 34.76
CA ASP A 816 4.36 -4.10 35.22
C ASP A 816 3.39 -5.27 35.15
N CYS A 817 3.89 -6.44 35.54
CA CYS A 817 3.08 -7.66 35.61
C CYS A 817 2.50 -7.86 37.01
N LYS A 818 1.81 -6.84 37.51
CA LYS A 818 1.25 -6.89 38.86
C LYS A 818 0.11 -5.89 38.95
N GLY A 819 -0.69 -6.04 39.99
CA GLY A 819 -1.82 -5.14 40.24
C GLY A 819 -3.15 -5.60 39.70
N GLY A 820 -3.18 -5.97 38.42
CA GLY A 820 -4.40 -6.43 37.79
C GLY A 820 -4.26 -7.86 37.30
N ASP A 821 -5.38 -8.57 37.27
CA ASP A 821 -5.39 -9.96 36.83
C ASP A 821 -5.34 -10.03 35.31
N GLY A 822 -4.65 -11.04 34.81
CA GLY A 822 -4.52 -11.27 33.38
C GLY A 822 -3.08 -11.13 32.90
N THR A 823 -2.87 -11.56 31.66
CA THR A 823 -1.60 -11.54 30.93
C THR A 823 -0.63 -12.61 31.42
N ALA A 824 -1.01 -13.36 32.46
CA ALA A 824 -0.20 -14.47 32.98
C ALA A 824 1.17 -13.99 33.46
N GLY A 825 1.16 -12.97 34.31
CA GLY A 825 2.39 -12.44 34.87
C GLY A 825 3.32 -11.82 33.84
N SER A 826 2.79 -10.90 33.04
CA SER A 826 3.60 -10.19 32.04
C SER A 826 2.98 -8.82 31.79
N SER A 827 3.78 -7.94 31.19
CA SER A 827 3.32 -6.59 30.90
C SER A 827 2.18 -6.61 29.88
N TRP A 828 1.30 -5.61 29.99
CA TRP A 828 0.17 -5.53 29.08
C TRP A 828 0.60 -5.26 27.64
N VAL A 829 1.66 -4.48 27.44
CA VAL A 829 2.10 -4.14 26.09
C VAL A 829 2.62 -5.37 25.33
N LYS A 830 3.25 -6.32 26.02
CA LYS A 830 3.76 -7.51 25.32
C LYS A 830 2.62 -8.40 24.85
N ARG A 831 1.61 -8.58 25.69
CA ARG A 831 0.46 -9.41 25.29
C ARG A 831 -0.34 -8.73 24.20
N TRP A 832 -0.46 -7.40 24.25
CA TRP A 832 -1.15 -6.67 23.19
C TRP A 832 -0.41 -6.80 21.86
N ASP A 833 0.92 -6.77 21.90
CA ASP A 833 1.71 -6.97 20.69
C ASP A 833 1.52 -8.37 20.14
N GLN A 834 1.47 -9.37 21.03
CA GLN A 834 1.22 -10.74 20.59
C GLN A 834 -0.17 -10.88 19.98
N ILE A 835 -1.17 -10.21 20.56
CA ILE A 835 -2.51 -10.23 19.99
C ILE A 835 -2.53 -9.56 18.62
N TYR A 836 -1.82 -8.43 18.48
CA TYR A 836 -1.77 -7.74 17.21
C TYR A 836 -1.07 -8.59 16.15
N LYS A 837 0.02 -9.25 16.52
CA LYS A 837 0.73 -10.10 15.57
C LYS A 837 -0.14 -11.28 15.13
N ARG A 838 -0.83 -11.92 16.08
CA ARG A 838 -1.66 -13.06 15.74
C ARG A 838 -2.87 -12.66 14.91
N TYR A 839 -3.48 -11.51 15.23
CA TYR A 839 -4.60 -11.02 14.44
C TYR A 839 -4.16 -10.67 13.02
N SER A 840 -2.97 -10.07 12.87
CA SER A 840 -2.45 -9.77 11.55
C SER A 840 -2.16 -11.03 10.77
N LYS A 841 -1.69 -12.09 11.45
CA LYS A 841 -1.41 -13.35 10.77
C LYS A 841 -2.69 -13.97 10.21
N TYR A 842 -3.78 -13.92 10.97
CA TYR A 842 -5.05 -14.43 10.47
C TYR A 842 -5.55 -13.60 9.29
N ILE A 843 -5.36 -12.28 9.35
CA ILE A 843 -5.77 -11.41 8.25
C ILE A 843 -4.98 -11.74 6.99
N GLU A 844 -3.66 -11.93 7.13
CA GLU A 844 -2.85 -12.31 5.98
C GLU A 844 -3.23 -13.69 5.45
N ASP A 845 -3.45 -14.65 6.36
CA ASP A 845 -3.80 -16.00 5.93
C ASP A 845 -5.14 -16.05 5.21
N ALA A 846 -6.13 -15.32 5.73
CA ALA A 846 -7.42 -15.28 5.07
C ALA A 846 -7.34 -14.56 3.73
N LYS A 847 -6.46 -13.55 3.62
CA LYS A 847 -6.38 -12.75 2.41
C LYS A 847 -5.64 -13.48 1.29
N ARG A 848 -4.63 -14.29 1.60
CA ARG A 848 -3.79 -14.92 0.59
C ARG A 848 -4.06 -16.40 0.40
N ASN A 849 -4.36 -17.15 1.47
CA ASN A 849 -4.58 -18.58 1.32
C ASN A 849 -5.86 -18.86 0.53
N ARG A 850 -6.92 -18.10 0.78
CA ARG A 850 -8.21 -18.27 0.12
C ARG A 850 -8.38 -17.14 -0.90
N LYS A 851 -8.37 -17.49 -2.18
CA LYS A 851 -8.64 -16.50 -3.22
C LYS A 851 -10.05 -15.96 -3.12
N ALA A 852 -11.02 -16.83 -2.85
CA ALA A 852 -12.42 -16.43 -2.72
C ALA A 852 -13.06 -17.34 -1.69
N GLY A 853 -13.14 -16.87 -0.44
CA GLY A 853 -13.73 -17.63 0.63
C GLY A 853 -15.18 -17.26 0.91
N THR A 854 -15.44 -15.96 0.97
CA THR A 854 -16.78 -15.44 1.21
C THR A 854 -17.55 -15.31 -0.10
N LYS A 855 -18.83 -14.96 0.03
CA LYS A 855 -19.72 -14.79 -1.12
C LYS A 855 -19.89 -16.10 -1.88
N ASN A 856 -20.13 -17.18 -1.13
CA ASN A 856 -20.32 -18.51 -1.69
C ASN A 856 -21.57 -19.10 -1.08
N CYS A 857 -22.64 -19.18 -1.86
CA CYS A 857 -23.91 -19.73 -1.40
C CYS A 857 -24.60 -20.51 -2.51
N CYS A 870 -23.58 -15.01 0.89
CA CYS A 870 -23.23 -15.09 2.31
C CYS A 870 -21.83 -15.64 2.50
N VAL A 871 -21.51 -16.04 3.73
CA VAL A 871 -20.22 -16.60 4.05
C VAL A 871 -20.34 -18.11 4.18
N GLN A 872 -19.19 -18.79 4.16
CA GLN A 872 -19.15 -20.24 4.30
C GLN A 872 -19.14 -20.70 5.75
N SER A 873 -19.17 -19.77 6.71
CA SER A 873 -19.22 -20.09 8.13
C SER A 873 -17.98 -20.84 8.60
N ASP A 874 -16.82 -20.53 8.02
CA ASP A 874 -15.55 -21.09 8.45
C ASP A 874 -14.69 -19.97 9.03
N ILE A 875 -13.45 -20.33 9.39
CA ILE A 875 -12.56 -19.38 10.04
C ILE A 875 -12.14 -18.28 9.06
N ASP A 876 -11.91 -18.63 7.80
CA ASP A 876 -11.41 -17.66 6.83
C ASP A 876 -12.50 -16.69 6.37
N SER A 877 -13.77 -17.14 6.34
CA SER A 877 -14.83 -16.28 5.85
C SER A 877 -15.05 -15.08 6.76
N PHE A 878 -14.98 -15.29 8.08
CA PHE A 878 -15.20 -14.20 9.02
C PHE A 878 -14.11 -13.14 8.92
N PHE A 879 -12.85 -13.57 8.79
CA PHE A 879 -11.77 -12.61 8.59
C PHE A 879 -11.86 -11.95 7.22
N LYS A 880 -12.34 -12.68 6.20
CA LYS A 880 -12.59 -12.07 4.90
C LYS A 880 -13.65 -10.99 4.99
N HIS A 881 -14.72 -11.24 5.74
CA HIS A 881 -15.75 -10.23 5.93
C HIS A 881 -15.21 -9.02 6.68
N LEU A 882 -14.36 -9.26 7.69
CA LEU A 882 -13.77 -8.15 8.44
C LEU A 882 -12.86 -7.32 7.56
N ILE A 883 -12.09 -7.96 6.68
CA ILE A 883 -11.21 -7.23 5.76
C ILE A 883 -12.03 -6.38 4.80
N ASP A 884 -13.15 -6.93 4.31
CA ASP A 884 -14.02 -6.16 3.42
C ASP A 884 -14.61 -4.95 4.15
N ILE A 885 -15.01 -5.13 5.41
CA ILE A 885 -15.55 -4.01 6.18
C ILE A 885 -14.44 -3.00 6.48
N GLY A 886 -13.22 -3.48 6.73
CA GLY A 886 -12.10 -2.62 7.05
C GLY A 886 -11.58 -2.72 8.46
N LEU A 887 -12.07 -3.67 9.25
CA LEU A 887 -11.63 -3.85 10.63
C LEU A 887 -10.47 -4.85 10.70
N THR A 888 -9.41 -4.52 9.95
CA THR A 888 -8.24 -5.38 9.90
C THR A 888 -7.33 -5.24 11.11
N THR A 889 -7.43 -4.11 11.87
CA THR A 889 -6.69 -3.91 13.10
C THR A 889 -7.51 -4.42 14.28
N PRO A 890 -6.89 -4.98 15.35
CA PRO A 890 -7.70 -5.34 16.53
C PRO A 890 -8.35 -4.15 17.21
N SER A 891 -7.73 -2.97 17.16
CA SER A 891 -8.29 -1.80 17.81
C SER A 891 -9.61 -1.38 17.17
N SER A 892 -9.69 -1.43 15.83
CA SER A 892 -10.92 -1.11 15.15
C SER A 892 -12.02 -2.11 15.50
N TYR A 893 -11.67 -3.39 15.58
CA TYR A 893 -12.64 -4.42 15.95
C TYR A 893 -13.15 -4.21 17.37
N LEU A 894 -12.25 -3.90 18.30
CA LEU A 894 -12.66 -3.70 19.70
C LEU A 894 -13.53 -2.46 19.84
N SER A 895 -13.21 -1.39 19.11
CA SER A 895 -13.99 -0.15 19.23
C SER A 895 -15.42 -0.34 18.71
N ILE A 896 -15.58 -1.02 17.58
CA ILE A 896 -16.92 -1.22 17.02
C ILE A 896 -17.74 -2.16 17.90
N VAL A 897 -17.12 -3.24 18.40
CA VAL A 897 -17.87 -4.24 19.14
C VAL A 897 -18.16 -3.78 20.56
N LEU A 898 -17.17 -3.17 21.22
CA LEU A 898 -17.38 -2.71 22.58
C LEU A 898 -18.31 -1.50 22.60
N ASP A 899 -18.87 -1.23 23.78
CA ASP A 899 -19.81 -0.13 23.92
C ASP A 899 -19.13 1.22 24.08
N ASP A 900 -17.81 1.23 24.28
CA ASP A 900 -16.97 2.42 24.39
C ASP A 900 -17.15 3.17 25.71
N ASN A 901 -17.98 2.67 26.62
CA ASN A 901 -18.22 3.34 27.88
C ASN A 901 -17.86 2.51 29.10
N ILE A 902 -17.57 1.22 28.92
CA ILE A 902 -17.24 0.36 30.06
C ILE A 902 -15.88 0.71 30.65
N CYS A 903 -15.03 1.42 29.91
CA CYS A 903 -13.70 1.74 30.39
C CYS A 903 -13.38 3.21 30.16
N GLY A 904 -12.58 3.77 31.06
CA GLY A 904 -12.08 5.13 30.93
C GLY A 904 -12.90 6.22 31.55
N ALA A 905 -14.22 6.19 31.32
CA ALA A 905 -15.17 7.21 31.77
C ALA A 905 -14.94 8.55 31.08
N ASP A 906 -14.23 8.54 29.95
CA ASP A 906 -13.99 9.76 29.18
C ASP A 906 -14.10 9.50 27.68
N LYS A 907 -14.63 8.36 27.26
CA LYS A 907 -14.76 8.01 25.85
C LYS A 907 -13.39 7.86 25.18
N ALA A 908 -12.53 7.08 25.82
CA ALA A 908 -11.18 6.85 25.30
C ALA A 908 -11.24 5.93 24.09
N PRO A 909 -10.93 6.41 22.89
CA PRO A 909 -10.97 5.53 21.72
C PRO A 909 -9.87 4.48 21.76
N TRP A 910 -10.16 3.34 21.14
CA TRP A 910 -9.18 2.27 21.00
C TRP A 910 -8.26 2.47 19.81
N THR A 911 -8.57 3.41 18.92
CA THR A 911 -7.76 3.66 17.74
C THR A 911 -6.75 4.78 17.92
N THR A 912 -6.94 5.65 18.91
CA THR A 912 -6.02 6.76 19.16
C THR A 912 -4.80 6.22 19.89
N TYR A 913 -3.78 5.86 19.12
CA TYR A 913 -2.55 5.33 19.70
C TYR A 913 -1.79 6.42 20.44
N THR A 914 -1.23 6.05 21.60
CA THR A 914 -0.44 6.94 22.41
C THR A 914 0.87 6.26 22.77
N THR A 915 1.93 7.08 22.89
CA THR A 915 3.27 6.58 23.17
C THR A 915 3.81 7.22 24.44
N TYR A 916 4.47 6.40 25.27
CA TYR A 916 5.09 6.85 26.50
C TYR A 916 6.51 6.31 26.57
N THR A 917 7.41 7.12 27.16
CA THR A 917 8.82 6.76 27.25
C THR A 917 9.20 6.15 28.59
N THR A 918 8.63 6.65 29.69
CA THR A 918 8.98 6.13 31.00
C THR A 918 8.48 4.70 31.17
N THR A 919 9.30 3.86 31.80
CA THR A 919 8.95 2.47 32.03
C THR A 919 9.05 2.12 33.51
N ASN A 935 16.46 1.05 34.60
CA ASN A 935 17.70 1.74 34.26
C ASN A 935 17.65 2.27 32.82
N THR A 936 17.09 1.46 31.92
CA THR A 936 16.98 1.82 30.51
C THR A 936 15.54 2.22 30.20
N ALA A 937 15.39 3.24 29.36
CA ALA A 937 14.08 3.75 28.95
C ALA A 937 13.81 3.33 27.51
N VAL A 938 12.71 2.60 27.31
CA VAL A 938 12.30 2.13 26.00
C VAL A 938 10.94 2.72 25.67
N VAL A 939 10.82 3.32 24.49
CA VAL A 939 9.57 3.93 24.08
C VAL A 939 8.55 2.84 23.76
N VAL A 940 7.34 2.99 24.32
CA VAL A 940 6.26 2.04 24.10
C VAL A 940 5.07 2.80 23.52
N ASN A 941 4.62 2.39 22.34
CA ASN A 941 3.50 3.02 21.66
C ASN A 941 2.37 2.00 21.58
N VAL A 942 1.25 2.30 22.23
CA VAL A 942 0.12 1.38 22.34
C VAL A 942 -1.17 2.18 22.25
N PRO A 943 -2.34 1.54 22.18
CA PRO A 943 -3.59 2.29 22.09
C PRO A 943 -3.87 3.11 23.35
N SER A 944 -4.91 3.94 23.25
CA SER A 944 -5.26 4.87 24.33
C SER A 944 -5.59 4.18 25.64
N PRO A 945 -6.40 3.11 25.69
CA PRO A 945 -6.63 2.44 26.99
C PRO A 945 -5.35 1.90 27.63
N LEU A 946 -4.36 1.49 26.83
CA LEU A 946 -3.07 1.07 27.36
C LEU A 946 -2.19 2.31 27.47
N GLY A 947 -2.28 2.99 28.60
CA GLY A 947 -1.53 4.22 28.81
C GLY A 947 -1.20 4.42 30.26
N ASN A 948 -0.14 5.20 30.51
CA ASN A 948 0.25 5.50 31.88
C ASN A 948 -0.79 6.33 32.61
N THR A 949 -1.54 7.14 31.88
CA THR A 949 -2.60 7.99 32.42
C THR A 949 -3.82 7.86 31.54
N PRO A 950 -4.99 8.27 32.04
CA PRO A 950 -6.21 8.24 31.22
C PRO A 950 -6.11 9.18 30.04
N HIS A 951 -7.01 8.98 29.07
CA HIS A 951 -7.03 9.77 27.85
C HIS A 951 -7.26 11.25 28.15
N GLY A 952 -6.29 12.08 27.75
CA GLY A 952 -6.31 13.48 28.07
C GLY A 952 -5.81 13.83 29.45
N TYR A 953 -5.36 12.84 30.22
CA TYR A 953 -4.81 13.07 31.55
C TYR A 953 -3.29 13.16 31.57
N LYS A 954 -2.65 13.14 30.41
CA LYS A 954 -1.22 13.39 30.35
C LYS A 954 -0.92 14.82 30.81
N TYR A 955 0.09 14.95 31.68
CA TYR A 955 0.45 16.17 32.42
C TYR A 955 -0.75 16.89 33.03
N ALA A 956 -1.76 16.13 33.46
CA ALA A 956 -2.98 16.67 34.06
C ALA A 956 -3.21 16.20 35.49
N CYS A 957 -2.83 14.96 35.83
CA CYS A 957 -2.93 14.52 37.21
C CYS A 957 -1.87 15.17 38.09
N GLN A 958 -0.81 15.70 37.49
CA GLN A 958 0.14 16.54 38.21
C GLN A 958 -0.46 17.89 38.58
N CYS A 959 -1.53 18.30 37.90
CA CYS A 959 -2.24 19.55 38.17
C CYS A 959 -1.32 20.75 37.97
N LYS A 960 -0.81 20.86 36.76
CA LYS A 960 0.06 21.95 36.33
C LYS A 960 -0.68 22.86 35.34
N ILE A 961 0.04 23.86 34.85
CA ILE A 961 -0.50 24.82 33.90
C ILE A 961 -0.72 24.13 32.55
N PRO A 962 -1.55 24.69 31.67
CA PRO A 962 -1.80 24.03 30.37
C PRO A 962 -0.55 23.86 29.52
N THR A 963 0.38 24.81 29.58
CA THR A 963 1.64 24.75 28.82
C THR A 963 1.36 24.64 27.32
N ASN A 964 0.80 25.73 26.78
CA ASN A 964 0.34 25.77 25.40
C ASN A 964 1.45 25.46 24.39
N GLU A 965 2.70 25.77 24.74
CA GLU A 965 3.82 25.42 23.87
C GLU A 965 3.89 23.90 23.68
N GLU A 966 3.89 23.15 24.79
CA GLU A 966 3.85 21.70 24.70
C GLU A 966 2.45 21.18 24.40
N THR A 967 1.40 21.98 24.64
CA THR A 967 0.05 21.55 24.32
C THR A 967 -0.13 21.35 22.82
N CYS A 968 0.39 22.29 22.03
CA CYS A 968 0.42 22.12 20.58
C CYS A 968 1.52 21.16 20.15
N ASP A 969 2.52 20.93 21.01
CA ASP A 969 3.60 20.01 20.68
C ASP A 969 3.10 18.57 20.56
N ASP A 970 2.23 18.15 21.48
CA ASP A 970 1.72 16.79 21.42
C ASP A 970 0.71 16.61 20.28
N ARG A 971 0.12 17.70 19.79
CA ARG A 971 -0.82 17.62 18.69
C ARG A 971 -0.16 17.45 17.33
N LYS A 972 1.16 17.63 17.26
CA LYS A 972 1.91 17.53 16.00
C LYS A 972 1.43 18.58 15.01
N GLU A 973 1.35 19.82 15.47
CA GLU A 973 0.89 20.95 14.66
C GLU A 973 2.06 21.93 14.54
N TYR A 974 2.62 22.04 13.33
CA TYR A 974 3.75 22.92 13.05
C TYR A 974 4.97 22.53 13.89
N MET A 975 5.40 21.28 13.72
CA MET A 975 6.55 20.78 14.47
C MET A 975 7.84 21.41 13.95
N ASN A 976 8.70 21.82 14.87
CA ASN A 976 10.01 22.41 14.58
C ASN A 976 11.05 21.63 15.38
N GLN A 977 11.70 20.65 14.73
CA GLN A 977 12.65 19.78 15.41
C GLN A 977 14.03 20.44 15.46
N TRP A 978 14.10 21.50 16.26
CA TRP A 978 15.35 22.22 16.50
C TRP A 978 15.35 22.72 17.94
N SER A 979 16.53 22.70 18.57
CA SER A 979 16.73 23.02 19.97
C SER A 979 17.82 24.07 20.14
N CYS A 980 17.71 25.15 19.37
CA CYS A 980 18.63 26.27 19.50
C CYS A 980 18.59 26.89 20.90
N LYS A 991 28.91 33.48 32.02
CA LYS A 991 28.01 33.76 30.90
C LYS A 991 28.82 34.14 29.66
N ASN A 992 29.73 33.25 29.24
CA ASN A 992 30.54 33.53 28.07
C ASN A 992 29.70 33.56 26.80
N ASP A 993 28.88 32.52 26.59
CA ASP A 993 28.01 32.43 25.42
C ASP A 993 28.81 32.43 24.12
N ASN A 994 29.69 31.44 23.99
CA ASN A 994 30.56 31.36 22.83
C ASN A 994 29.80 30.84 21.61
N TYR A 995 29.27 29.63 21.70
CA TYR A 995 28.53 29.00 20.62
C TYR A 995 27.17 28.53 21.11
N GLU A 996 26.25 28.34 20.17
CA GLU A 996 24.95 27.72 20.42
C GLU A 996 24.87 26.42 19.63
N LEU A 997 24.31 25.39 20.27
CA LEU A 997 24.28 24.07 19.66
C LEU A 997 23.36 24.05 18.44
N CYS A 998 22.08 24.33 18.64
CA CYS A 998 21.07 24.24 17.57
C CYS A 998 21.02 22.84 16.99
N LYS A 999 21.16 21.83 17.85
CA LYS A 999 21.23 20.46 17.39
C LYS A 999 19.86 19.98 16.92
N TYR A 1000 19.87 19.02 16.00
CA TYR A 1000 18.66 18.40 15.50
C TYR A 1000 18.24 17.26 16.42
N ASN A 1001 16.93 17.09 16.59
CA ASN A 1001 16.42 16.06 17.49
C ASN A 1001 16.77 14.68 16.97
N GLY A 1002 17.21 13.80 17.89
CA GLY A 1002 17.65 12.48 17.52
C GLY A 1002 19.14 12.41 17.27
N VAL A 1003 19.62 13.25 16.34
CA VAL A 1003 21.05 13.30 16.04
C VAL A 1003 21.77 14.06 17.16
N ASP A 1004 22.86 13.48 17.66
CA ASP A 1004 23.63 14.07 18.74
C ASP A 1004 24.89 14.72 18.17
N VAL A 1005 25.16 15.95 18.59
CA VAL A 1005 26.33 16.67 18.10
C VAL A 1005 27.61 16.00 18.60
N LYS A 1006 28.57 15.85 17.70
CA LYS A 1006 29.83 15.18 17.99
C LYS A 1006 30.99 16.05 17.53
N PRO A 1007 32.18 15.83 18.06
CA PRO A 1007 33.35 16.60 17.61
C PRO A 1007 33.68 16.32 16.15
N THR A 1008 34.35 17.28 15.53
CA THR A 1008 34.68 17.16 14.11
C THR A 1008 35.64 16.01 13.84
N THR A 1009 36.51 15.69 14.80
CA THR A 1009 37.51 14.62 14.76
C THR A 1009 38.69 14.94 13.85
N VAL A 1010 38.69 16.10 13.18
CA VAL A 1010 39.81 16.53 12.35
C VAL A 1010 40.14 17.97 12.73
N ARG A 1011 39.65 18.41 13.89
CA ARG A 1011 39.87 19.77 14.36
C ARG A 1011 41.35 19.99 14.67
N SER A 1012 41.95 20.95 13.99
CA SER A 1012 43.36 21.27 14.16
C SER A 1012 43.55 22.77 14.14
N ASN A 1013 44.61 23.22 14.81
CA ASN A 1013 44.95 24.64 14.86
C ASN A 1013 46.14 25.00 13.98
N SER A 1014 46.88 24.01 13.47
CA SER A 1014 48.03 24.24 12.61
C SER A 1014 47.73 23.71 11.22
N SER A 1015 48.02 24.54 10.20
CA SER A 1015 47.77 24.21 8.80
C SER A 1015 46.29 24.04 8.50
N LYS A 1016 45.42 24.67 9.28
CA LYS A 1016 43.98 24.62 9.07
C LYS A 1016 43.41 26.03 9.10
N LEU A 1017 42.56 26.35 8.13
CA LEU A 1017 41.96 27.67 8.07
C LEU A 1017 41.03 27.91 9.26
N ASP A 1018 40.24 26.90 9.63
CA ASP A 1018 39.27 27.04 10.71
C ASP A 1018 39.19 25.73 11.49
N ASP A 1019 38.64 25.82 12.69
CA ASP A 1019 38.46 24.66 13.55
C ASP A 1019 37.14 24.79 14.30
N LYS A 1020 36.46 23.65 14.48
CA LYS A 1020 35.18 23.53 15.20
C LYS A 1020 34.12 24.50 14.66
N ASP A 1021 34.17 24.81 13.37
CA ASP A 1021 33.17 25.64 12.72
C ASP A 1021 32.43 24.94 11.60
N VAL A 1022 32.97 23.85 11.06
CA VAL A 1022 32.30 23.13 9.97
C VAL A 1022 30.99 22.52 10.46
N THR A 1023 30.96 22.04 11.71
CA THR A 1023 29.73 21.48 12.25
C THR A 1023 28.64 22.53 12.35
N PHE A 1024 28.99 23.74 12.79
CA PHE A 1024 28.02 24.84 12.82
C PHE A 1024 27.57 25.20 11.42
N PHE A 1025 28.49 25.20 10.46
CA PHE A 1025 28.14 25.57 9.08
C PHE A 1025 27.15 24.57 8.48
N ASN A 1026 27.38 23.28 8.69
CA ASN A 1026 26.45 22.27 8.18
C ASN A 1026 25.11 22.34 8.90
N LEU A 1027 25.13 22.54 10.23
CA LEU A 1027 23.88 22.66 10.98
C LEU A 1027 23.10 23.89 10.55
N PHE A 1028 23.78 25.01 10.33
CA PHE A 1028 23.10 26.22 9.87
C PHE A 1028 22.54 26.04 8.47
N GLU A 1029 23.28 25.37 7.58
CA GLU A 1029 22.79 25.12 6.23
C GLU A 1029 21.56 24.23 6.24
N GLN A 1030 21.61 23.15 7.03
CA GLN A 1030 20.46 22.25 7.14
C GLN A 1030 19.28 22.96 7.80
N TRP A 1031 19.56 23.80 8.80
CA TRP A 1031 18.51 24.58 9.43
C TRP A 1031 17.86 25.54 8.44
N ASN A 1032 18.68 26.19 7.60
CA ASN A 1032 18.14 27.12 6.62
C ASN A 1032 17.26 26.42 5.60
N LYS A 1033 17.69 25.25 5.12
CA LYS A 1033 16.91 24.51 4.12
C LYS A 1033 15.58 24.05 4.71
N GLU A 1034 15.59 23.50 5.91
CA GLU A 1034 14.37 22.97 6.52
C GLU A 1034 13.39 24.10 6.83
N ILE A 1035 13.90 25.23 7.32
CA ILE A 1035 13.01 26.35 7.67
C ILE A 1035 12.40 26.95 6.40
N GLN A 1036 13.18 27.06 5.33
CA GLN A 1036 12.65 27.57 4.08
C GLN A 1036 11.59 26.63 3.51
N TYR A 1037 11.83 25.31 3.58
CA TYR A 1037 10.82 24.36 3.13
C TYR A 1037 9.57 24.42 3.99
N GLN A 1038 9.74 24.56 5.31
CA GLN A 1038 8.58 24.67 6.20
C GLN A 1038 7.80 25.95 5.94
N ILE A 1039 8.51 27.06 5.70
CA ILE A 1039 7.84 28.33 5.41
C ILE A 1039 7.07 28.23 4.10
N GLU A 1040 7.67 27.61 3.08
CA GLU A 1040 7.00 27.46 1.79
C GLU A 1040 5.76 26.57 1.92
N GLN A 1041 5.89 25.46 2.65
CA GLN A 1041 4.75 24.55 2.81
C GLN A 1041 3.65 25.16 3.67
N TYR A 1042 4.02 25.94 4.69
CA TYR A 1042 3.03 26.50 5.60
C TYR A 1042 2.35 27.74 5.05
N MET A 1043 2.97 28.44 4.10
CA MET A 1043 2.34 29.62 3.50
C MET A 1043 1.58 29.30 2.22
N THR A 1044 1.91 28.18 1.56
CA THR A 1044 1.21 27.78 0.35
C THR A 1044 0.04 26.83 0.63
N ASN A 1045 0.09 26.09 1.74
CA ASN A 1045 -0.97 25.14 2.09
C ASN A 1045 -2.00 25.78 3.02
N THR A 1046 -1.56 26.27 4.16
CA THR A 1046 -2.46 26.89 5.13
C THR A 1046 -1.67 27.60 6.23
N ASN A 1085 -11.26 26.77 15.83
CA ASN A 1085 -10.14 25.94 15.40
C ASN A 1085 -9.05 26.79 14.77
N CYS A 1086 -9.45 27.86 14.07
CA CYS A 1086 -8.46 28.76 13.47
C CYS A 1086 -7.75 29.59 14.53
N LYS A 1087 -8.44 29.92 15.63
CA LYS A 1087 -7.81 30.72 16.68
C LYS A 1087 -6.65 29.95 17.32
N GLU A 1088 -6.85 28.66 17.63
CA GLU A 1088 -5.76 27.85 18.17
C GLU A 1088 -4.71 27.56 17.11
N LYS A 1089 -5.10 27.53 15.83
CA LYS A 1089 -4.14 27.30 14.76
C LYS A 1089 -3.11 28.42 14.69
N CYS A 1090 -3.57 29.67 14.63
CA CYS A 1090 -2.64 30.78 14.52
C CYS A 1090 -2.00 31.17 15.84
N LYS A 1091 -2.54 30.69 16.97
CA LYS A 1091 -1.80 30.78 18.23
C LYS A 1091 -0.52 29.95 18.17
N CYS A 1092 -0.65 28.69 17.77
CA CYS A 1092 0.53 27.84 17.62
C CYS A 1092 1.40 28.31 16.46
N TYR A 1093 0.77 28.85 15.41
CA TYR A 1093 1.54 29.45 14.32
C TYR A 1093 2.33 30.65 14.82
N SER A 1094 1.73 31.47 15.68
CA SER A 1094 2.46 32.60 16.26
C SER A 1094 3.60 32.13 17.14
N LEU A 1095 3.39 31.05 17.90
CA LEU A 1095 4.48 30.48 18.69
C LEU A 1095 5.59 29.96 17.79
N TRP A 1096 5.23 29.33 16.67
CA TRP A 1096 6.22 28.87 15.71
C TRP A 1096 6.97 30.04 15.08
N ILE A 1097 6.26 31.14 14.80
CA ILE A 1097 6.90 32.32 14.22
C ILE A 1097 7.92 32.89 15.21
N GLU A 1098 7.55 32.96 16.49
CA GLU A 1098 8.47 33.45 17.50
C GLU A 1098 9.67 32.52 17.66
N LYS A 1099 9.44 31.20 17.55
CA LYS A 1099 10.53 30.24 17.71
C LYS A 1099 11.57 30.38 16.61
N ILE A 1100 11.12 30.43 15.35
CA ILE A 1100 12.06 30.56 14.24
C ILE A 1100 12.75 31.92 14.26
N ASN A 1101 12.05 32.96 14.70
CA ASN A 1101 12.67 34.27 14.84
C ASN A 1101 13.79 34.25 15.86
N ASP A 1102 13.57 33.58 17.00
CA ASP A 1102 14.64 33.41 17.98
C ASP A 1102 15.77 32.58 17.41
N GLN A 1103 15.45 31.52 16.65
CA GLN A 1103 16.48 30.71 16.01
C GLN A 1103 17.26 31.53 14.98
N TRP A 1104 16.57 32.38 14.22
CA TRP A 1104 17.25 33.20 13.23
C TRP A 1104 18.18 34.21 13.90
N ASP A 1105 17.74 34.80 15.01
CA ASP A 1105 18.61 35.72 15.75
C ASP A 1105 19.84 35.00 16.30
N LYS A 1106 19.66 33.80 16.84
CA LYS A 1106 20.80 33.03 17.35
C LYS A 1106 21.74 32.65 16.23
N GLN A 1107 21.20 32.23 15.08
CA GLN A 1107 22.03 31.86 13.94
C GLN A 1107 22.79 33.07 13.40
N LYS A 1108 22.16 34.24 13.41
CA LYS A 1108 22.84 35.47 12.99
C LYS A 1108 24.01 35.78 13.91
N ASP A 1109 23.82 35.62 15.22
CA ASP A 1109 24.91 35.88 16.16
C ASP A 1109 26.06 34.90 15.96
N ASN A 1110 25.75 33.61 15.79
CA ASN A 1110 26.80 32.61 15.59
C ASN A 1110 27.52 32.82 14.27
N TYR A 1111 26.79 33.18 13.21
CA TYR A 1111 27.43 33.41 11.92
C TYR A 1111 28.32 34.63 11.96
N ASN A 1112 27.92 35.66 12.72
CA ASN A 1112 28.80 36.81 12.92
C ASN A 1112 30.06 36.41 13.66
N LYS A 1113 29.93 35.57 14.68
CA LYS A 1113 31.11 35.07 15.40
C LYS A 1113 31.97 34.21 14.47
N PHE A 1114 31.34 33.43 13.60
CA PHE A 1114 32.09 32.65 12.62
C PHE A 1114 32.86 33.56 11.66
N GLN A 1115 32.25 34.67 11.25
CA GLN A 1115 32.94 35.59 10.35
C GLN A 1115 34.15 36.22 11.02
N ARG A 1116 34.01 36.61 12.29
CA ARG A 1116 35.12 37.23 13.00
C ARG A 1116 36.27 36.26 13.21
N LYS A 1117 35.95 35.00 13.52
CA LYS A 1117 36.99 33.98 13.67
C LYS A 1117 37.71 33.75 12.35
N GLN A 1118 36.97 33.70 11.23
CA GLN A 1118 37.59 33.55 9.92
C GLN A 1118 38.47 34.75 9.58
N ILE A 1119 37.98 35.96 9.86
CA ILE A 1119 38.77 37.15 9.58
C ILE A 1119 39.98 37.23 10.51
N TYR A 1120 39.87 36.67 11.72
CA TYR A 1120 40.98 36.72 12.66
C TYR A 1120 42.19 35.94 12.15
N ASP A 1121 41.97 34.77 11.56
CA ASP A 1121 43.07 33.98 11.03
C ASP A 1121 43.37 34.37 9.58
N LYS A 1130 37.89 36.16 5.58
CA LYS A 1130 37.65 36.31 4.15
C LYS A 1130 36.47 35.45 3.70
N VAL A 1131 35.82 34.80 4.67
CA VAL A 1131 34.67 33.97 4.35
C VAL A 1131 33.51 34.84 3.89
N VAL A 1132 32.63 34.24 3.09
CA VAL A 1132 31.47 34.98 2.58
C VAL A 1132 30.53 35.32 3.71
N SER A 1133 29.75 36.38 3.53
CA SER A 1133 28.83 36.85 4.57
C SER A 1133 27.54 36.03 4.53
N LEU A 1134 26.61 36.39 5.42
CA LEU A 1134 25.33 35.68 5.49
C LEU A 1134 24.51 35.93 4.24
N SER A 1135 24.48 37.17 3.74
CA SER A 1135 23.73 37.48 2.54
C SER A 1135 24.32 36.77 1.32
N ASN A 1136 25.65 36.70 1.24
CA ASN A 1136 26.29 35.99 0.14
C ASN A 1136 25.97 34.50 0.18
N PHE A 1137 26.00 33.90 1.38
CA PHE A 1137 25.70 32.49 1.50
C PHE A 1137 24.24 32.18 1.14
N LEU A 1138 23.32 33.04 1.58
CA LEU A 1138 21.91 32.81 1.27
C LEU A 1138 21.63 32.98 -0.21
N PHE A 1139 22.29 33.94 -0.85
CA PHE A 1139 22.15 34.11 -2.31
C PHE A 1139 22.68 32.88 -3.04
N PHE A 1140 23.80 32.31 -2.56
CA PHE A 1140 24.31 31.08 -3.13
C PHE A 1140 23.33 29.92 -2.93
N SER A 1141 22.64 29.90 -1.78
CA SER A 1141 21.73 28.79 -1.49
C SER A 1141 20.53 28.79 -2.43
N CYS A 1142 19.95 29.96 -2.68
CA CYS A 1142 18.83 30.06 -3.63
C CYS A 1142 19.27 29.65 -5.02
N TRP A 1143 20.45 30.12 -5.45
CA TRP A 1143 20.97 29.72 -6.75
C TRP A 1143 21.26 28.23 -6.80
N GLU A 1144 21.86 27.69 -5.75
CA GLU A 1144 22.14 26.26 -5.69
C GLU A 1144 20.86 25.44 -5.67
N GLU A 1145 19.86 25.87 -4.89
CA GLU A 1145 18.58 25.18 -4.86
C GLU A 1145 17.91 25.21 -6.23
N TYR A 1146 18.01 26.35 -6.92
CA TYR A 1146 17.45 26.44 -8.27
C TYR A 1146 18.16 25.49 -9.24
N ILE A 1147 19.48 25.41 -9.14
CA ILE A 1147 20.24 24.55 -10.06
C ILE A 1147 19.92 23.08 -9.82
N GLN A 1148 19.88 22.67 -8.55
CA GLN A 1148 19.59 21.27 -8.24
C GLN A 1148 18.15 20.92 -8.59
N LYS A 1149 17.23 21.88 -8.44
CA LYS A 1149 15.82 21.60 -8.73
C LYS A 1149 15.58 21.39 -10.22
N TYR A 1150 16.24 22.17 -11.07
CA TYR A 1150 15.97 22.16 -12.50
C TYR A 1150 17.16 21.73 -13.33
N PHE A 1151 18.34 22.32 -13.11
CA PHE A 1151 19.52 21.89 -13.84
C PHE A 1151 19.89 20.45 -13.50
N ASN A 1152 19.94 20.12 -12.22
CA ASN A 1152 20.11 18.76 -11.70
C ASN A 1152 21.50 18.18 -11.97
N GLY A 1153 22.44 18.99 -12.46
CA GLY A 1153 23.77 18.49 -12.74
C GLY A 1153 24.88 19.38 -12.23
N ASP A 1154 24.52 20.59 -11.79
CA ASP A 1154 25.48 21.57 -11.28
C ASP A 1154 26.50 21.94 -12.36
N TRP A 1155 26.00 22.33 -13.53
CA TRP A 1155 26.87 22.69 -14.64
C TRP A 1155 27.59 24.01 -14.34
N SER A 1156 28.83 24.09 -14.82
CA SER A 1156 29.62 25.30 -14.60
C SER A 1156 29.03 26.49 -15.33
N LYS A 1157 28.75 26.34 -16.62
CA LYS A 1157 28.17 27.42 -17.40
C LYS A 1157 26.68 27.54 -17.13
N ILE A 1158 26.22 28.76 -16.87
CA ILE A 1158 24.80 29.03 -16.65
C ILE A 1158 24.36 30.16 -17.58
N LYS A 1159 25.04 30.31 -18.71
CA LYS A 1159 24.68 31.35 -19.67
C LYS A 1159 23.38 31.04 -20.40
N ASN A 1160 22.96 29.77 -20.43
CA ASN A 1160 21.74 29.38 -21.14
C ASN A 1160 20.55 29.57 -20.21
N ILE A 1161 20.25 30.84 -19.94
CA ILE A 1161 19.12 31.24 -19.10
C ILE A 1161 18.38 32.35 -19.82
N GLY A 1162 17.05 32.21 -19.92
CA GLY A 1162 16.26 33.23 -20.57
C GLY A 1162 16.14 34.50 -19.76
N SER A 1163 15.73 35.56 -20.44
CA SER A 1163 15.52 36.84 -19.77
C SER A 1163 14.38 36.75 -18.75
N ASP A 1164 13.30 36.05 -19.11
CA ASP A 1164 12.20 35.86 -18.17
C ASP A 1164 12.65 35.04 -16.96
N THR A 1165 13.43 33.99 -17.19
CA THR A 1165 13.95 33.20 -16.08
C THR A 1165 14.91 34.00 -15.23
N PHE A 1166 15.77 34.82 -15.86
CA PHE A 1166 16.73 35.62 -15.11
C PHE A 1166 16.03 36.66 -14.24
N GLU A 1167 14.97 37.28 -14.78
CA GLU A 1167 14.21 38.25 -13.99
C GLU A 1167 13.52 37.58 -12.81
N PHE A 1168 13.02 36.36 -13.01
CA PHE A 1168 12.41 35.62 -11.91
C PHE A 1168 13.43 35.30 -10.82
N LEU A 1169 14.64 34.90 -11.22
CA LEU A 1169 15.67 34.60 -10.25
C LEU A 1169 16.10 35.83 -9.46
N ILE A 1170 16.24 36.97 -10.15
CA ILE A 1170 16.66 38.19 -9.47
C ILE A 1170 15.54 38.81 -8.64
N LYS A 1171 14.29 38.43 -8.87
CA LYS A 1171 13.17 38.98 -8.13
C LYS A 1171 12.65 38.07 -7.03
N LYS A 1172 12.80 36.75 -7.17
CA LYS A 1172 12.30 35.81 -6.18
C LYS A 1172 12.97 35.98 -4.83
N CYS A 1173 14.28 35.73 -4.77
CA CYS A 1173 15.02 35.76 -3.52
C CYS A 1173 16.10 36.83 -3.51
N GLY A 1174 17.04 36.81 -4.45
CA GLY A 1174 18.22 37.64 -4.39
C GLY A 1174 18.26 38.66 -5.52
N ASN A 1175 18.65 39.88 -5.17
CA ASN A 1175 18.91 40.93 -6.16
C ASN A 1175 20.34 40.75 -6.68
N ASP A 1176 20.85 41.77 -7.37
CA ASP A 1176 22.23 41.72 -7.87
C ASP A 1176 23.22 41.59 -6.71
N SER A 1177 22.99 42.31 -5.63
CA SER A 1177 23.80 42.18 -4.42
C SER A 1177 23.25 41.06 -3.56
N GLY A 1178 23.78 40.91 -2.35
CA GLY A 1178 23.34 39.90 -1.42
C GLY A 1178 22.37 40.48 -0.40
N ASP A 1179 21.15 39.94 -0.40
CA ASP A 1179 20.07 40.39 0.49
C ASP A 1179 19.33 39.18 1.05
N GLY A 1180 20.09 38.18 1.50
CA GLY A 1180 19.46 36.98 2.04
C GLY A 1180 18.67 37.24 3.31
N GLU A 1181 19.15 38.17 4.15
CA GLU A 1181 18.42 38.54 5.35
C GLU A 1181 17.07 39.16 5.01
N THR A 1182 17.03 39.97 3.95
CA THR A 1182 15.75 40.50 3.47
C THR A 1182 14.84 39.39 2.96
N ILE A 1183 15.41 38.31 2.40
CA ILE A 1183 14.62 37.17 1.95
C ILE A 1183 13.90 36.52 3.13
N PHE A 1184 14.64 36.29 4.21
CA PHE A 1184 14.03 35.67 5.39
C PHE A 1184 13.05 36.61 6.06
N SER A 1185 13.35 37.91 6.08
CA SER A 1185 12.44 38.88 6.69
C SER A 1185 11.12 38.97 5.94
N GLU A 1186 11.17 38.99 4.60
CA GLU A 1186 9.94 39.06 3.83
C GLU A 1186 9.14 37.77 3.95
N LYS A 1187 9.82 36.63 4.03
CA LYS A 1187 9.11 35.36 4.21
C LYS A 1187 8.40 35.31 5.55
N LEU A 1188 9.04 35.81 6.62
CA LEU A 1188 8.39 35.88 7.92
C LEU A 1188 7.20 36.82 7.89
N ASN A 1189 7.35 37.98 7.22
CA ASN A 1189 6.25 38.92 7.11
C ASN A 1189 5.10 38.34 6.30
N ASN A 1190 5.42 37.62 5.22
CA ASN A 1190 4.37 36.99 4.42
C ASN A 1190 3.63 35.93 5.23
N ALA A 1191 4.36 35.13 6.02
CA ALA A 1191 3.72 34.12 6.86
C ALA A 1191 2.84 34.78 7.92
N GLU A 1192 3.32 35.86 8.53
CA GLU A 1192 2.54 36.54 9.57
C GLU A 1192 1.26 37.13 9.01
N LYS A 1193 1.32 37.75 7.84
CA LYS A 1193 0.13 38.38 7.27
C LYS A 1193 -0.89 37.33 6.84
N LYS A 1194 -0.43 36.19 6.33
CA LYS A 1194 -1.34 35.09 6.02
C LYS A 1194 -1.99 34.55 7.28
N CYS A 1195 -1.22 34.45 8.36
CA CYS A 1195 -1.79 34.06 9.65
C CYS A 1195 -2.79 35.10 10.14
N LYS A 1196 -2.48 36.39 9.99
CA LYS A 1196 -3.39 37.43 10.42
C LYS A 1196 -4.65 37.45 9.57
N GLU A 1197 -4.50 37.34 8.24
CA GLU A 1197 -5.67 37.41 7.36
C GLU A 1197 -6.56 36.19 7.52
N ASN A 1198 -5.97 35.00 7.70
CA ASN A 1198 -6.78 33.80 7.87
C ASN A 1198 -7.56 33.83 9.19
N GLU A 1199 -6.93 34.32 10.26
CA GLU A 1199 -7.62 34.38 11.54
C GLU A 1199 -8.69 35.47 11.55
N SER A 1200 -8.43 36.58 10.87
CA SER A 1200 -9.40 37.68 10.84
C SER A 1200 -10.67 37.29 10.10
N THR A 1201 -10.55 36.50 9.04
CA THR A 1201 -11.70 36.06 8.27
C THR A 1201 -12.59 35.13 9.10
N SER A 1211 -22.33 54.61 -5.60
CA SER A 1211 -23.49 55.39 -5.99
C SER A 1211 -23.37 55.85 -7.44
N CYS A 1212 -24.37 55.52 -8.24
CA CYS A 1212 -24.44 55.90 -9.64
C CYS A 1212 -25.85 56.35 -9.97
N ASP A 1213 -25.96 57.49 -10.65
CA ASP A 1213 -27.25 58.02 -11.10
C ASP A 1213 -27.21 58.63 -12.49
N CYS A 1214 -26.07 58.58 -13.19
CA CYS A 1214 -25.99 59.13 -14.54
C CYS A 1214 -26.68 58.20 -15.54
N SER A 1215 -27.14 58.79 -16.63
CA SER A 1215 -27.81 58.04 -17.69
C SER A 1215 -27.54 58.74 -19.01
N GLU A 1216 -26.73 58.10 -19.87
CA GLU A 1216 -26.39 58.61 -21.19
C GLU A 1216 -26.54 57.49 -22.21
N PRO A 1217 -27.78 57.03 -22.47
CA PRO A 1217 -27.96 55.96 -23.45
C PRO A 1217 -27.99 56.44 -24.90
N ILE A 1218 -28.24 57.72 -25.15
CA ILE A 1218 -28.34 58.20 -26.51
C ILE A 1218 -26.98 58.19 -27.19
N TYR A 1219 -25.92 58.55 -26.47
CA TYR A 1219 -24.60 58.65 -27.06
C TYR A 1219 -24.02 57.27 -27.34
N ILE A 1220 -24.30 56.74 -28.53
CA ILE A 1220 -23.77 55.46 -28.98
C ILE A 1220 -23.29 55.63 -30.42
N ARG A 1221 -21.98 55.87 -30.59
CA ARG A 1221 -21.39 56.07 -31.90
C ARG A 1221 -19.89 56.01 -31.77
N GLY A 1222 -19.24 55.33 -32.72
CA GLY A 1222 -17.79 55.21 -32.75
C GLY A 1222 -17.30 53.82 -33.12
N CYS A 1223 -18.06 52.78 -32.77
CA CYS A 1223 -17.67 51.39 -32.99
C CYS A 1223 -18.88 50.59 -33.40
N GLN A 1224 -18.61 49.45 -34.05
CA GLN A 1224 -19.59 48.54 -34.61
C GLN A 1224 -19.43 47.17 -33.94
N PRO A 1225 -20.30 46.19 -34.22
CA PRO A 1225 -20.05 44.84 -33.71
C PRO A 1225 -18.72 44.28 -34.19
N LYS A 1226 -18.04 43.58 -33.29
CA LYS A 1226 -16.69 43.10 -33.58
C LYS A 1226 -16.74 41.92 -34.54
N ILE A 1227 -15.60 41.67 -35.18
CA ILE A 1227 -15.47 40.55 -36.11
C ILE A 1227 -15.25 39.27 -35.29
N TYR A 1228 -16.34 38.61 -34.92
CA TYR A 1228 -16.27 37.42 -34.09
C TYR A 1228 -16.00 36.19 -34.94
N ASP A 1229 -15.63 35.10 -34.26
CA ASP A 1229 -15.30 33.83 -34.92
C ASP A 1229 -16.59 33.05 -35.20
N GLY A 1230 -17.36 33.57 -36.15
CA GLY A 1230 -18.60 32.92 -36.54
C GLY A 1230 -19.12 33.50 -37.84
N LYS A 1231 -20.13 32.82 -38.37
CA LYS A 1231 -20.78 33.23 -39.62
C LYS A 1231 -22.29 33.11 -39.42
N ILE A 1232 -22.96 34.25 -39.31
CA ILE A 1232 -24.41 34.32 -39.10
C ILE A 1232 -25.07 34.93 -40.32
N PHE A 1233 -24.38 35.86 -40.98
CA PHE A 1233 -24.92 36.53 -42.17
C PHE A 1233 -24.61 35.72 -43.42
N GLY A 1238 -13.46 35.72 -42.86
CA GLY A 1238 -13.92 36.90 -42.16
C GLY A 1238 -13.99 36.71 -40.66
N GLU A 1239 -12.91 36.16 -40.09
CA GLU A 1239 -12.82 35.91 -38.66
C GLU A 1239 -11.40 36.21 -38.19
N LYS A 1240 -11.29 36.85 -37.04
CA LYS A 1240 -9.99 37.20 -36.49
C LYS A 1240 -9.24 35.94 -36.09
N GLN A 1241 -8.04 35.77 -36.61
CA GLN A 1241 -7.19 34.61 -36.35
C GLN A 1241 -6.14 34.94 -35.30
N TRP A 1242 -5.64 33.89 -34.65
CA TRP A 1242 -4.61 34.04 -33.63
C TRP A 1242 -3.30 34.43 -34.31
N ILE A 1243 -2.91 35.69 -34.15
CA ILE A 1243 -1.63 36.17 -34.69
C ILE A 1243 -0.55 35.75 -33.70
N CYS A 1244 -0.01 34.55 -33.89
CA CYS A 1244 0.95 33.99 -32.95
C CYS A 1244 1.90 33.02 -33.63
N GLY A 1255 6.18 37.57 -29.56
CA GLY A 1255 6.12 37.39 -28.12
C GLY A 1255 5.41 36.11 -27.72
N ALA A 1256 4.46 36.23 -26.79
CA ALA A 1256 3.74 35.05 -26.31
C ALA A 1256 2.63 34.65 -27.29
N CYS A 1257 1.67 35.54 -27.49
CA CYS A 1257 0.56 35.35 -28.43
C CYS A 1257 -0.28 36.63 -28.41
N ILE A 1258 -1.21 36.71 -29.37
CA ILE A 1258 -2.16 37.81 -29.49
C ILE A 1258 -3.54 37.20 -29.71
N PRO A 1259 -4.48 37.24 -28.76
CA PRO A 1259 -5.81 36.68 -29.04
C PRO A 1259 -6.56 37.52 -30.06
N PRO A 1260 -7.65 36.99 -30.66
CA PRO A 1260 -8.33 37.74 -31.72
C PRO A 1260 -9.18 38.90 -31.21
N ARG A 1261 -9.87 38.69 -30.09
CA ARG A 1261 -10.72 39.76 -29.55
C ARG A 1261 -9.90 40.95 -29.07
N THR A 1262 -8.65 40.73 -28.67
CA THR A 1262 -7.78 41.85 -28.30
C THR A 1262 -7.46 42.73 -29.51
N GLN A 1263 -7.46 42.16 -30.72
CA GLN A 1263 -7.12 42.92 -31.91
C GLN A 1263 -8.17 43.97 -32.26
N ASN A 1264 -9.41 43.81 -31.81
CA ASN A 1264 -10.51 44.72 -32.13
C ASN A 1264 -11.25 45.07 -30.85
N LEU A 1265 -11.37 46.37 -30.57
CA LEU A 1265 -12.08 46.87 -29.39
C LEU A 1265 -12.85 48.12 -29.79
N CYS A 1266 -13.84 48.47 -28.95
CA CYS A 1266 -14.65 49.67 -29.18
C CYS A 1266 -13.87 50.89 -28.71
N VAL A 1267 -12.85 51.23 -29.49
CA VAL A 1267 -11.92 52.32 -29.20
C VAL A 1267 -11.94 53.31 -30.37
N GLY A 1268 -13.10 53.48 -31.00
CA GLY A 1268 -13.19 54.35 -32.16
C GLY A 1268 -12.87 55.80 -31.86
N GLU A 1269 -13.11 56.25 -30.62
CA GLU A 1269 -12.74 57.60 -30.23
C GLU A 1269 -11.22 57.80 -30.29
N LEU A 1270 -10.46 56.77 -29.90
CA LEU A 1270 -9.00 56.83 -29.91
C LEU A 1270 -8.45 56.28 -31.23
N SER A 1288 -9.98 64.82 -19.98
CA SER A 1288 -10.84 64.69 -21.16
C SER A 1288 -10.99 63.23 -21.57
N LEU A 1289 -9.87 62.49 -21.52
CA LEU A 1289 -9.88 61.08 -21.87
C LEU A 1289 -10.63 60.21 -20.87
N LYS A 1290 -10.95 60.73 -19.68
CA LYS A 1290 -11.69 59.94 -18.69
C LYS A 1290 -13.08 59.59 -19.20
N GLN A 1291 -13.80 60.59 -19.71
CA GLN A 1291 -15.16 60.34 -20.21
C GLN A 1291 -15.13 59.47 -21.47
N LYS A 1292 -14.15 59.68 -22.34
CA LYS A 1292 -14.05 58.89 -23.55
C LYS A 1292 -13.78 57.42 -23.25
N ILE A 1293 -12.85 57.16 -22.33
CA ILE A 1293 -12.53 55.79 -21.97
C ILE A 1293 -13.70 55.13 -21.24
N LYS A 1294 -14.39 55.90 -20.40
CA LYS A 1294 -15.54 55.35 -19.67
C LYS A 1294 -16.66 54.95 -20.62
N ASN A 1295 -16.96 55.80 -21.60
CA ASN A 1295 -17.98 55.47 -22.59
C ASN A 1295 -17.53 54.30 -23.46
N ALA A 1296 -16.24 54.26 -23.80
CA ALA A 1296 -15.72 53.17 -24.63
C ALA A 1296 -15.84 51.82 -23.92
N ILE A 1297 -15.51 51.78 -22.63
CA ILE A 1297 -15.58 50.53 -21.89
C ILE A 1297 -17.03 50.12 -21.68
N GLN A 1298 -17.91 51.08 -21.39
CA GLN A 1298 -19.31 50.76 -21.21
C GLN A 1298 -19.95 50.28 -22.51
N LYS A 1299 -19.61 50.91 -23.64
CA LYS A 1299 -20.11 50.47 -24.93
C LYS A 1299 -19.59 49.09 -25.27
N GLU A 1300 -18.32 48.82 -24.98
CA GLU A 1300 -17.75 47.49 -25.23
C GLU A 1300 -18.42 46.43 -24.36
N THR A 1301 -18.70 46.77 -23.10
CA THR A 1301 -19.27 45.79 -22.17
C THR A 1301 -20.68 45.38 -22.60
N GLU A 1302 -21.53 46.35 -22.92
CA GLU A 1302 -22.89 46.04 -23.33
C GLU A 1302 -22.91 45.34 -24.68
N LEU A 1303 -22.02 45.74 -25.59
CA LEU A 1303 -21.90 45.05 -26.87
C LEU A 1303 -21.42 43.62 -26.68
N LEU A 1304 -20.45 43.40 -25.78
CA LEU A 1304 -19.99 42.05 -25.49
C LEU A 1304 -21.11 41.22 -24.86
N TYR A 1305 -21.90 41.84 -23.98
CA TYR A 1305 -23.04 41.14 -23.39
C TYR A 1305 -24.06 40.77 -24.45
N GLU A 1306 -24.30 41.66 -25.42
CA GLU A 1306 -25.29 41.39 -26.46
C GLU A 1306 -24.87 40.21 -27.33
N TYR A 1307 -23.59 40.15 -27.72
CA TYR A 1307 -23.14 39.05 -28.56
C TYR A 1307 -23.16 37.73 -27.80
N HIS A 1308 -22.75 37.75 -26.52
CA HIS A 1308 -22.81 36.52 -25.72
C HIS A 1308 -24.23 36.06 -25.49
N ASP A 1309 -25.20 36.98 -25.51
CA ASP A 1309 -26.60 36.58 -25.36
C ASP A 1309 -27.10 35.87 -26.61
N LYS A 1310 -26.82 36.43 -27.79
CA LYS A 1310 -27.32 35.90 -29.06
C LYS A 1310 -26.31 34.96 -29.73
N GLY A 1311 -25.04 35.36 -29.81
CA GLY A 1311 -24.01 34.56 -30.43
C GLY A 1311 -23.30 33.66 -29.43
N THR A 1312 -24.07 32.81 -28.76
CA THR A 1312 -23.55 31.94 -27.70
C THR A 1312 -23.18 30.57 -28.28
N ALA A 1313 -22.29 30.59 -29.27
CA ALA A 1313 -21.86 29.38 -29.97
C ALA A 1313 -20.37 29.39 -30.32
N ILE A 1314 -19.55 30.04 -29.48
CA ILE A 1314 -18.10 30.13 -29.70
C ILE A 1314 -17.37 29.65 -28.46
N ILE A 1315 -17.72 30.17 -27.29
CA ILE A 1315 -17.01 29.90 -26.03
C ILE A 1315 -18.00 29.44 -24.96
N SER A 1316 -19.11 28.82 -25.38
CA SER A 1316 -20.09 28.25 -24.48
C SER A 1316 -20.44 26.85 -24.96
N ARG A 1317 -20.22 25.86 -24.11
CA ARG A 1317 -20.46 24.46 -24.48
C ARG A 1317 -21.96 24.21 -24.39
N ASN A 1318 -22.67 24.53 -25.48
CA ASN A 1318 -24.12 24.35 -25.54
C ASN A 1318 -24.59 24.47 -26.98
N PRO A 1319 -25.83 24.05 -27.30
CA PRO A 1319 -26.31 24.17 -28.69
C PRO A 1319 -26.64 25.60 -29.08
N MET A 1320 -27.23 25.77 -30.26
CA MET A 1320 -27.58 27.10 -30.75
C MET A 1320 -28.54 27.82 -29.81
N LYS A 1321 -29.47 27.09 -29.19
CA LYS A 1321 -30.37 27.69 -28.21
C LYS A 1321 -29.59 28.21 -27.01
N GLY A 1322 -28.96 27.30 -26.27
CA GLY A 1322 -28.17 27.66 -25.10
C GLY A 1322 -29.06 28.03 -23.92
N GLN A 1323 -28.39 28.20 -22.77
CA GLN A 1323 -29.03 28.58 -21.51
C GLN A 1323 -30.11 27.57 -21.11
N LYS A 1324 -29.67 26.33 -20.89
CA LYS A 1324 -30.56 25.27 -20.45
C LYS A 1324 -29.78 24.15 -19.77
N ASN A 1330 -23.62 25.34 -21.10
CA ASN A 1330 -24.01 25.51 -19.69
C ASN A 1330 -24.47 26.95 -19.45
N ASN A 1331 -24.76 27.27 -18.19
CA ASN A 1331 -25.21 28.60 -17.83
C ASN A 1331 -24.78 28.90 -16.41
N ASP A 1332 -24.52 30.18 -16.13
CA ASP A 1332 -24.13 30.60 -14.79
C ASP A 1332 -25.31 30.48 -13.83
N SER A 1333 -24.98 30.36 -12.55
CA SER A 1333 -26.03 30.27 -11.53
C SER A 1333 -26.83 31.56 -11.44
N ASN A 1334 -26.19 32.71 -11.67
CA ASN A 1334 -26.89 33.99 -11.65
C ASN A 1334 -27.74 34.22 -12.90
N GLY A 1335 -27.63 33.38 -13.92
CA GLY A 1335 -28.41 33.51 -15.14
C GLY A 1335 -27.77 34.31 -16.25
N LEU A 1336 -26.53 34.77 -16.08
CA LEU A 1336 -25.84 35.50 -17.12
C LEU A 1336 -25.35 34.53 -18.19
N PRO A 1337 -24.98 35.02 -19.39
CA PRO A 1337 -24.44 34.12 -20.41
C PRO A 1337 -23.11 33.51 -19.97
N LYS A 1338 -22.88 32.28 -20.43
CA LYS A 1338 -21.64 31.58 -20.12
C LYS A 1338 -20.47 32.23 -20.85
N GLY A 1339 -19.32 32.27 -20.18
CA GLY A 1339 -18.14 32.87 -20.77
C GLY A 1339 -18.18 34.37 -20.89
N PHE A 1340 -19.01 35.05 -20.09
CA PHE A 1340 -19.14 36.50 -20.12
C PHE A 1340 -18.24 37.17 -19.09
N CYS A 1341 -18.08 36.56 -17.92
CA CYS A 1341 -17.22 37.14 -16.88
C CYS A 1341 -15.77 37.19 -17.34
N HIS A 1342 -15.29 36.09 -17.95
CA HIS A 1342 -13.89 36.02 -18.33
C HIS A 1342 -13.55 37.03 -19.42
N ALA A 1343 -14.40 37.16 -20.43
CA ALA A 1343 -14.12 38.09 -21.52
C ALA A 1343 -14.13 39.53 -21.04
N VAL A 1344 -15.05 39.87 -20.13
CA VAL A 1344 -15.11 41.22 -19.58
C VAL A 1344 -13.85 41.52 -18.76
N GLN A 1345 -13.41 40.54 -17.95
CA GLN A 1345 -12.24 40.76 -17.11
C GLN A 1345 -10.98 40.94 -17.94
N ARG A 1346 -10.81 40.13 -18.98
CA ARG A 1346 -9.64 40.29 -19.85
C ARG A 1346 -9.69 41.59 -20.62
N SER A 1347 -10.88 42.05 -21.00
CA SER A 1347 -11.01 43.35 -21.67
C SER A 1347 -10.57 44.47 -20.74
N PHE A 1348 -10.98 44.42 -19.47
CA PHE A 1348 -10.56 45.43 -18.50
C PHE A 1348 -9.05 45.35 -18.28
N ILE A 1349 -8.49 44.14 -18.26
CA ILE A 1349 -7.05 43.98 -18.10
C ILE A 1349 -6.32 44.58 -19.30
N ASP A 1350 -6.84 44.35 -20.50
CA ASP A 1350 -6.23 44.94 -21.70
C ASP A 1350 -6.31 46.45 -21.67
N TYR A 1351 -7.43 47.00 -21.23
CA TYR A 1351 -7.55 48.45 -21.09
C TYR A 1351 -6.60 48.97 -20.03
N LYS A 1352 -6.44 48.23 -18.93
CA LYS A 1352 -5.50 48.65 -17.88
C LYS A 1352 -4.08 48.69 -18.40
N ASN A 1353 -3.66 47.66 -19.14
CA ASN A 1353 -2.31 47.65 -19.71
C ASN A 1353 -2.20 48.60 -20.90
N MET A 1354 -3.32 48.91 -21.57
CA MET A 1354 -3.29 49.92 -22.62
C MET A 1354 -2.93 51.29 -22.06
N ILE A 1355 -3.64 51.72 -21.01
CA ILE A 1355 -3.42 53.04 -20.45
C ILE A 1355 -2.14 53.08 -19.62
N LEU A 1356 -1.83 52.00 -18.90
CA LEU A 1356 -0.64 51.98 -18.05
C LEU A 1356 0.63 51.81 -18.87
N GLY A 1357 0.60 50.93 -19.87
CA GLY A 1357 1.75 50.72 -20.74
C GLY A 1357 2.74 49.72 -20.19
N THR A 1358 2.26 48.60 -19.69
CA THR A 1358 3.12 47.54 -19.18
C THR A 1358 3.67 46.72 -20.35
N SER A 1359 4.31 45.60 -20.04
CA SER A 1359 4.85 44.73 -21.09
C SER A 1359 3.70 44.11 -21.88
N VAL A 1360 3.68 44.38 -23.19
CA VAL A 1360 2.66 43.86 -24.09
C VAL A 1360 3.33 43.44 -25.38
N ASN A 1361 2.93 42.27 -25.88
CA ASN A 1361 3.48 41.72 -27.12
C ASN A 1361 2.62 42.22 -28.29
N ILE A 1362 2.89 43.47 -28.68
CA ILE A 1362 2.12 44.16 -29.72
C ILE A 1362 3.08 44.95 -30.58
N TYR A 1363 2.78 45.04 -31.87
CA TYR A 1363 3.63 45.71 -32.84
C TYR A 1363 3.41 47.22 -32.75
N GLU A 1364 3.93 47.97 -33.73
CA GLU A 1364 3.91 49.43 -33.70
C GLU A 1364 2.53 50.02 -33.97
N TYR A 1365 1.52 49.21 -34.32
CA TYR A 1365 0.18 49.75 -34.55
C TYR A 1365 -0.38 50.40 -33.29
N ILE A 1366 -0.21 49.75 -32.14
CA ILE A 1366 -0.70 50.24 -30.86
C ILE A 1366 0.38 51.00 -30.08
N GLY A 1367 1.66 50.82 -30.42
CA GLY A 1367 2.72 51.52 -29.71
C GLY A 1367 2.63 53.03 -29.85
N LYS A 1368 2.15 53.51 -31.00
CA LYS A 1368 1.95 54.95 -31.17
C LYS A 1368 0.88 55.46 -30.20
N LEU A 1369 -0.20 54.70 -30.02
CA LEU A 1369 -1.24 55.10 -29.07
C LEU A 1369 -0.70 55.07 -27.64
N GLN A 1370 0.11 54.06 -27.31
CA GLN A 1370 0.68 53.98 -25.98
C GLN A 1370 1.61 55.16 -25.70
N GLU A 1371 2.42 55.55 -26.68
CA GLU A 1371 3.30 56.71 -26.51
C GLU A 1371 2.46 57.99 -26.36
N ASP A 1372 1.38 58.10 -27.12
CA ASP A 1372 0.51 59.28 -27.00
C ASP A 1372 -0.13 59.35 -25.62
N ILE A 1373 -0.58 58.21 -25.09
CA ILE A 1373 -1.19 58.21 -23.76
C ILE A 1373 -0.15 58.55 -22.69
N LYS A 1374 1.07 58.04 -22.85
CA LYS A 1374 2.13 58.34 -21.88
C LYS A 1374 2.53 59.81 -21.95
N LYS A 1375 2.52 60.40 -23.15
CA LYS A 1375 2.94 61.78 -23.30
C LYS A 1375 1.87 62.77 -22.81
N ILE A 1376 0.60 62.43 -22.97
CA ILE A 1376 -0.48 63.34 -22.54
C ILE A 1376 -0.45 63.52 -21.03
N ILE A 1377 -0.31 62.44 -20.28
CA ILE A 1377 -0.24 62.50 -18.83
C ILE A 1377 1.15 62.98 -18.42
N ASN A 1397 1.70 56.40 -8.60
CA ASN A 1397 0.66 56.20 -9.60
C ASN A 1397 -0.71 56.09 -8.95
N ALA A 1398 -0.94 56.90 -7.91
CA ALA A 1398 -2.23 56.88 -7.22
C ALA A 1398 -3.35 57.36 -8.13
N TRP A 1399 -3.06 58.24 -9.08
CA TRP A 1399 -4.07 58.69 -10.03
C TRP A 1399 -4.56 57.53 -10.89
N TRP A 1400 -3.64 56.65 -11.30
CA TRP A 1400 -4.04 55.49 -12.11
C TRP A 1400 -4.95 54.55 -11.32
N LYS A 1401 -4.66 54.33 -10.04
CA LYS A 1401 -5.52 53.49 -9.23
C LYS A 1401 -6.90 54.11 -9.04
N GLY A 1402 -6.94 55.43 -8.86
CA GLY A 1402 -8.23 56.10 -8.80
C GLY A 1402 -9.00 56.01 -10.11
N ILE A 1403 -8.28 56.07 -11.23
CA ILE A 1403 -8.91 55.89 -12.53
C ILE A 1403 -9.49 54.48 -12.64
N GLU A 1404 -8.72 53.48 -12.22
CA GLU A 1404 -9.18 52.09 -12.32
C GLU A 1404 -10.40 51.86 -11.44
N GLY A 1405 -10.42 52.44 -10.24
CA GLY A 1405 -11.61 52.35 -9.41
C GLY A 1405 -12.81 53.03 -10.04
N GLU A 1406 -12.58 54.14 -10.74
CA GLU A 1406 -13.66 54.83 -11.45
C GLU A 1406 -14.22 53.96 -12.56
N MET A 1407 -13.34 53.27 -13.31
CA MET A 1407 -13.81 52.41 -14.38
C MET A 1407 -14.56 51.21 -13.82
N TRP A 1408 -14.14 50.70 -12.65
CA TRP A 1408 -14.88 49.61 -12.01
C TRP A 1408 -16.29 50.07 -11.63
N ASP A 1409 -16.41 51.29 -11.11
CA ASP A 1409 -17.72 51.82 -10.77
C ASP A 1409 -18.57 52.00 -12.01
N ALA A 1410 -17.96 52.46 -13.12
CA ALA A 1410 -18.69 52.63 -14.36
C ALA A 1410 -19.18 51.29 -14.91
N VAL A 1411 -18.33 50.25 -14.84
CA VAL A 1411 -18.74 48.93 -15.30
C VAL A 1411 -19.83 48.38 -14.41
N ARG A 1412 -19.75 48.63 -13.10
CA ARG A 1412 -20.81 48.22 -12.19
C ARG A 1412 -22.12 48.93 -12.53
N CYS A 1413 -22.06 50.23 -12.82
CA CYS A 1413 -23.27 50.97 -13.18
C CYS A 1413 -23.86 50.46 -14.49
N ALA A 1414 -23.00 50.13 -15.45
CA ALA A 1414 -23.48 49.60 -16.73
C ALA A 1414 -24.15 48.24 -16.54
N ILE A 1415 -23.59 47.39 -15.68
CA ILE A 1415 -24.19 46.07 -15.43
C ILE A 1415 -25.55 46.22 -14.76
N THR A 1416 -25.67 47.16 -13.82
CA THR A 1416 -26.96 47.39 -13.17
C THR A 1416 -27.99 47.92 -14.17
N LYS A 1417 -27.55 48.78 -15.10
CA LYS A 1417 -28.45 49.26 -16.14
C LYS A 1417 -28.90 48.12 -17.05
N ILE A 1418 -27.99 47.20 -17.35
CA ILE A 1418 -28.36 46.01 -18.14
C ILE A 1418 -29.37 45.17 -17.36
N ASN A 1419 -29.18 45.05 -16.04
CA ASN A 1419 -30.15 44.35 -15.22
C ASN A 1419 -31.47 45.11 -15.18
N LYS A 1420 -31.42 46.44 -15.17
CA LYS A 1420 -32.65 47.24 -15.11
C LYS A 1420 -33.47 47.05 -16.38
N LYS A 1421 -32.85 47.17 -17.55
CA LYS A 1421 -33.55 47.00 -18.82
C LYS A 1421 -33.84 45.54 -19.15
N GLN A 1422 -33.31 44.59 -18.37
CA GLN A 1422 -33.60 43.16 -18.54
C GLN A 1422 -34.69 42.69 -17.59
N LYS A 1423 -35.68 43.55 -17.33
CA LYS A 1423 -36.86 43.34 -16.50
C LYS A 1423 -36.58 43.40 -15.01
N LYS A 1424 -35.33 43.54 -14.57
CA LYS A 1424 -34.97 43.61 -13.15
C LYS A 1424 -35.39 42.32 -12.43
N ASN A 1425 -34.89 41.19 -12.94
CA ASN A 1425 -35.19 39.91 -12.32
C ASN A 1425 -34.60 39.81 -10.93
N GLY A 1426 -33.39 40.34 -10.74
CA GLY A 1426 -32.76 40.33 -9.43
C GLY A 1426 -31.70 41.42 -9.36
N THR A 1427 -31.27 41.69 -8.13
CA THR A 1427 -30.25 42.70 -7.87
C THR A 1427 -28.88 42.05 -7.88
N PHE A 1428 -28.03 42.45 -8.82
CA PHE A 1428 -26.68 41.91 -8.91
C PHE A 1428 -25.85 42.82 -9.80
N SER A 1429 -24.70 43.28 -9.27
CA SER A 1429 -23.76 44.13 -10.00
C SER A 1429 -22.41 43.44 -10.19
N ILE A 1430 -21.77 43.01 -9.11
CA ILE A 1430 -20.45 42.38 -9.19
C ILE A 1430 -20.38 41.04 -8.47
N ASP A 1431 -21.37 40.65 -7.67
CA ASP A 1431 -21.32 39.37 -6.96
C ASP A 1431 -21.56 38.17 -7.86
N GLU A 1432 -21.86 38.37 -9.15
CA GLU A 1432 -22.10 37.24 -10.04
C GLU A 1432 -20.84 36.39 -10.20
N CYS A 1433 -19.68 37.04 -10.30
CA CYS A 1433 -18.40 36.42 -10.60
C CYS A 1433 -17.33 36.86 -9.61
N GLY A 1434 -17.69 36.95 -8.34
CA GLY A 1434 -16.77 37.38 -7.30
C GLY A 1434 -16.78 38.87 -7.09
N ILE A 1435 -17.02 39.30 -5.85
CA ILE A 1435 -17.09 40.73 -5.57
C ILE A 1435 -15.72 41.38 -5.73
N PHE A 1436 -14.66 40.69 -5.30
CA PHE A 1436 -13.33 41.25 -5.35
C PHE A 1436 -12.84 41.34 -6.80
N PRO A 1437 -11.91 42.26 -7.10
CA PRO A 1437 -11.38 42.35 -8.46
C PRO A 1437 -10.26 41.34 -8.68
N PRO A 1438 -9.78 41.16 -9.91
CA PRO A 1438 -8.63 40.28 -10.13
C PRO A 1438 -7.33 40.93 -9.68
N THR A 1439 -6.75 40.42 -8.59
CA THR A 1439 -5.52 40.93 -7.99
C THR A 1439 -4.45 39.84 -7.94
N GLY A 1440 -4.36 39.06 -9.01
CA GLY A 1440 -3.36 38.00 -9.03
C GLY A 1440 -1.95 38.57 -9.07
N ASN A 1441 -1.05 37.92 -8.32
CA ASN A 1441 0.35 38.33 -8.31
C ASN A 1441 0.99 38.11 -9.67
N ASP A 1442 0.63 37.03 -10.35
CA ASP A 1442 1.15 36.76 -11.68
C ASP A 1442 0.66 37.82 -12.67
N GLU A 1443 1.43 37.99 -13.75
CA GLU A 1443 1.06 38.95 -14.77
C GLU A 1443 -0.26 38.55 -15.43
N ASP A 1444 -1.15 39.52 -15.57
CA ASP A 1444 -2.50 39.28 -16.09
C ASP A 1444 -2.61 39.40 -17.59
N GLN A 1445 -1.52 39.69 -18.31
CA GLN A 1445 -1.54 39.78 -19.77
C GLN A 1445 -1.25 38.42 -20.41
N SER A 1446 -0.07 37.87 -20.15
CA SER A 1446 0.30 36.60 -20.78
C SER A 1446 -0.49 35.44 -20.21
N VAL A 1447 -0.70 35.42 -18.89
CA VAL A 1447 -1.41 34.31 -18.26
C VAL A 1447 -2.87 34.29 -18.70
N SER A 1448 -3.52 35.46 -18.73
CA SER A 1448 -4.93 35.52 -19.11
C SER A 1448 -5.13 35.14 -20.58
N TRP A 1449 -4.22 35.57 -21.45
CA TRP A 1449 -4.30 35.18 -22.85
C TRP A 1449 -4.06 33.68 -23.01
N PHE A 1450 -3.13 33.13 -22.23
CA PHE A 1450 -2.92 31.69 -22.22
C PHE A 1450 -4.17 30.96 -21.71
N LYS A 1451 -4.82 31.52 -20.69
CA LYS A 1451 -6.07 30.96 -20.21
C LYS A 1451 -7.15 30.98 -21.29
N GLU A 1452 -7.24 32.08 -22.04
CA GLU A 1452 -8.22 32.19 -23.10
C GLU A 1452 -7.96 31.19 -24.22
N TRP A 1453 -6.68 30.99 -24.57
CA TRP A 1453 -6.33 30.06 -25.63
C TRP A 1453 -6.73 28.63 -25.27
N SER A 1454 -6.44 28.23 -24.03
CA SER A 1454 -6.77 26.87 -23.60
C SER A 1454 -8.28 26.66 -23.50
N GLU A 1455 -9.00 27.68 -23.04
CA GLU A 1455 -10.45 27.58 -22.95
C GLU A 1455 -11.08 27.41 -24.33
N GLN A 1456 -10.61 28.19 -25.31
CA GLN A 1456 -11.10 28.02 -26.68
C GLN A 1456 -10.68 26.67 -27.26
N PHE A 1457 -9.45 26.25 -26.98
CA PHE A 1457 -9.00 24.93 -27.44
C PHE A 1457 -9.80 23.82 -26.79
N CYS A 1458 -10.06 23.93 -25.48
CA CYS A 1458 -10.78 22.88 -24.78
C CYS A 1458 -12.23 22.79 -25.22
N ILE A 1459 -12.88 23.94 -25.43
CA ILE A 1459 -14.27 23.94 -25.86
C ILE A 1459 -14.39 23.38 -27.27
N GLU A 1460 -13.49 23.78 -28.17
CA GLU A 1460 -13.55 23.30 -29.54
C GLU A 1460 -13.21 21.82 -29.63
N ARG A 1461 -12.31 21.33 -28.77
CA ARG A 1461 -12.01 19.90 -28.74
C ARG A 1461 -13.23 19.10 -28.32
N LEU A 1462 -13.97 19.58 -27.32
CA LEU A 1462 -15.17 18.89 -26.88
C LEU A 1462 -16.24 18.87 -27.97
N GLN A 1463 -16.39 19.98 -28.69
CA GLN A 1463 -17.35 20.03 -29.79
C GLN A 1463 -16.95 19.06 -30.91
N TYR A 1464 -15.66 19.03 -31.24
CA TYR A 1464 -15.19 18.11 -32.28
C TYR A 1464 -15.31 16.66 -31.81
N GLU A 1465 -15.06 16.41 -30.52
CA GLU A 1465 -15.26 15.06 -29.98
C GLU A 1465 -16.72 14.65 -30.07
N LYS A 1466 -17.63 15.57 -29.76
CA LYS A 1466 -19.06 15.28 -29.89
C LYS A 1466 -19.43 14.97 -31.34
N ASN A 1467 -18.95 15.81 -32.28
CA ASN A 1467 -19.28 15.63 -33.69
C ASN A 1467 -18.76 14.30 -34.21
N ILE A 1468 -17.55 13.92 -33.81
CA ILE A 1468 -16.99 12.64 -34.24
C ILE A 1468 -17.80 11.49 -33.65
N ARG A 1469 -18.13 11.57 -32.36
CA ARG A 1469 -18.86 10.48 -31.71
C ARG A 1469 -20.31 10.37 -32.17
N ASP A 1470 -20.89 11.47 -32.70
CA ASP A 1470 -22.22 11.40 -33.28
C ASP A 1470 -22.22 10.99 -34.74
N ALA A 1471 -21.10 11.15 -35.45
CA ALA A 1471 -21.00 10.91 -36.89
C ALA A 1471 -20.09 9.76 -37.28
N CYS A 1472 -19.31 9.19 -36.36
CA CYS A 1472 -18.36 8.12 -36.65
C CYS A 1472 -18.41 7.05 -35.57
N THR A 1473 -19.63 6.68 -35.17
CA THR A 1473 -19.88 5.61 -34.20
C THR A 1473 -20.37 4.32 -34.83
N ASN A 1474 -21.00 4.38 -36.01
CA ASN A 1474 -21.49 3.18 -36.69
C ASN A 1474 -20.34 2.45 -37.38
N ASP A 1479 -14.64 -2.99 -41.05
CA ASP A 1479 -15.04 -1.60 -41.25
C ASP A 1479 -13.83 -0.73 -41.54
N LYS A 1480 -14.03 0.28 -42.39
CA LYS A 1480 -13.00 1.24 -42.78
C LYS A 1480 -13.60 2.64 -42.73
N ILE A 1481 -12.78 3.63 -43.05
CA ILE A 1481 -13.16 5.05 -43.01
C ILE A 1481 -13.18 5.55 -44.45
N GLN A 1482 -14.39 5.69 -45.00
CA GLN A 1482 -14.58 6.23 -46.34
C GLN A 1482 -15.77 7.19 -46.45
N GLY A 1483 -16.53 7.42 -45.37
CA GLY A 1483 -17.72 8.24 -45.41
C GLY A 1483 -17.51 9.63 -44.84
N ASP A 1484 -18.30 9.98 -43.83
CA ASP A 1484 -18.27 11.30 -43.22
C ASP A 1484 -17.35 11.38 -42.00
N CYS A 1485 -16.38 10.47 -41.89
CA CYS A 1485 -15.46 10.40 -40.76
C CYS A 1485 -14.04 10.82 -41.10
N LYS A 1486 -13.60 10.62 -42.34
CA LYS A 1486 -12.27 11.06 -42.74
C LYS A 1486 -12.16 12.58 -42.69
N ARG A 1487 -13.19 13.29 -43.16
CA ARG A 1487 -13.15 14.75 -43.15
C ARG A 1487 -13.10 15.30 -41.74
N LYS A 1488 -13.88 14.71 -40.81
CA LYS A 1488 -13.89 15.20 -39.44
C LYS A 1488 -12.56 14.94 -38.75
N CYS A 1489 -12.00 13.75 -38.92
CA CYS A 1489 -10.73 13.42 -38.30
C CYS A 1489 -9.59 14.23 -38.92
N GLU A 1490 -9.62 14.44 -40.24
CA GLU A 1490 -8.57 15.20 -40.90
C GLU A 1490 -8.58 16.67 -40.46
N GLU A 1491 -9.78 17.24 -40.31
CA GLU A 1491 -9.88 18.61 -39.80
C GLU A 1491 -9.36 18.70 -38.37
N TYR A 1492 -9.66 17.68 -37.55
CA TYR A 1492 -9.16 17.66 -36.18
C TYR A 1492 -7.64 17.57 -36.16
N LYS A 1493 -7.06 16.77 -37.05
CA LYS A 1493 -5.61 16.61 -37.09
C LYS A 1493 -4.92 17.92 -37.45
N LYS A 1494 -5.47 18.65 -38.43
CA LYS A 1494 -4.95 19.98 -38.74
C LYS A 1494 -5.12 20.92 -37.56
N TYR A 1495 -6.27 20.85 -36.88
CA TYR A 1495 -6.52 21.71 -35.74
C TYR A 1495 -5.54 21.43 -34.60
N ILE A 1496 -5.26 20.16 -34.33
CA ILE A 1496 -4.30 19.81 -33.28
C ILE A 1496 -2.90 20.26 -33.67
N SER A 1497 -2.57 20.19 -34.97
CA SER A 1497 -1.24 20.58 -35.42
C SER A 1497 -1.01 22.08 -35.21
N GLU A 1498 -2.01 22.90 -35.54
CA GLU A 1498 -1.89 24.33 -35.33
C GLU A 1498 -1.79 24.68 -33.85
N LYS A 1499 -2.65 24.07 -33.03
CA LYS A 1499 -2.61 24.32 -31.59
C LYS A 1499 -1.37 23.72 -30.93
N LYS A 1500 -0.77 22.70 -31.54
CA LYS A 1500 0.49 22.18 -31.01
C LYS A 1500 1.60 23.20 -31.13
N GLN A 1501 1.69 23.88 -32.28
CA GLN A 1501 2.70 24.92 -32.46
C GLN A 1501 2.48 26.07 -31.49
N GLU A 1502 1.22 26.49 -31.32
CA GLU A 1502 0.90 27.53 -30.35
C GLU A 1502 1.14 27.04 -28.93
N TRP A 1503 0.88 25.75 -28.67
CA TRP A 1503 1.13 25.20 -27.34
C TRP A 1503 2.62 25.21 -27.00
N ASP A 1504 3.47 24.85 -27.96
CA ASP A 1504 4.91 24.84 -27.71
C ASP A 1504 5.42 26.25 -27.42
N LYS A 1505 4.97 27.24 -28.19
CA LYS A 1505 5.41 28.61 -27.97
C LYS A 1505 4.91 29.14 -26.63
N GLN A 1506 3.64 28.90 -26.33
CA GLN A 1506 3.07 29.39 -25.07
C GLN A 1506 3.67 28.67 -23.87
N LYS A 1507 3.87 27.36 -23.97
CA LYS A 1507 4.45 26.62 -22.86
C LYS A 1507 5.90 27.04 -22.62
N THR A 1508 6.66 27.27 -23.69
CA THR A 1508 8.04 27.71 -23.53
C THR A 1508 8.11 29.09 -22.86
N LYS A 1509 7.25 30.01 -23.29
CA LYS A 1509 7.23 31.35 -22.69
C LYS A 1509 6.82 31.29 -21.23
N TYR A 1510 5.82 30.46 -20.90
CA TYR A 1510 5.40 30.31 -19.51
C TYR A 1510 6.50 29.70 -18.66
N GLU A 1511 7.22 28.70 -19.19
CA GLU A 1511 8.29 28.08 -18.43
C GLU A 1511 9.44 29.04 -18.20
N ASN A 1512 9.78 29.88 -19.19
CA ASN A 1512 10.81 30.88 -18.99
C ASN A 1512 10.39 31.89 -17.94
N LYS A 1513 9.12 32.30 -17.95
CA LYS A 1513 8.63 33.26 -16.97
C LYS A 1513 8.41 32.59 -15.61
N TYR A 1514 7.54 31.59 -15.56
CA TYR A 1514 7.22 30.86 -14.33
C TYR A 1514 7.78 29.46 -14.45
N VAL A 1515 8.92 29.21 -13.81
CA VAL A 1515 9.53 27.89 -13.84
C VAL A 1515 9.08 27.00 -12.68
N GLY A 1516 8.69 27.59 -11.56
CA GLY A 1516 8.26 26.77 -10.43
C GLY A 1516 6.98 26.01 -10.71
N LYS A 1517 5.99 26.68 -11.30
CA LYS A 1517 4.69 26.09 -11.59
C LYS A 1517 4.69 25.50 -13.01
N SER A 1518 3.63 24.75 -13.29
CA SER A 1518 3.39 24.10 -14.58
C SER A 1518 2.16 24.72 -15.24
N ALA A 1519 1.92 24.32 -16.49
CA ALA A 1519 0.82 24.85 -17.29
C ALA A 1519 -0.44 23.99 -17.20
N SER A 1520 -0.28 22.66 -17.29
CA SER A 1520 -1.45 21.78 -17.34
C SER A 1520 -2.24 21.84 -16.04
N ASP A 1521 -1.57 21.89 -14.89
CA ASP A 1521 -2.27 21.96 -13.62
C ASP A 1521 -3.06 23.25 -13.49
N LEU A 1522 -2.51 24.36 -13.98
CA LEU A 1522 -3.22 25.63 -13.94
C LEU A 1522 -4.51 25.58 -14.75
N LEU A 1523 -4.45 25.02 -15.96
CA LEU A 1523 -5.62 24.99 -16.81
C LEU A 1523 -6.70 24.07 -16.25
N LYS A 1524 -6.28 22.93 -15.66
CA LYS A 1524 -7.25 21.96 -15.16
C LYS A 1524 -8.05 22.51 -13.98
N GLU A 1525 -7.40 23.25 -13.08
CA GLU A 1525 -8.10 23.74 -11.89
C GLU A 1525 -9.03 24.89 -12.24
N ASN A 1526 -8.61 25.79 -13.15
CA ASN A 1526 -9.44 26.95 -13.47
C ASN A 1526 -10.64 26.58 -14.32
N TYR A 1527 -10.45 25.71 -15.31
CA TYR A 1527 -11.46 25.38 -16.31
C TYR A 1527 -11.81 23.89 -16.20
N PRO A 1528 -12.95 23.51 -15.62
CA PRO A 1528 -13.32 22.08 -15.62
C PRO A 1528 -13.88 21.57 -16.94
N GLU A 1529 -13.79 22.33 -18.03
CA GLU A 1529 -14.22 21.82 -19.33
C GLU A 1529 -13.43 20.59 -19.74
N CYS A 1530 -12.12 20.76 -19.90
CA CYS A 1530 -11.23 19.71 -20.38
C CYS A 1530 -10.54 18.99 -19.22
N ILE A 1531 -11.36 18.41 -18.34
CA ILE A 1531 -10.81 17.47 -17.36
C ILE A 1531 -10.34 16.18 -18.04
N SER A 1532 -10.89 15.84 -19.20
CA SER A 1532 -10.55 14.61 -19.91
C SER A 1532 -9.37 14.75 -20.86
N ALA A 1533 -8.88 15.96 -21.08
CA ALA A 1533 -7.78 16.20 -22.01
C ALA A 1533 -6.44 16.11 -21.28
N ASN A 1534 -5.39 15.79 -22.06
CA ASN A 1534 -4.02 15.72 -21.56
C ASN A 1534 -3.13 16.36 -22.61
N PHE A 1535 -2.51 17.50 -22.27
CA PHE A 1535 -1.68 18.21 -23.22
C PHE A 1535 -0.38 17.46 -23.54
N ASP A 1536 0.09 16.60 -22.63
CA ASP A 1536 1.31 15.84 -22.90
C ASP A 1536 1.11 14.86 -24.05
N PHE A 1537 -0.03 14.15 -24.07
CA PHE A 1537 -0.27 13.17 -25.13
C PHE A 1537 -0.77 13.83 -26.40
N ILE A 1538 -1.66 14.81 -26.28
CA ILE A 1538 -2.26 15.43 -27.46
C ILE A 1538 -1.20 16.21 -28.24
N PHE A 1539 -0.36 16.95 -27.54
CA PHE A 1539 0.73 17.74 -28.12
C PHE A 1539 2.09 17.09 -27.84
N ASN A 1540 2.13 15.76 -27.91
CA ASN A 1540 3.38 15.04 -27.69
C ASN A 1540 4.37 15.33 -28.80
N ASP A 1541 5.62 15.58 -28.44
CA ASP A 1541 6.64 16.09 -29.35
C ASP A 1541 7.56 15.00 -29.90
N ASN A 1542 7.26 13.73 -29.65
CA ASN A 1542 8.12 12.66 -30.16
C ASN A 1542 7.84 12.41 -31.64
N ILE A 1543 8.77 11.68 -32.26
CA ILE A 1543 8.66 11.43 -33.70
C ILE A 1543 7.67 10.28 -33.97
N GLU A 1544 7.58 9.29 -33.08
CA GLU A 1544 6.68 8.17 -33.28
C GLU A 1544 5.22 8.53 -33.02
N TYR A 1545 4.94 9.68 -32.42
CA TYR A 1545 3.56 10.09 -32.20
C TYR A 1545 2.82 10.32 -33.51
N LYS A 1546 3.52 10.76 -34.55
CA LYS A 1546 2.91 11.07 -35.83
C LYS A 1546 2.76 9.84 -36.74
N THR A 1547 3.05 8.63 -36.25
CA THR A 1547 2.90 7.38 -36.99
C THR A 1547 1.95 6.41 -36.32
N TYR A 1548 2.14 6.14 -35.02
CA TYR A 1548 1.32 5.14 -34.33
C TYR A 1548 -0.02 5.74 -33.88
N TYR A 1549 -0.02 7.01 -33.45
CA TYR A 1549 -1.22 7.72 -33.04
C TYR A 1549 -1.22 9.09 -33.71
N PRO A 1550 -1.35 9.14 -35.04
CA PRO A 1550 -1.19 10.42 -35.74
C PRO A 1550 -2.35 11.39 -35.58
N TYR A 1551 -3.49 10.94 -35.04
CA TYR A 1551 -4.70 11.76 -34.99
C TYR A 1551 -4.95 12.41 -33.64
N GLY A 1552 -4.07 12.24 -32.66
CA GLY A 1552 -4.14 13.04 -31.46
C GLY A 1552 -5.25 12.67 -30.49
N ASP A 1553 -5.12 11.52 -29.83
CA ASP A 1553 -5.97 11.00 -28.75
C ASP A 1553 -7.30 10.42 -29.27
N TYR A 1554 -7.62 10.53 -30.57
CA TYR A 1554 -8.80 9.91 -31.16
C TYR A 1554 -8.39 9.00 -32.32
N SER A 1555 -7.21 8.39 -32.23
CA SER A 1555 -6.80 7.43 -33.26
C SER A 1555 -7.68 6.19 -33.23
N SER A 1556 -8.05 5.73 -32.03
CA SER A 1556 -8.88 4.53 -31.92
C SER A 1556 -10.27 4.77 -32.51
N ILE A 1557 -10.86 5.94 -32.25
CA ILE A 1557 -12.19 6.23 -32.80
C ILE A 1557 -12.12 6.42 -34.30
N CYS A 1558 -11.10 7.15 -34.79
CA CYS A 1558 -10.98 7.43 -36.20
C CYS A 1558 -10.49 6.24 -37.02
N SER A 1559 -9.91 5.21 -36.38
CA SER A 1559 -9.43 4.03 -37.08
C SER A 1559 -10.46 2.92 -37.14
N CYS A 1560 -11.22 2.72 -36.06
CA CYS A 1560 -12.26 1.69 -35.97
C CYS A 1560 -11.69 0.28 -36.17
N GLU A 1561 -10.43 0.07 -35.77
CA GLU A 1561 -9.76 -1.22 -35.82
C GLU A 1561 -9.91 -1.90 -34.46
N GLN A 1562 -9.21 -3.03 -34.29
CA GLN A 1562 -9.20 -3.79 -33.05
C GLN A 1562 -7.75 -4.03 -32.63
N VAL A 1563 -7.49 -3.84 -31.34
CA VAL A 1563 -6.15 -4.00 -30.78
C VAL A 1563 -5.93 -5.47 -30.40
N LYS A 1564 -4.66 -5.88 -30.40
CA LYS A 1564 -4.32 -7.24 -30.04
C LYS A 1564 -2.85 -7.29 -29.62
N TYR A 1565 -2.53 -8.25 -28.75
CA TYR A 1565 -1.18 -8.47 -28.25
C TYR A 1565 -0.66 -9.76 -28.85
N TYR A 1566 0.31 -9.65 -29.75
CA TYR A 1566 0.92 -10.81 -30.39
C TYR A 1566 1.95 -11.41 -29.44
N GLU A 1567 1.64 -12.57 -28.90
CA GLU A 1567 2.52 -13.22 -27.93
C GLU A 1567 3.75 -13.80 -28.63
N TYR A 1568 4.58 -14.50 -27.84
CA TYR A 1568 5.79 -15.10 -28.39
C TYR A 1568 5.45 -16.19 -29.41
N ASN A 1569 4.42 -16.99 -29.12
CA ASN A 1569 3.99 -18.06 -30.02
C ASN A 1569 3.04 -17.59 -31.11
N ASN A 1570 2.68 -16.30 -31.16
CA ASN A 1570 1.74 -15.80 -32.15
C ASN A 1570 2.48 -15.57 -33.46
N ALA A 1571 1.84 -14.87 -34.41
CA ALA A 1571 2.43 -14.64 -35.71
C ALA A 1571 3.64 -13.72 -35.60
N GLU A 1572 4.41 -13.65 -36.69
CA GLU A 1572 5.63 -12.87 -36.71
C GLU A 1572 5.39 -11.37 -36.56
N LYS A 1573 4.18 -10.88 -36.89
CA LYS A 1573 3.88 -9.46 -36.80
C LYS A 1573 3.75 -9.07 -35.33
N LYS A 1574 4.90 -8.83 -34.70
CA LYS A 1574 4.91 -8.48 -33.29
C LYS A 1574 4.32 -7.09 -33.07
N ASN A 1575 3.97 -6.82 -31.82
CA ASN A 1575 3.35 -5.54 -31.43
C ASN A 1575 4.45 -4.61 -30.93
N ASN A 1576 5.13 -3.97 -31.88
CA ASN A 1576 6.20 -3.00 -31.61
C ASN A 1576 5.72 -1.57 -31.74
N LYS A 1577 4.43 -1.32 -31.49
CA LYS A 1577 3.81 -0.01 -31.64
C LYS A 1577 3.64 0.58 -30.24
N SER A 1578 4.52 1.51 -29.88
CA SER A 1578 4.49 2.09 -28.55
C SER A 1578 5.17 3.47 -28.58
N LEU A 1579 4.79 4.29 -27.61
CA LEU A 1579 5.39 5.61 -27.39
C LEU A 1579 6.24 5.63 -26.10
N CYS A 1580 6.83 4.50 -25.74
CA CYS A 1580 7.68 4.43 -24.57
C CYS A 1580 9.02 5.11 -24.86
N HIS A 1581 9.41 6.03 -23.99
CA HIS A 1581 10.72 6.66 -24.10
C HIS A 1581 11.79 5.78 -23.48
N GLU A 1582 13.02 5.93 -23.96
CA GLU A 1582 14.15 5.23 -23.38
C GLU A 1582 14.38 5.72 -21.96
N LYS A 1583 14.42 4.79 -21.01
CA LYS A 1583 14.51 5.15 -19.60
C LYS A 1583 15.86 5.79 -19.30
N GLY A 1584 15.84 6.76 -18.40
CA GLY A 1584 17.06 7.46 -18.01
C GLY A 1584 17.17 7.57 -16.50
N ASN A 1585 18.42 7.59 -16.04
CA ASN A 1585 18.72 7.69 -14.62
C ASN A 1585 18.82 9.13 -14.13
N ASP A 1586 18.65 10.12 -15.01
CA ASP A 1586 18.77 11.52 -14.59
C ASP A 1586 17.59 11.98 -13.75
N ARG A 1587 16.42 11.36 -13.90
CA ARG A 1587 15.25 11.79 -13.16
C ARG A 1587 15.42 11.51 -11.67
N THR A 1588 14.74 12.34 -10.85
CA THR A 1588 14.86 12.33 -9.40
C THR A 1588 13.48 12.25 -8.78
N TRP A 1589 13.45 12.25 -7.44
CA TRP A 1589 12.21 12.14 -6.68
C TRP A 1589 11.52 13.50 -6.61
N SER A 1590 10.19 13.46 -6.57
CA SER A 1590 9.39 14.67 -6.44
C SER A 1590 8.02 14.30 -5.89
N LYS A 1591 7.43 15.23 -5.14
CA LYS A 1591 6.16 15.02 -4.45
C LYS A 1591 4.96 15.61 -5.21
N LYS A 1592 5.14 16.02 -6.46
CA LYS A 1592 4.04 16.60 -7.21
C LYS A 1592 3.04 15.53 -7.62
N TYR A 1593 1.82 15.97 -7.94
CA TYR A 1593 0.71 15.15 -8.42
C TYR A 1593 0.17 14.17 -7.38
N ILE A 1594 0.55 14.33 -6.10
CA ILE A 1594 0.08 13.48 -5.02
C ILE A 1594 -1.05 14.19 -4.29
N LYS A 1595 -2.15 13.47 -4.05
CA LYS A 1595 -3.30 14.02 -3.34
C LYS A 1595 -2.91 14.34 -1.90
N GLU A 1604 0.70 13.42 2.97
CA GLU A 1604 1.90 14.27 3.00
C GLU A 1604 3.10 13.45 3.44
N GLY A 1605 4.28 13.82 2.94
CA GLY A 1605 5.50 13.11 3.28
C GLY A 1605 5.80 11.89 2.43
N VAL A 1606 5.24 11.82 1.22
CA VAL A 1606 5.44 10.70 0.31
C VAL A 1606 5.95 11.27 -1.01
N TYR A 1607 6.99 10.63 -1.57
CA TYR A 1607 7.64 11.04 -2.81
C TYR A 1607 7.53 9.92 -3.82
N VAL A 1608 7.32 10.31 -5.09
CA VAL A 1608 7.14 9.34 -6.17
C VAL A 1608 8.55 8.92 -6.64
N PRO A 1609 8.81 7.63 -6.93
CA PRO A 1609 10.15 7.27 -7.39
C PRO A 1609 10.37 7.70 -8.83
N PRO A 1610 11.62 7.75 -9.31
CA PRO A 1610 11.83 8.02 -10.75
C PRO A 1610 11.24 6.95 -11.65
N ARG A 1611 11.20 5.70 -11.20
CA ARG A 1611 10.68 4.62 -12.03
C ARG A 1611 9.20 4.80 -12.33
N ARG A 1612 8.42 5.22 -11.33
CA ARG A 1612 6.99 5.37 -11.54
C ARG A 1612 6.67 6.52 -12.49
N GLN A 1613 7.49 7.56 -12.50
CA GLN A 1613 7.26 8.72 -13.36
C GLN A 1613 7.69 8.50 -14.81
N GLN A 1614 8.20 7.31 -15.16
CA GLN A 1614 8.63 6.98 -16.51
C GLN A 1614 7.85 5.82 -17.12
N LEU A 1615 6.87 5.26 -16.42
CA LEU A 1615 6.09 4.17 -16.97
C LEU A 1615 5.27 4.64 -18.17
N CYS A 1616 5.05 3.74 -19.11
CA CYS A 1616 4.29 4.06 -20.32
C CYS A 1616 2.80 4.03 -19.98
N LEU A 1617 2.16 5.19 -20.01
CA LEU A 1617 0.71 5.32 -19.95
C LEU A 1617 0.18 6.03 -21.19
N TYR A 1618 0.87 5.86 -22.32
CA TYR A 1618 0.50 6.49 -23.58
C TYR A 1618 -0.47 5.64 -24.39
N GLU A 1619 -0.25 4.33 -24.42
CA GLU A 1619 -1.10 3.46 -25.23
C GLU A 1619 -2.48 3.26 -24.62
N LEU A 1620 -2.60 3.35 -23.30
CA LEU A 1620 -3.90 3.18 -22.65
C LEU A 1620 -4.82 4.36 -22.90
N PHE A 1621 -4.27 5.58 -23.01
CA PHE A 1621 -5.10 6.77 -23.00
C PHE A 1621 -6.07 6.89 -24.18
N PRO A 1622 -5.71 6.61 -25.44
CA PRO A 1622 -6.73 6.65 -26.49
C PRO A 1622 -7.85 5.64 -26.29
N ILE A 1623 -7.53 4.45 -25.78
CA ILE A 1623 -8.55 3.43 -25.55
C ILE A 1623 -9.43 3.82 -24.37
N ILE A 1624 -8.85 4.46 -23.34
CA ILE A 1624 -9.62 4.85 -22.16
C ILE A 1624 -10.69 5.87 -22.55
N ILE A 1625 -10.29 6.90 -23.29
CA ILE A 1625 -11.26 7.92 -23.70
C ILE A 1625 -12.22 7.39 -24.78
N LYS A 1626 -11.86 6.30 -25.47
CA LYS A 1626 -12.77 5.72 -26.46
C LYS A 1626 -14.03 5.19 -25.80
N ASN A 1627 -13.88 4.37 -24.76
CA ASN A 1627 -15.01 3.71 -24.12
C ASN A 1627 -15.61 4.61 -23.05
N LYS A 1628 -16.94 4.64 -22.99
CA LYS A 1628 -17.67 5.41 -22.00
C LYS A 1628 -18.89 4.60 -21.56
N ASN A 1629 -18.89 4.17 -20.30
CA ASN A 1629 -19.99 3.38 -19.74
C ASN A 1629 -20.18 2.07 -20.50
N ASP A 1630 -19.08 1.46 -20.91
CA ASP A 1630 -19.10 0.21 -21.66
C ASP A 1630 -18.09 -0.74 -21.04
N ILE A 1631 -18.60 -1.78 -20.35
CA ILE A 1631 -17.77 -2.76 -19.68
C ILE A 1631 -17.57 -4.04 -20.49
N THR A 1632 -18.52 -4.38 -21.38
CA THR A 1632 -18.45 -5.65 -22.09
C THR A 1632 -17.29 -5.67 -23.08
N ASN A 1633 -17.32 -4.76 -24.07
CA ASN A 1633 -16.29 -4.76 -25.11
C ASN A 1633 -14.97 -4.17 -24.61
N ALA A 1634 -15.03 -3.25 -23.63
CA ALA A 1634 -13.81 -2.63 -23.14
C ALA A 1634 -12.94 -3.58 -22.34
N LYS A 1635 -13.46 -4.73 -21.90
CA LYS A 1635 -12.65 -5.69 -21.15
C LYS A 1635 -11.50 -6.21 -22.01
N LYS A 1636 -11.79 -6.57 -23.26
CA LYS A 1636 -10.76 -7.10 -24.14
C LYS A 1636 -9.71 -6.05 -24.47
N GLU A 1637 -10.15 -4.83 -24.81
CA GLU A 1637 -9.21 -3.79 -25.21
C GLU A 1637 -8.32 -3.35 -24.06
N LEU A 1638 -8.87 -3.25 -22.85
CA LEU A 1638 -8.08 -2.89 -21.69
C LEU A 1638 -7.03 -3.94 -21.37
N LEU A 1639 -7.42 -5.23 -21.45
CA LEU A 1639 -6.49 -6.30 -21.16
C LEU A 1639 -5.35 -6.34 -22.18
N GLU A 1640 -5.68 -6.18 -23.46
CA GLU A 1640 -4.66 -6.22 -24.50
C GLU A 1640 -3.68 -5.05 -24.37
N THR A 1641 -4.18 -3.87 -24.04
CA THR A 1641 -3.30 -2.73 -23.83
C THR A 1641 -2.40 -2.94 -22.61
N LEU A 1642 -2.95 -3.52 -21.55
CA LEU A 1642 -2.16 -3.75 -20.34
C LEU A 1642 -1.02 -4.72 -20.61
N GLN A 1643 -1.29 -5.77 -21.39
CA GLN A 1643 -0.22 -6.70 -21.77
C GLN A 1643 0.85 -6.00 -22.62
N ILE A 1644 0.42 -5.16 -23.55
CA ILE A 1644 1.36 -4.42 -24.40
C ILE A 1644 2.17 -3.44 -23.55
N VAL A 1645 1.50 -2.70 -22.66
CA VAL A 1645 2.18 -1.74 -21.81
C VAL A 1645 3.16 -2.44 -20.88
N ALA A 1646 2.74 -3.54 -20.28
CA ALA A 1646 3.61 -4.27 -19.35
C ALA A 1646 4.81 -4.87 -20.07
N GLU A 1647 4.61 -5.38 -21.28
CA GLU A 1647 5.72 -5.94 -22.05
C GLU A 1647 6.75 -4.87 -22.41
N ARG A 1648 6.28 -3.70 -22.85
CA ARG A 1648 7.21 -2.64 -23.22
C ARG A 1648 7.96 -2.10 -22.00
N GLU A 1649 7.27 -1.98 -20.86
CA GLU A 1649 7.91 -1.47 -19.66
C GLU A 1649 9.02 -2.40 -19.18
N ALA A 1650 8.77 -3.71 -19.19
CA ALA A 1650 9.81 -4.65 -18.81
C ALA A 1650 10.98 -4.64 -19.81
N TYR A 1651 10.66 -4.50 -21.10
CA TYR A 1651 11.70 -4.48 -22.13
C TYR A 1651 12.62 -3.27 -21.94
N TYR A 1652 12.04 -2.09 -21.73
CA TYR A 1652 12.87 -0.90 -21.53
C TYR A 1652 13.55 -0.90 -20.17
N LEU A 1653 12.90 -1.45 -19.15
CA LEU A 1653 13.52 -1.52 -17.83
C LEU A 1653 14.75 -2.42 -17.85
N TRP A 1654 14.68 -3.56 -18.53
CA TRP A 1654 15.84 -4.44 -18.64
C TRP A 1654 16.95 -3.77 -19.42
N LYS A 1655 16.61 -3.06 -20.50
CA LYS A 1655 17.62 -2.34 -21.26
C LYS A 1655 18.25 -1.22 -20.45
N GLN A 1656 17.48 -0.63 -19.52
CA GLN A 1656 18.04 0.40 -18.64
C GLN A 1656 19.10 -0.17 -17.72
N TYR A 1657 18.77 -1.27 -17.03
CA TYR A 1657 19.69 -1.87 -16.06
C TYR A 1657 20.78 -2.73 -16.70
N HIS A 1658 20.73 -2.98 -18.00
CA HIS A 1658 21.73 -3.75 -18.74
C HIS A 1658 22.11 -3.02 -20.02
N ALA A 1659 22.43 -1.73 -19.89
CA ALA A 1659 22.76 -0.89 -21.03
C ALA A 1659 24.24 -0.99 -21.39
N HIS A 1660 24.66 -2.20 -21.74
CA HIS A 1660 25.97 -2.52 -22.28
C HIS A 1660 27.11 -2.33 -21.27
N ASN A 1661 26.80 -2.12 -19.98
CA ASN A 1661 27.84 -1.92 -18.98
C ASN A 1661 27.67 -2.76 -17.72
N ASP A 1662 26.46 -3.24 -17.42
CA ASP A 1662 26.16 -4.01 -16.20
C ASP A 1662 25.49 -5.31 -16.62
N THR A 1663 26.30 -6.34 -16.86
CA THR A 1663 25.82 -7.69 -17.15
C THR A 1663 26.36 -8.61 -16.06
N THR A 1664 25.63 -8.68 -14.95
CA THR A 1664 26.06 -9.42 -13.78
C THR A 1664 24.84 -9.87 -13.00
N TYR A 1665 25.09 -10.67 -11.96
CA TYR A 1665 24.00 -11.21 -11.16
C TYR A 1665 23.24 -10.10 -10.43
N LEU A 1666 23.95 -9.10 -9.90
CA LEU A 1666 23.28 -8.01 -9.21
C LEU A 1666 22.46 -7.16 -10.18
N ALA A 1667 22.97 -6.95 -11.40
CA ALA A 1667 22.24 -6.18 -12.39
C ALA A 1667 20.96 -6.89 -12.81
N HIS A 1668 21.02 -8.21 -12.98
CA HIS A 1668 19.81 -8.98 -13.31
C HIS A 1668 18.78 -8.90 -12.19
N LYS A 1669 19.24 -9.00 -10.94
CA LYS A 1669 18.31 -9.00 -9.81
C LYS A 1669 17.69 -7.62 -9.62
N LYS A 1670 18.46 -6.55 -9.84
CA LYS A 1670 17.91 -5.20 -9.74
C LYS A 1670 16.85 -4.97 -10.82
N ALA A 1671 17.11 -5.43 -12.05
CA ALA A 1671 16.11 -5.35 -13.10
C ALA A 1671 14.88 -6.18 -12.76
N CYS A 1672 15.10 -7.33 -12.11
CA CYS A 1672 13.99 -8.19 -11.71
C CYS A 1672 13.08 -7.49 -10.71
N CYS A 1673 13.66 -6.84 -9.71
CA CYS A 1673 12.84 -6.14 -8.71
C CYS A 1673 12.15 -4.92 -9.28
N ALA A 1674 12.82 -4.21 -10.20
CA ALA A 1674 12.20 -3.04 -10.82
C ALA A 1674 10.99 -3.46 -11.65
N ILE A 1675 11.09 -4.58 -12.36
CA ILE A 1675 9.94 -5.08 -13.12
C ILE A 1675 8.82 -5.50 -12.16
N ARG A 1676 9.18 -6.11 -11.04
CA ARG A 1676 8.18 -6.47 -10.03
C ARG A 1676 7.50 -5.22 -9.46
N GLY A 1677 8.29 -4.19 -9.17
CA GLY A 1677 7.71 -2.97 -8.64
C GLY A 1677 6.80 -2.28 -9.63
N SER A 1678 7.17 -2.30 -10.91
CA SER A 1678 6.30 -1.75 -11.95
C SER A 1678 5.01 -2.56 -12.05
N PHE A 1679 5.10 -3.88 -11.89
CA PHE A 1679 3.90 -4.71 -11.92
C PHE A 1679 2.97 -4.40 -10.76
N TYR A 1680 3.55 -4.20 -9.57
CA TYR A 1680 2.73 -3.83 -8.41
C TYR A 1680 2.10 -2.45 -8.60
N ASP A 1681 2.84 -1.51 -9.20
CA ASP A 1681 2.27 -0.20 -9.49
C ASP A 1681 1.13 -0.28 -10.48
N LEU A 1682 1.29 -1.09 -11.53
CA LEU A 1682 0.18 -1.30 -12.47
C LEU A 1682 -1.00 -1.98 -11.79
N GLU A 1683 -0.73 -2.94 -10.90
CA GLU A 1683 -1.81 -3.57 -10.16
C GLU A 1683 -2.55 -2.58 -9.27
N ASP A 1684 -1.81 -1.72 -8.57
CA ASP A 1684 -2.46 -0.74 -7.70
C ASP A 1684 -3.22 0.32 -8.49
N ILE A 1685 -2.71 0.67 -9.68
CA ILE A 1685 -3.42 1.63 -10.52
C ILE A 1685 -4.76 1.06 -10.98
N ILE A 1686 -4.77 -0.21 -11.40
CA ILE A 1686 -6.01 -0.84 -11.82
C ILE A 1686 -6.94 -1.06 -10.62
N LYS A 1687 -6.37 -1.47 -9.48
CA LYS A 1687 -7.17 -1.67 -8.28
C LYS A 1687 -7.67 -0.38 -7.66
N GLY A 1688 -7.15 0.77 -8.06
CA GLY A 1688 -7.59 2.04 -7.50
C GLY A 1688 -7.04 2.37 -6.14
N ASN A 1689 -5.97 1.69 -5.70
CA ASN A 1689 -5.29 1.97 -4.44
C ASN A 1689 -4.04 2.81 -4.64
N ASP A 1690 -4.05 3.70 -5.63
CA ASP A 1690 -2.90 4.50 -5.99
C ASP A 1690 -2.93 5.83 -5.26
N LEU A 1691 -1.73 6.36 -5.00
CA LEU A 1691 -1.55 7.63 -4.29
C LEU A 1691 -1.43 8.81 -5.24
N VAL A 1692 -0.57 8.71 -6.25
CA VAL A 1692 -0.31 9.81 -7.16
C VAL A 1692 -1.41 9.87 -8.22
N HIS A 1693 -1.82 11.09 -8.56
CA HIS A 1693 -2.80 11.37 -9.60
C HIS A 1693 -2.13 12.26 -10.64
N ASP A 1694 -1.47 11.65 -11.62
CA ASP A 1694 -0.81 12.37 -12.69
C ASP A 1694 -1.86 12.77 -13.73
N GLU A 1695 -1.40 13.33 -14.85
CA GLU A 1695 -2.32 13.64 -15.95
C GLU A 1695 -2.96 12.37 -16.51
N TYR A 1696 -2.17 11.30 -16.61
CA TYR A 1696 -2.68 10.04 -17.14
C TYR A 1696 -3.52 9.30 -16.09
N THR A 1697 -2.97 9.13 -14.88
CA THR A 1697 -3.58 8.25 -13.89
C THR A 1697 -4.90 8.82 -13.37
N LYS A 1698 -5.02 10.15 -13.29
CA LYS A 1698 -6.25 10.75 -12.76
C LYS A 1698 -7.44 10.41 -13.65
N TYR A 1699 -7.30 10.61 -14.97
CA TYR A 1699 -8.40 10.31 -15.88
C TYR A 1699 -8.60 8.82 -16.05
N ILE A 1700 -7.53 8.03 -15.95
CA ILE A 1700 -7.66 6.58 -16.02
C ILE A 1700 -8.48 6.07 -14.86
N ASP A 1701 -8.21 6.57 -13.64
CA ASP A 1701 -9.01 6.18 -12.48
C ASP A 1701 -10.45 6.66 -12.63
N SER A 1702 -10.65 7.88 -13.13
CA SER A 1702 -11.99 8.42 -13.27
C SER A 1702 -12.80 7.62 -14.28
N LYS A 1703 -12.20 7.27 -15.42
CA LYS A 1703 -12.93 6.51 -16.44
C LYS A 1703 -13.13 5.07 -16.01
N LEU A 1704 -12.20 4.51 -15.22
CA LEU A 1704 -12.38 3.17 -14.69
C LEU A 1704 -13.59 3.10 -13.77
N ASN A 1705 -13.81 4.15 -12.97
CA ASN A 1705 -15.02 4.21 -12.17
C ASN A 1705 -16.26 4.33 -13.06
N GLU A 1706 -16.16 5.11 -14.13
CA GLU A 1706 -17.32 5.34 -15.00
C GLU A 1706 -17.66 4.09 -15.82
N ILE A 1707 -16.65 3.31 -16.21
CA ILE A 1707 -16.92 2.10 -17.02
C ILE A 1707 -17.69 1.08 -16.21
N PHE A 1708 -17.45 0.99 -14.90
CA PHE A 1708 -18.19 0.11 -14.01
C PHE A 1708 -19.54 0.77 -13.69
N ASP A 1709 -20.25 0.26 -12.69
CA ASP A 1709 -21.60 0.71 -12.38
C ASP A 1709 -21.61 2.18 -11.97
N SER A 1710 -22.76 2.82 -12.19
CA SER A 1710 -22.90 4.26 -12.07
C SER A 1710 -23.01 4.64 -10.58
N SER A 1711 -23.43 5.89 -10.33
CA SER A 1711 -23.47 6.41 -8.97
C SER A 1711 -24.45 5.68 -8.05
N ASN A 1712 -25.40 4.93 -8.61
CA ASN A 1712 -26.24 4.08 -7.77
C ASN A 1712 -25.42 3.04 -7.03
N LYS A 1713 -24.35 2.55 -7.65
CA LYS A 1713 -23.41 1.64 -7.01
C LYS A 1713 -22.37 2.45 -6.24
N ASN A 1714 -22.07 2.02 -5.02
CA ASN A 1714 -21.16 2.76 -4.17
C ASN A 1714 -19.73 2.69 -4.71
N ASP A 1715 -18.93 3.70 -4.36
CA ASP A 1715 -17.56 3.75 -4.84
C ASP A 1715 -16.71 2.62 -4.28
N ILE A 1716 -16.96 2.24 -3.03
CA ILE A 1716 -16.21 1.12 -2.43
C ILE A 1716 -16.57 -0.18 -3.12
N GLU A 1717 -17.84 -0.36 -3.50
CA GLU A 1717 -18.24 -1.55 -4.23
C GLU A 1717 -17.63 -1.57 -5.62
N THR A 1718 -17.52 -0.40 -6.25
CA THR A 1718 -16.82 -0.31 -7.53
C THR A 1718 -15.34 -0.67 -7.37
N LYS A 1719 -14.73 -0.25 -6.27
CA LYS A 1719 -13.34 -0.61 -6.00
C LYS A 1719 -13.18 -2.11 -5.83
N ARG A 1720 -14.12 -2.74 -5.12
CA ARG A 1720 -14.07 -4.19 -4.94
C ARG A 1720 -14.28 -4.91 -6.27
N ALA A 1721 -15.18 -4.39 -7.12
CA ALA A 1721 -15.41 -5.00 -8.42
C ALA A 1721 -14.18 -4.92 -9.30
N ARG A 1722 -13.47 -3.78 -9.25
CA ARG A 1722 -12.22 -3.65 -10.00
C ARG A 1722 -11.17 -4.61 -9.45
N THR A 1723 -11.11 -4.78 -8.14
CA THR A 1723 -10.17 -5.72 -7.55
C THR A 1723 -10.51 -7.15 -7.97
N ASP A 1724 -11.79 -7.51 -7.97
CA ASP A 1724 -12.19 -8.84 -8.40
C ASP A 1724 -11.90 -9.04 -9.89
N TRP A 1725 -12.10 -8.00 -10.70
CA TRP A 1725 -11.82 -8.10 -12.13
C TRP A 1725 -10.33 -8.34 -12.37
N TRP A 1726 -9.47 -7.64 -11.63
CA TRP A 1726 -8.03 -7.84 -11.80
C TRP A 1726 -7.59 -9.21 -11.29
N GLU A 1727 -8.18 -9.67 -10.19
CA GLU A 1727 -7.73 -10.93 -9.58
C GLU A 1727 -8.15 -12.13 -10.42
N ASN A 1728 -9.46 -12.32 -10.59
CA ASN A 1728 -10.00 -13.45 -11.34
C ASN A 1728 -10.24 -13.03 -12.79
N GLU A 1729 -10.72 -13.99 -13.60
CA GLU A 1729 -10.99 -13.71 -15.01
C GLU A 1729 -12.14 -12.72 -15.16
N ALA A 1730 -13.19 -12.88 -14.37
CA ALA A 1730 -14.36 -12.00 -14.45
C ALA A 1730 -14.14 -10.72 -13.64
N PRO A 1744 -8.64 -20.12 -18.66
CA PRO A 1744 -7.24 -20.54 -18.78
C PRO A 1744 -6.34 -19.93 -17.71
N LYS A 1745 -6.20 -18.60 -17.72
CA LYS A 1745 -5.38 -17.89 -16.75
C LYS A 1745 -6.01 -16.52 -16.49
N THR A 1746 -5.65 -15.95 -15.35
CA THR A 1746 -6.18 -14.66 -14.94
C THR A 1746 -5.40 -13.51 -15.58
N ILE A 1747 -5.93 -12.29 -15.40
CA ILE A 1747 -5.26 -11.11 -15.94
C ILE A 1747 -3.94 -10.88 -15.22
N ARG A 1748 -3.84 -11.26 -13.95
CA ARG A 1748 -2.58 -11.15 -13.22
C ARG A 1748 -1.49 -11.98 -13.87
N GLN A 1749 -1.80 -13.24 -14.21
CA GLN A 1749 -0.80 -14.10 -14.83
C GLN A 1749 -0.53 -13.69 -16.28
N LEU A 1750 -1.56 -13.23 -17.00
CA LEU A 1750 -1.37 -12.81 -18.37
C LEU A 1750 -0.45 -11.59 -18.47
N VAL A 1751 -0.62 -10.62 -17.58
CA VAL A 1751 0.27 -9.46 -17.54
C VAL A 1751 1.69 -9.89 -17.19
N TRP A 1752 1.82 -10.81 -16.22
CA TRP A 1752 3.14 -11.29 -15.84
C TRP A 1752 3.80 -12.06 -16.98
N ASP A 1753 3.02 -12.87 -17.71
CA ASP A 1753 3.57 -13.57 -18.87
C ASP A 1753 3.96 -12.60 -19.97
N ALA A 1754 3.20 -11.53 -20.16
CA ALA A 1754 3.59 -10.49 -21.12
C ALA A 1754 4.90 -9.83 -20.70
N MET A 1755 5.06 -9.58 -19.40
CA MET A 1755 6.33 -9.04 -18.91
C MET A 1755 7.47 -10.01 -19.13
N GLN A 1756 7.22 -11.31 -18.94
CA GLN A 1756 8.24 -12.32 -19.25
C GLN A 1756 8.60 -12.29 -20.72
N SER A 1757 7.60 -12.18 -21.60
CA SER A 1757 7.84 -12.22 -23.04
C SER A 1757 8.69 -11.04 -23.50
N GLY A 1758 8.45 -9.85 -22.92
CA GLY A 1758 9.30 -8.72 -23.22
C GLY A 1758 10.74 -8.94 -22.79
N VAL A 1759 10.93 -9.63 -21.66
CA VAL A 1759 12.29 -9.91 -21.18
C VAL A 1759 12.97 -10.91 -22.11
N ARG A 1760 12.21 -11.84 -22.69
CA ARG A 1760 12.79 -12.76 -23.67
C ARG A 1760 13.30 -11.99 -24.89
N LYS A 1761 12.52 -11.00 -25.34
CA LYS A 1761 12.97 -10.19 -26.47
C LYS A 1761 14.20 -9.37 -26.11
N ALA A 1762 14.23 -8.78 -24.91
CA ALA A 1762 15.41 -8.04 -24.49
C ALA A 1762 16.61 -8.96 -24.33
N ILE A 1763 16.40 -10.17 -23.81
CA ILE A 1763 17.50 -11.12 -23.69
C ILE A 1763 17.98 -11.58 -25.07
N ASP A 1764 17.04 -11.84 -25.98
CA ASP A 1764 17.44 -12.32 -27.31
C ASP A 1764 18.09 -11.24 -28.15
N GLU A 1765 17.91 -9.96 -27.82
CA GLU A 1765 18.56 -8.89 -28.57
C GLU A 1765 20.08 -8.94 -28.42
N ASN A 1773 22.01 -11.68 -27.72
CA ASN A 1773 22.45 -13.07 -27.69
C ASN A 1773 22.96 -13.41 -26.27
N GLU A 1774 22.02 -13.45 -25.34
CA GLU A 1774 22.29 -13.65 -23.92
C GLU A 1774 21.36 -14.74 -23.39
N ASN A 1775 21.74 -15.33 -22.25
CA ASN A 1775 20.92 -16.33 -21.58
C ASN A 1775 19.84 -15.66 -20.75
N PHE A 1776 18.77 -16.41 -20.49
CA PHE A 1776 17.65 -15.88 -19.72
C PHE A 1776 18.06 -15.69 -18.25
N PRO A 1777 17.54 -14.69 -17.55
CA PRO A 1777 17.92 -14.52 -16.14
C PRO A 1777 17.25 -15.57 -15.26
N PRO A 1778 17.69 -15.73 -13.99
CA PRO A 1778 17.05 -16.71 -13.10
C PRO A 1778 15.83 -16.16 -12.38
N CYS A 1779 15.79 -14.85 -12.14
CA CYS A 1779 14.75 -14.22 -11.33
C CYS A 1779 13.57 -13.72 -12.16
N MET A 1780 13.32 -14.32 -13.33
CA MET A 1780 12.10 -14.09 -14.10
C MET A 1780 11.40 -15.40 -14.49
N GLY A 1781 11.85 -16.55 -13.97
CA GLY A 1781 11.17 -17.82 -14.14
C GLY A 1781 10.04 -18.10 -13.17
N VAL A 1782 9.69 -17.15 -12.30
CA VAL A 1782 8.68 -17.33 -11.26
C VAL A 1782 7.28 -17.14 -11.84
N GLN A 1783 6.60 -18.26 -12.10
CA GLN A 1783 5.30 -18.26 -12.75
C GLN A 1783 4.27 -17.45 -11.98
N HIS A 1784 4.38 -17.44 -10.65
CA HIS A 1784 3.53 -16.63 -9.77
C HIS A 1784 4.40 -15.98 -8.71
N ILE A 1785 3.90 -14.85 -8.19
CA ILE A 1785 4.60 -14.05 -7.20
C ILE A 1785 3.63 -13.71 -6.07
N GLY A 1786 4.20 -13.29 -4.95
CA GLY A 1786 3.39 -12.94 -3.81
C GLY A 1786 2.65 -11.63 -4.01
N ILE A 1787 1.54 -11.48 -3.28
CA ILE A 1787 0.74 -10.27 -3.38
C ILE A 1787 1.56 -9.07 -2.93
N ALA A 1788 1.30 -7.93 -3.57
CA ALA A 1788 2.05 -6.71 -3.32
C ALA A 1788 1.75 -6.15 -1.93
N LYS A 1789 2.76 -5.50 -1.38
CA LYS A 1789 2.65 -4.78 -0.11
C LYS A 1789 1.99 -3.43 -0.38
N PRO A 1790 1.78 -2.61 0.66
CA PRO A 1790 1.32 -1.24 0.41
C PRO A 1790 2.31 -0.46 -0.44
N GLN A 1791 1.78 0.47 -1.23
CA GLN A 1791 2.58 1.17 -2.23
C GLN A 1791 3.69 1.99 -1.58
N PHE A 1792 3.36 2.73 -0.51
CA PHE A 1792 4.34 3.51 0.24
C PHE A 1792 5.52 2.68 0.72
N ILE A 1793 5.27 1.45 1.13
CA ILE A 1793 6.33 0.57 1.63
C ILE A 1793 7.32 0.26 0.51
N ARG A 1794 6.82 -0.04 -0.68
CA ARG A 1794 7.70 -0.35 -1.80
C ARG A 1794 8.52 0.87 -2.21
N TRP A 1795 7.90 2.06 -2.20
CA TRP A 1795 8.64 3.27 -2.50
C TRP A 1795 9.71 3.53 -1.45
N LEU A 1796 9.40 3.27 -0.18
CA LEU A 1796 10.39 3.44 0.87
C LEU A 1796 11.56 2.46 0.70
N GLU A 1797 11.26 1.22 0.32
CA GLU A 1797 12.32 0.23 0.10
C GLU A 1797 13.21 0.62 -1.08
N GLU A 1798 12.61 1.12 -2.16
CA GLU A 1798 13.40 1.59 -3.29
C GLU A 1798 14.25 2.78 -2.90
N TRP A 1799 13.71 3.68 -2.08
CA TRP A 1799 14.49 4.84 -1.63
C TRP A 1799 15.68 4.40 -0.80
N THR A 1800 15.50 3.42 0.08
CA THR A 1800 16.61 2.94 0.90
C THR A 1800 17.67 2.26 0.04
N ASN A 1801 17.24 1.45 -0.93
CA ASN A 1801 18.20 0.76 -1.79
C ASN A 1801 18.99 1.75 -2.64
N GLU A 1802 18.31 2.74 -3.22
CA GLU A 1802 18.99 3.77 -3.99
C GLU A 1802 19.88 4.62 -3.10
N PHE A 1803 19.44 4.92 -1.88
CA PHE A 1803 20.24 5.70 -0.95
C PHE A 1803 21.53 4.96 -0.59
N CYS A 1804 21.43 3.67 -0.28
CA CYS A 1804 22.60 2.90 0.12
C CYS A 1804 23.54 2.69 -1.07
N GLU A 1805 22.99 2.43 -2.25
CA GLU A 1805 23.82 2.20 -3.42
C GLU A 1805 24.57 3.47 -3.82
N LYS A 1806 23.86 4.60 -3.89
CA LYS A 1806 24.50 5.85 -4.25
C LYS A 1806 25.47 6.31 -3.18
N TYR A 1807 25.13 6.07 -1.90
CA TYR A 1807 26.05 6.43 -0.81
C TYR A 1807 27.35 5.64 -0.90
N THR A 1808 27.25 4.34 -1.19
CA THR A 1808 28.46 3.52 -1.34
C THR A 1808 29.29 3.98 -2.53
N LYS A 1809 28.63 4.33 -3.64
CA LYS A 1809 29.34 4.77 -4.84
C LYS A 1809 30.12 6.06 -4.57
N TYR A 1810 29.46 7.06 -3.98
CA TYR A 1810 30.12 8.33 -3.74
C TYR A 1810 31.21 8.23 -2.69
N PHE A 1811 31.00 7.41 -1.65
CA PHE A 1811 31.99 7.31 -0.58
C PHE A 1811 33.27 6.64 -1.07
N GLU A 1812 33.13 5.54 -1.82
CA GLU A 1812 34.30 4.89 -2.39
C GLU A 1812 34.99 5.77 -3.42
N ASP A 1813 34.22 6.58 -4.15
CA ASP A 1813 34.82 7.51 -5.09
C ASP A 1813 35.51 8.66 -4.36
N MET A 1814 34.93 9.11 -3.25
CA MET A 1814 35.54 10.19 -2.48
C MET A 1814 36.83 9.73 -1.81
N LYS A 1815 36.84 8.51 -1.28
CA LYS A 1815 38.00 8.03 -0.53
C LYS A 1815 39.23 7.87 -1.45
N SER A 1816 39.01 7.47 -2.70
CA SER A 1816 40.13 7.31 -3.63
C SER A 1816 40.60 8.66 -4.18
N ASN A 1817 39.68 9.58 -4.42
CA ASN A 1817 39.97 10.87 -5.04
C ASN A 1817 40.05 12.01 -4.02
N CYS A 1818 40.53 11.72 -2.81
CA CYS A 1818 40.72 12.76 -1.80
C CYS A 1818 42.00 12.52 -1.00
N ILE A 1833 43.69 14.12 -6.57
CA ILE A 1833 43.51 15.53 -6.29
C ILE A 1833 42.25 16.04 -7.00
N GLU A 1834 41.12 15.40 -6.68
CA GLU A 1834 39.81 15.76 -7.23
C GLU A 1834 38.73 15.73 -6.16
N CYS A 1835 39.10 16.11 -4.93
CA CYS A 1835 38.16 16.00 -3.82
C CYS A 1835 37.06 17.05 -3.88
N LYS A 1836 37.29 18.16 -4.58
CA LYS A 1836 36.27 19.21 -4.67
C LYS A 1836 35.03 18.73 -5.38
N LYS A 1837 35.19 17.95 -6.45
CA LYS A 1837 34.05 17.43 -7.18
C LYS A 1837 33.31 16.36 -6.36
N ALA A 1838 34.05 15.50 -5.68
CA ALA A 1838 33.43 14.43 -4.90
C ALA A 1838 32.61 14.99 -3.75
N CYS A 1839 33.17 15.99 -3.03
CA CYS A 1839 32.42 16.62 -1.95
C CYS A 1839 31.20 17.37 -2.48
N ALA A 1840 31.35 18.03 -3.63
CA ALA A 1840 30.23 18.79 -4.19
C ALA A 1840 29.08 17.89 -4.57
N ASN A 1841 29.36 16.77 -5.25
CA ASN A 1841 28.31 15.83 -5.60
C ASN A 1841 27.73 15.18 -4.35
N TYR A 1842 28.56 14.86 -3.37
CA TYR A 1842 28.08 14.26 -2.14
C TYR A 1842 27.16 15.22 -1.38
N THR A 1843 27.57 16.49 -1.28
CA THR A 1843 26.75 17.48 -0.58
C THR A 1843 25.46 17.76 -1.32
N ASN A 1844 25.53 17.89 -2.65
CA ASN A 1844 24.32 18.20 -3.42
C ASN A 1844 23.34 17.03 -3.39
N TRP A 1845 23.84 15.79 -3.43
CA TRP A 1845 22.95 14.64 -3.43
C TRP A 1845 22.34 14.42 -2.05
N LEU A 1846 23.11 14.66 -0.98
CA LEU A 1846 22.63 14.42 0.37
C LEU A 1846 21.72 15.53 0.90
N ASN A 1847 21.74 16.72 0.30
CA ASN A 1847 20.95 17.82 0.83
C ASN A 1847 19.44 17.58 0.77
N PRO A 1848 18.85 17.15 -0.35
CA PRO A 1848 17.40 16.85 -0.33
C PRO A 1848 17.05 15.53 0.35
N LYS A 1849 17.99 14.60 0.44
CA LYS A 1849 17.67 13.28 1.01
C LYS A 1849 17.33 13.37 2.49
N ARG A 1850 17.89 14.35 3.21
CA ARG A 1850 17.58 14.51 4.62
C ARG A 1850 16.11 14.89 4.81
N ILE A 1851 15.61 15.80 3.97
CA ILE A 1851 14.20 16.19 4.05
C ILE A 1851 13.32 15.02 3.60
N GLU A 1852 13.76 14.27 2.58
CA GLU A 1852 13.00 13.11 2.13
C GLU A 1852 12.92 12.04 3.22
N TRP A 1853 14.04 11.82 3.93
CA TRP A 1853 14.03 10.86 5.03
C TRP A 1853 13.09 11.30 6.15
N ASN A 1854 13.08 12.60 6.46
CA ASN A 1854 12.17 13.11 7.48
C ASN A 1854 10.71 12.93 7.07
N GLY A 1855 10.40 13.22 5.81
CA GLY A 1855 9.04 13.03 5.33
C GLY A 1855 8.62 11.57 5.32
N MET A 1856 9.52 10.69 4.88
CA MET A 1856 9.22 9.26 4.88
C MET A 1856 9.03 8.74 6.30
N SER A 1857 9.90 9.17 7.23
CA SER A 1857 9.80 8.70 8.60
C SER A 1857 8.52 9.20 9.27
N ASN A 1858 8.15 10.46 9.01
CA ASN A 1858 6.93 11.01 9.58
C ASN A 1858 5.70 10.28 9.08
N TYR A 1859 5.65 9.98 7.78
CA TYR A 1859 4.52 9.25 7.22
C TYR A 1859 4.47 7.82 7.75
N TYR A 1860 5.64 7.18 7.93
CA TYR A 1860 5.67 5.82 8.45
C TYR A 1860 5.15 5.77 9.88
N ASN A 1861 5.58 6.70 10.73
CA ASN A 1861 5.10 6.74 12.10
C ASN A 1861 3.61 7.06 12.18
N LYS A 1862 3.08 7.80 11.19
CA LYS A 1862 1.69 8.24 11.26
C LYS A 1862 0.73 7.07 11.11
N ILE A 1863 1.00 6.16 10.17
CA ILE A 1863 0.12 5.03 9.83
C ILE A 1863 0.85 3.71 10.05
N TYR A 1864 1.70 3.66 11.08
CA TYR A 1864 2.56 2.49 11.29
C TYR A 1864 1.74 1.23 11.57
N ARG A 1865 0.59 1.36 12.24
CA ARG A 1865 -0.31 0.24 12.51
C ARG A 1865 -1.75 0.67 12.33
N LYS A 1866 -2.03 1.40 11.25
CA LYS A 1866 -3.35 1.92 10.93
C LYS A 1866 -4.00 1.05 9.84
N SER A 1867 -5.27 1.33 9.57
CA SER A 1867 -6.06 0.55 8.62
C SER A 1867 -7.02 1.52 7.91
N ASN A 1868 -8.05 0.95 7.26
CA ASN A 1868 -8.97 1.76 6.48
C ASN A 1868 -9.73 2.75 7.35
N LYS A 1869 -10.21 2.31 8.51
CA LYS A 1869 -10.97 3.17 9.41
C LYS A 1869 -10.10 3.88 10.43
N GLU A 1870 -8.78 3.71 10.36
CA GLU A 1870 -7.84 4.38 11.25
C GLU A 1870 -6.90 5.33 10.51
N SER A 1871 -6.46 4.97 9.32
CA SER A 1871 -5.58 5.83 8.54
C SER A 1871 -6.39 6.92 7.84
N GLU A 1872 -5.68 7.95 7.37
CA GLU A 1872 -6.33 9.00 6.60
C GLU A 1872 -6.82 8.49 5.26
N ASP A 1873 -6.15 7.51 4.68
CA ASP A 1873 -6.53 6.92 3.42
C ASP A 1873 -7.09 5.51 3.65
N GLY A 1874 -7.94 5.07 2.73
CA GLY A 1874 -8.55 3.76 2.83
C GLY A 1874 -7.67 2.64 2.30
N LYS A 1875 -6.51 2.44 2.91
CA LYS A 1875 -5.59 1.40 2.51
C LYS A 1875 -5.21 0.56 3.72
N ASP A 1876 -4.86 -0.71 3.46
CA ASP A 1876 -4.55 -1.66 4.51
C ASP A 1876 -3.09 -1.51 4.94
N TYR A 1877 -2.88 -1.18 6.22
CA TYR A 1877 -1.53 -1.07 6.77
C TYR A 1877 -1.38 -1.90 8.04
N SER A 1878 -2.28 -2.84 8.29
CA SER A 1878 -2.19 -3.67 9.49
C SER A 1878 -1.07 -4.71 9.40
N MET A 1879 -0.58 -5.00 8.19
CA MET A 1879 0.47 -6.00 8.03
C MET A 1879 1.86 -5.48 8.35
N ILE A 1880 2.00 -4.18 8.63
CA ILE A 1880 3.32 -3.59 8.87
C ILE A 1880 3.78 -3.93 10.28
N MET A 1881 3.04 -3.43 11.27
CA MET A 1881 3.28 -3.65 12.72
C MET A 1881 4.76 -3.46 13.10
N GLU A 1882 5.26 -2.25 12.85
CA GLU A 1882 6.64 -1.91 13.14
C GLU A 1882 6.68 -0.71 14.09
N PRO A 1883 7.54 -0.74 15.12
CA PRO A 1883 7.63 0.42 16.02
C PRO A 1883 8.09 1.69 15.34
N THR A 1884 9.07 1.60 14.44
CA THR A 1884 9.62 2.76 13.75
C THR A 1884 10.17 2.32 12.40
N VAL A 1885 10.41 3.29 11.54
CA VAL A 1885 10.86 3.01 10.18
C VAL A 1885 12.26 2.41 10.19
N ILE A 1886 13.12 2.85 11.12
CA ILE A 1886 14.50 2.36 11.16
C ILE A 1886 14.54 0.88 11.51
N ASP A 1887 13.65 0.45 12.40
CA ASP A 1887 13.58 -0.98 12.72
C ASP A 1887 13.02 -1.78 11.56
N TYR A 1888 12.18 -1.18 10.72
CA TYR A 1888 11.64 -1.90 9.58
C TYR A 1888 12.67 -2.08 8.48
N LEU A 1889 13.56 -1.10 8.27
CA LEU A 1889 14.63 -1.28 7.30
C LEU A 1889 15.55 -2.43 7.72
N ASN A 1890 15.76 -2.58 9.02
CA ASN A 1890 16.36 -3.79 9.54
C ASN A 1890 15.44 -4.99 9.26
N LYS A 1891 16.05 -6.14 9.02
CA LYS A 1891 15.42 -7.44 8.72
C LYS A 1891 14.90 -7.54 7.29
N ARG A 1892 14.93 -6.45 6.50
CA ARG A 1892 14.53 -6.44 5.10
C ARG A 1892 15.65 -6.03 4.17
N CYS A 1893 16.51 -5.10 4.61
CA CYS A 1893 17.66 -4.61 3.85
C CYS A 1893 18.95 -4.87 4.62
N ASN A 1894 19.06 -6.07 5.20
CA ASN A 1894 20.23 -6.51 5.95
C ASN A 1894 20.88 -7.75 5.32
N GLY A 1895 20.71 -7.94 4.01
CA GLY A 1895 21.28 -9.09 3.33
C GLY A 1895 21.50 -8.85 1.86
N GLU A 1896 21.66 -9.93 1.09
CA GLU A 1896 21.93 -9.84 -0.33
C GLU A 1896 20.65 -9.55 -1.11
N ILE A 1897 20.83 -9.18 -2.38
CA ILE A 1897 19.73 -8.86 -3.29
C ILE A 1897 19.14 -10.18 -3.76
N ASN A 1898 18.07 -10.62 -3.08
CA ASN A 1898 17.43 -11.88 -3.47
C ASN A 1898 16.73 -11.75 -4.81
N GLY A 1899 16.09 -10.60 -5.06
CA GLY A 1899 15.46 -10.32 -6.33
C GLY A 1899 14.01 -10.72 -6.45
N ASN A 1900 13.48 -11.50 -5.49
CA ASN A 1900 12.09 -11.97 -5.52
C ASN A 1900 11.24 -11.27 -4.46
N TYR A 1901 11.66 -11.34 -3.19
CA TYR A 1901 10.95 -10.73 -2.07
C TYR A 1901 11.70 -9.55 -1.48
N ILE A 1902 13.00 -9.71 -1.23
CA ILE A 1902 13.88 -8.64 -0.75
C ILE A 1902 14.84 -8.31 -1.87
N CYS A 1903 15.00 -7.00 -2.16
CA CYS A 1903 15.93 -6.55 -3.19
C CYS A 1903 16.64 -5.26 -2.78
N CYS A 1904 16.87 -5.07 -1.48
CA CYS A 1904 17.63 -3.94 -0.96
C CYS A 1904 18.78 -4.46 -0.12
N SER A 1905 19.95 -3.82 -0.29
CA SER A 1905 21.15 -4.13 0.48
C SER A 1905 21.76 -2.83 0.98
N CYS A 1906 22.28 -2.86 2.21
CA CYS A 1906 22.83 -1.67 2.84
C CYS A 1906 23.96 -2.08 3.77
N LYS A 1907 24.82 -1.10 4.08
CA LYS A 1907 25.93 -1.26 5.02
C LYS A 1907 25.96 -0.12 6.05
N ASN A 1908 24.87 0.63 6.20
CA ASN A 1908 24.74 1.68 7.20
C ASN A 1908 23.37 1.58 7.87
N ILE A 1909 23.02 0.35 8.25
CA ILE A 1909 21.68 0.09 8.81
C ILE A 1909 21.49 0.82 10.14
N GLY A 1910 22.54 0.95 10.94
CA GLY A 1910 22.43 1.58 12.24
C GLY A 1910 22.34 3.09 12.15
N GLU A 1911 23.39 3.71 11.63
CA GLU A 1911 23.47 5.18 11.54
C GLU A 1911 22.82 5.65 10.24
N ASN A 1912 21.49 5.54 10.21
CA ASN A 1912 20.69 5.99 9.08
C ASN A 1912 20.29 7.45 9.23
N SER A 1913 19.79 7.83 10.41
CA SER A 1913 19.47 9.24 10.65
C SER A 1913 20.72 10.10 10.67
N THR A 1914 21.82 9.57 11.21
CA THR A 1914 23.08 10.31 11.21
C THR A 1914 23.69 10.39 9.82
N SER A 1915 23.45 9.37 8.98
CA SER A 1915 23.97 9.39 7.62
C SER A 1915 23.35 10.51 6.80
N GLY A 1916 22.08 10.86 7.08
CA GLY A 1916 21.48 12.00 6.42
C GLY A 1916 22.21 13.29 6.75
N THR A 1917 22.62 13.45 8.00
CA THR A 1917 23.50 14.53 8.41
C THR A 1917 24.94 14.17 8.04
N VAL A 1918 25.89 14.99 8.48
CA VAL A 1918 27.32 14.79 8.22
C VAL A 1918 28.08 14.72 9.55
N ASN A 1919 27.43 14.21 10.59
CA ASN A 1919 28.05 14.18 11.91
C ASN A 1919 29.12 13.09 11.99
N LYS A 1920 28.72 11.83 11.79
CA LYS A 1920 29.58 10.66 12.02
C LYS A 1920 30.20 10.12 10.74
N LYS A 1921 29.37 9.86 9.72
CA LYS A 1921 29.87 9.21 8.52
C LYS A 1921 30.81 10.08 7.69
N LEU A 1922 30.82 11.41 7.93
CA LEU A 1922 31.68 12.34 7.20
C LEU A 1922 32.61 13.05 8.17
N GLN A 1923 33.22 12.30 9.09
CA GLN A 1923 34.17 12.88 10.03
C GLN A 1923 35.55 13.07 9.42
N LYS A 1924 36.07 12.04 8.74
CA LYS A 1924 37.46 12.08 8.27
C LYS A 1924 37.65 13.10 7.16
N LYS A 1925 36.65 13.27 6.29
CA LYS A 1925 36.69 14.20 5.18
C LYS A 1925 35.76 15.39 5.43
N GLU A 1926 35.73 15.87 6.68
CA GLU A 1926 34.82 16.94 7.06
C GLU A 1926 35.38 18.30 6.66
N THR A 1927 36.57 18.65 7.19
CA THR A 1927 37.14 19.96 6.92
C THR A 1927 37.52 20.13 5.46
N GLN A 1928 37.88 19.04 4.78
CA GLN A 1928 38.29 19.13 3.38
C GLN A 1928 37.16 19.63 2.49
N CYS A 1929 35.94 19.14 2.72
CA CYS A 1929 34.83 19.52 1.85
C CYS A 1929 34.46 20.98 2.01
N GLU A 1930 34.44 21.49 3.25
CA GLU A 1930 34.17 22.91 3.44
C GLU A 1930 35.31 23.76 2.90
N ASP A 1931 36.55 23.27 3.02
CA ASP A 1931 37.68 24.00 2.45
C ASP A 1931 37.62 24.05 0.93
N ASN A 1932 37.01 23.04 0.30
CA ASN A 1932 36.78 23.08 -1.14
C ASN A 1932 35.52 23.88 -1.48
N LYS A 1933 34.50 23.81 -0.62
CA LYS A 1933 33.24 24.48 -0.91
C LYS A 1933 33.33 25.99 -0.72
N GLY A 1934 34.24 26.46 0.13
CA GLY A 1934 34.41 27.88 0.37
C GLY A 1934 34.79 28.65 -0.89
N PRO A 1935 35.87 28.24 -1.56
CA PRO A 1935 36.18 28.82 -2.87
C PRO A 1935 35.07 28.59 -3.90
N LEU A 1936 34.38 27.45 -3.82
CA LEU A 1936 33.26 27.19 -4.72
C LEU A 1936 32.14 28.20 -4.48
N ASP A 1937 31.86 28.49 -3.20
CA ASP A 1937 30.86 29.50 -2.88
C ASP A 1937 31.31 30.88 -3.35
N LEU A 1938 32.60 31.18 -3.22
CA LEU A 1938 33.09 32.50 -3.58
C LEU A 1938 32.97 32.76 -5.08
N MET A 1939 33.40 31.80 -5.90
CA MET A 1939 33.33 31.98 -7.34
C MET A 1939 31.89 31.98 -7.83
N ASN A 1940 31.03 31.14 -7.22
CA ASN A 1940 29.64 31.08 -7.64
C ASN A 1940 28.92 32.39 -7.36
N LYS A 1941 29.17 33.00 -6.19
CA LYS A 1941 28.59 34.30 -5.90
C LYS A 1941 29.17 35.39 -6.79
N VAL A 1942 30.47 35.31 -7.10
CA VAL A 1942 31.09 36.28 -7.99
C VAL A 1942 30.50 36.17 -9.39
N LEU A 1943 30.31 34.95 -9.88
CA LEU A 1943 29.65 34.76 -11.18
C LEU A 1943 28.21 35.25 -11.13
N ASN A 1944 27.49 34.93 -10.07
CA ASN A 1944 26.10 35.38 -9.95
C ASN A 1944 26.01 36.89 -9.77
N LYS A 1945 27.06 37.55 -9.27
CA LYS A 1945 27.05 39.00 -9.19
C LYS A 1945 27.28 39.65 -10.54
N MET A 1946 28.18 39.09 -11.36
CA MET A 1946 28.47 39.67 -12.66
C MET A 1946 27.37 39.41 -13.68
N ASP A 1947 26.52 38.42 -13.45
CA ASP A 1947 25.44 38.13 -14.39
C ASP A 1947 24.46 39.28 -14.55
N PRO A 1948 23.92 39.88 -13.49
CA PRO A 1948 23.07 41.07 -13.68
C PRO A 1948 23.80 42.24 -14.32
N LYS A 1949 25.10 42.40 -14.06
CA LYS A 1949 25.85 43.48 -14.69
C LYS A 1949 25.92 43.29 -16.20
N TYR A 1950 26.17 42.07 -16.65
CA TYR A 1950 26.13 41.79 -18.09
C TYR A 1950 24.71 41.91 -18.64
N SER A 1951 23.71 41.56 -17.83
CA SER A 1951 22.33 41.71 -18.27
C SER A 1951 21.97 43.17 -18.45
N GLU A 1952 22.42 44.03 -17.54
CA GLU A 1952 22.13 45.45 -17.66
C GLU A 1952 22.97 46.13 -18.73
N HIS A 1953 24.22 45.70 -18.92
CA HIS A 1953 25.09 46.33 -19.90
C HIS A 1953 24.75 45.95 -21.33
N LYS A 1954 23.99 44.87 -21.54
CA LYS A 1954 23.67 44.44 -22.91
C LYS A 1954 22.76 45.41 -23.63
N MET A 1955 22.03 46.26 -22.91
CA MET A 1955 21.13 47.22 -23.52
C MET A 1955 21.90 48.28 -24.30
#